data_3LIN
#
_entry.id   3LIN
#
_cell.length_a   134.360
_cell.length_b   77.308
_cell.length_c   159.170
_cell.angle_alpha   90.00
_cell.angle_beta   95.09
_cell.angle_gamma   90.00
#
_symmetry.space_group_name_H-M   'C 1 2 1'
#
loop_
_entity.id
_entity.type
_entity.pdbx_description
1 polymer Protease
2 non-polymer N-[(2S,3S)-4-{(4R)-4-[(2,2-dimethylpropyl)carbamoyl]-5,5-dimethyl-1,3-thiazolidin-3-yl}-3-hydroxy-4-oxo-1-phenylbutan-2-yl]-N~2~-{(2S)-2-[(methoxycarbonyl)amino]-2-phenylacetyl}-3-methyl-L-valinamide
3 water water
#
_entity_poly.entity_id   1
_entity_poly.type   'polypeptide(L)'
_entity_poly.pdbx_seq_one_letter_code
;PVIPLDPARRPVIKAQVDTQTSHPKTIEALLDTGADMTVIPIALFSSNTPLKNTSVLGAGGQTQDHFKLTSLPVLIRLPF
RTTPIVLTSCLVDTKNNWAIIGRDALQQCQGVLYLP
;
_entity_poly.pdbx_strand_id   A,B,C,D,E,F,G,H,I,J,K,L
#
loop_
_chem_comp.id
_chem_comp.type
_chem_comp.name
_chem_comp.formula
E13 peptide-like N-[(2S,3S)-4-{(4R)-4-[(2,2-dimethylpropyl)carbamoyl]-5,5-dimethyl-1,3-thiazolidin-3-yl}-3-hydroxy-4-oxo-1-phenylbutan-2-yl]-N~2~-{(2S)-2-[(methoxycarbonyl)amino]-2-phenylacetyl}-3-methyl-L-valinamide 'C37 H53 N5 O7 S'
#
# COMPACT_ATOMS: atom_id res chain seq x y z
N PRO A 1 5.70 -35.90 -40.83
CA PRO A 1 6.21 -35.09 -41.92
C PRO A 1 6.68 -33.73 -41.45
N VAL A 2 7.36 -33.03 -42.36
CA VAL A 2 7.84 -31.65 -42.18
C VAL A 2 6.73 -30.70 -42.66
N ILE A 3 6.31 -29.78 -41.79
CA ILE A 3 5.25 -28.84 -42.14
C ILE A 3 5.86 -27.43 -42.24
N PRO A 4 5.89 -26.88 -43.46
CA PRO A 4 6.45 -25.57 -43.68
C PRO A 4 5.54 -24.53 -43.00
N LEU A 5 6.10 -23.41 -42.60
CA LEU A 5 5.34 -22.40 -41.86
C LEU A 5 5.18 -21.19 -42.74
N ASP A 6 3.92 -20.82 -42.96
CA ASP A 6 3.53 -19.86 -44.01
C ASP A 6 2.38 -18.99 -43.44
N PRO A 7 2.58 -17.66 -43.36
CA PRO A 7 1.46 -16.86 -42.80
C PRO A 7 0.13 -17.05 -43.55
N ALA A 8 0.18 -17.25 -44.86
CA ALA A 8 -1.03 -17.35 -45.69
C ALA A 8 -1.67 -18.74 -45.67
N ARG A 9 -0.98 -19.71 -45.09
CA ARG A 9 -1.51 -21.07 -45.08
C ARG A 9 -1.36 -21.68 -43.69
N ARG A 10 -2.49 -21.91 -43.05
CA ARG A 10 -2.54 -22.44 -41.68
C ARG A 10 -2.07 -23.88 -41.69
N PRO A 11 -1.16 -24.25 -40.79
CA PRO A 11 -0.65 -25.63 -40.83
C PRO A 11 -1.71 -26.53 -40.19
N VAL A 12 -2.27 -27.46 -40.95
CA VAL A 12 -3.39 -28.23 -40.43
C VAL A 12 -3.15 -29.68 -40.65
N ILE A 13 -3.90 -30.50 -39.94
CA ILE A 13 -3.72 -31.94 -40.08
C ILE A 13 -5.10 -32.55 -39.93
N LYS A 14 -5.34 -33.66 -40.65
CA LYS A 14 -6.52 -34.47 -40.37
C LYS A 14 -6.24 -35.38 -39.18
N ALA A 15 -7.15 -35.39 -38.23
CA ALA A 15 -6.94 -36.17 -37.01
C ALA A 15 -8.19 -36.93 -36.67
N GLN A 16 -8.07 -38.23 -36.40
CA GLN A 16 -9.22 -38.96 -35.94
C GLN A 16 -9.31 -38.84 -34.42
N VAL A 17 -10.41 -38.26 -33.95
CA VAL A 17 -10.59 -37.99 -32.51
C VAL A 17 -11.71 -38.83 -31.91
N ASP A 18 -11.41 -39.54 -30.84
CA ASP A 18 -12.42 -40.30 -30.17
C ASP A 18 -12.59 -39.70 -28.79
N THR A 19 -13.72 -39.02 -28.56
CA THR A 19 -14.00 -38.40 -27.26
C THR A 19 -14.54 -39.41 -26.25
N GLN A 20 -14.63 -40.66 -26.68
CA GLN A 20 -15.21 -41.78 -25.89
C GLN A 20 -16.65 -41.55 -25.44
N THR A 21 -17.37 -40.69 -26.15
CA THR A 21 -18.79 -40.48 -25.85
C THR A 21 -19.62 -40.60 -27.14
N SER A 22 -18.93 -40.94 -28.23
CA SER A 22 -19.46 -40.90 -29.59
C SER A 22 -18.54 -41.75 -30.43
N HIS A 23 -19.00 -42.17 -31.60
CA HIS A 23 -18.13 -42.75 -32.62
C HIS A 23 -16.98 -41.77 -32.92
N PRO A 24 -15.76 -42.29 -33.12
CA PRO A 24 -14.62 -41.40 -33.44
C PRO A 24 -14.88 -40.71 -34.75
N LYS A 25 -14.50 -39.43 -34.86
CA LYS A 25 -14.60 -38.69 -36.10
C LYS A 25 -13.28 -38.05 -36.50
N THR A 26 -13.05 -37.98 -37.80
CA THR A 26 -11.85 -37.34 -38.35
C THR A 26 -12.14 -35.87 -38.63
N ILE A 27 -11.31 -34.98 -38.09
CA ILE A 27 -11.49 -33.57 -38.31
C ILE A 27 -10.22 -32.93 -38.82
N GLU A 28 -10.35 -31.74 -39.36
CA GLU A 28 -9.14 -30.97 -39.67
C GLU A 28 -8.77 -30.09 -38.46
N ALA A 29 -7.54 -30.21 -37.97
CA ALA A 29 -7.11 -29.43 -36.80
C ALA A 29 -5.91 -28.56 -37.11
N LEU A 30 -5.88 -27.42 -36.45
CA LEU A 30 -4.76 -26.54 -36.57
C LEU A 30 -3.64 -27.01 -35.65
N LEU A 31 -2.42 -27.00 -36.16
CA LEU A 31 -1.25 -27.41 -35.38
C LEU A 31 -0.67 -26.18 -34.71
N ASP A 32 -0.61 -26.20 -33.38
CA ASP A 32 -0.47 -24.96 -32.66
C ASP A 32 0.48 -25.03 -31.48
N THR A 33 1.73 -24.64 -31.71
CA THR A 33 2.76 -24.74 -30.68
C THR A 33 2.49 -23.74 -29.57
N GLY A 34 1.60 -22.81 -29.87
CA GLY A 34 1.19 -21.79 -28.91
C GLY A 34 0.04 -22.21 -28.00
N ALA A 35 -0.54 -23.39 -28.20
CA ALA A 35 -1.65 -23.86 -27.36
C ALA A 35 -1.13 -24.82 -26.27
N ASP A 36 -1.39 -24.51 -24.98
CA ASP A 36 -0.96 -25.41 -23.85
C ASP A 36 -1.71 -26.75 -23.97
N MET A 37 -2.95 -26.67 -24.41
CA MET A 37 -3.78 -27.87 -24.56
C MET A 37 -4.65 -27.85 -25.79
N THR A 38 -4.98 -29.06 -26.19
CA THR A 38 -5.76 -29.34 -27.37
C THR A 38 -7.22 -28.88 -27.19
N VAL A 39 -7.84 -28.44 -28.28
CA VAL A 39 -9.23 -28.01 -28.29
C VAL A 39 -10.01 -28.86 -29.27
N ILE A 40 -11.10 -29.44 -28.76
CA ILE A 40 -12.00 -30.28 -29.55
C ILE A 40 -13.35 -29.57 -29.68
N PRO A 41 -13.94 -29.55 -30.89
CA PRO A 41 -15.30 -28.97 -31.03
C PRO A 41 -16.36 -29.74 -30.22
N ILE A 42 -17.31 -29.03 -29.62
CA ILE A 42 -18.37 -29.68 -28.82
C ILE A 42 -19.21 -30.65 -29.64
N ALA A 43 -19.20 -30.45 -30.96
CA ALA A 43 -19.98 -31.29 -31.85
C ALA A 43 -19.56 -32.74 -31.74
N LEU A 44 -18.28 -33.02 -31.46
CA LEU A 44 -17.88 -34.44 -31.52
C LEU A 44 -18.32 -35.25 -30.30
N PHE A 45 -19.03 -34.59 -29.38
CA PHE A 45 -19.45 -35.17 -28.12
C PHE A 45 -20.95 -35.38 -28.14
N SER A 46 -21.41 -36.46 -27.51
CA SER A 46 -22.86 -36.69 -27.42
C SER A 46 -23.52 -35.64 -26.52
N SER A 47 -24.79 -35.40 -26.79
CA SER A 47 -25.57 -34.31 -26.19
C SER A 47 -25.47 -34.19 -24.67
N ASN A 48 -25.44 -35.33 -23.98
CA ASN A 48 -25.65 -35.35 -22.54
C ASN A 48 -24.38 -35.30 -21.67
N THR A 49 -23.21 -35.43 -22.28
CA THR A 49 -21.98 -35.70 -21.52
C THR A 49 -21.57 -34.62 -20.50
N PRO A 50 -21.14 -35.05 -19.29
CA PRO A 50 -20.69 -34.11 -18.27
C PRO A 50 -19.36 -33.49 -18.68
N LEU A 51 -19.31 -32.16 -18.63
CA LEU A 51 -18.11 -31.37 -18.98
C LEU A 51 -17.94 -30.31 -17.91
N LYS A 52 -16.70 -29.95 -17.57
CA LYS A 52 -16.44 -29.09 -16.42
C LYS A 52 -16.26 -27.65 -16.87
N ASN A 53 -16.75 -26.71 -16.07
CA ASN A 53 -16.50 -25.28 -16.35
C ASN A 53 -15.02 -25.00 -16.26
N THR A 54 -14.58 -24.02 -17.05
CA THR A 54 -13.18 -23.72 -17.04
C THR A 54 -12.92 -22.34 -17.58
N SER A 55 -11.83 -21.75 -17.13
CA SER A 55 -11.45 -20.42 -17.54
C SER A 55 -10.29 -20.50 -18.51
N VAL A 56 -10.40 -19.76 -19.61
CA VAL A 56 -9.36 -19.81 -20.65
C VAL A 56 -8.92 -18.42 -21.06
N LEU A 57 -7.59 -18.20 -21.10
CA LEU A 57 -7.02 -16.94 -21.58
C LEU A 57 -6.56 -17.13 -23.00
N GLY A 58 -7.15 -16.35 -23.92
CA GLY A 58 -6.67 -16.27 -25.30
C GLY A 58 -6.30 -14.83 -25.66
N ALA A 59 -5.96 -14.61 -26.92
CA ALA A 59 -5.54 -13.27 -27.35
C ALA A 59 -6.71 -12.29 -27.29
N GLY A 60 -7.92 -12.81 -27.54
CA GLY A 60 -9.15 -12.01 -27.51
C GLY A 60 -9.57 -11.66 -26.09
N GLY A 61 -9.00 -12.36 -25.12
CA GLY A 61 -9.34 -12.14 -23.74
C GLY A 61 -9.51 -13.41 -22.94
N GLN A 62 -9.99 -13.21 -21.72
CA GLN A 62 -10.18 -14.26 -20.72
C GLN A 62 -11.64 -14.65 -20.83
N THR A 63 -11.93 -15.95 -20.93
CA THR A 63 -13.33 -16.36 -20.94
C THR A 63 -13.63 -17.49 -19.96
N GLN A 64 -14.78 -17.39 -19.32
CA GLN A 64 -15.23 -18.35 -18.34
C GLN A 64 -16.31 -19.22 -18.96
N ASP A 65 -16.68 -18.93 -20.22
CA ASP A 65 -17.93 -19.51 -20.83
C ASP A 65 -17.76 -20.34 -22.10
N HIS A 66 -16.89 -19.88 -22.99
CA HIS A 66 -16.65 -20.45 -24.32
C HIS A 66 -16.15 -21.89 -24.30
N PHE A 67 -15.30 -22.21 -23.33
CA PHE A 67 -14.66 -23.53 -23.29
C PHE A 67 -15.14 -24.35 -22.09
N LYS A 68 -15.17 -25.67 -22.28
CA LYS A 68 -15.42 -26.61 -21.18
C LYS A 68 -14.17 -27.48 -21.09
N LEU A 69 -14.13 -28.37 -20.11
CA LEU A 69 -13.05 -29.34 -19.99
C LEU A 69 -13.68 -30.73 -20.08
N THR A 70 -13.03 -31.67 -20.77
CA THR A 70 -13.57 -33.03 -20.88
C THR A 70 -13.60 -33.72 -19.49
N SER A 71 -14.41 -34.78 -19.38
CA SER A 71 -14.40 -35.64 -18.18
C SER A 71 -13.63 -36.94 -18.39
N LEU A 72 -13.66 -37.46 -19.62
CA LEU A 72 -12.92 -38.66 -19.98
C LEU A 72 -11.75 -38.26 -20.89
N PRO A 73 -10.69 -39.09 -20.91
CA PRO A 73 -9.61 -38.80 -21.84
C PRO A 73 -10.11 -38.78 -23.29
N VAL A 74 -9.38 -38.07 -24.14
CA VAL A 74 -9.68 -38.03 -25.59
C VAL A 74 -8.52 -38.77 -26.25
N LEU A 75 -8.84 -39.72 -27.11
CA LEU A 75 -7.79 -40.39 -27.93
C LEU A 75 -7.71 -39.81 -29.35
N ILE A 76 -6.50 -39.55 -29.83
CA ILE A 76 -6.30 -38.89 -31.13
C ILE A 76 -5.37 -39.72 -31.99
N ARG A 77 -5.80 -40.04 -33.19
CA ARG A 77 -4.96 -40.79 -34.09
C ARG A 77 -4.55 -39.94 -35.26
N LEU A 78 -3.24 -39.88 -35.46
CA LEU A 78 -2.65 -39.06 -36.51
C LEU A 78 -2.54 -39.88 -37.80
N PRO A 79 -2.44 -39.21 -38.94
CA PRO A 79 -2.41 -40.01 -40.18
C PRO A 79 -1.21 -40.97 -40.29
N PHE A 80 -0.05 -40.52 -39.83
CA PHE A 80 1.21 -41.22 -40.04
C PHE A 80 1.52 -42.33 -39.03
N ARG A 81 1.09 -42.16 -37.78
CA ARG A 81 1.43 -43.11 -36.72
C ARG A 81 0.22 -43.88 -36.15
N THR A 82 0.41 -45.18 -35.90
CA THR A 82 -0.69 -46.10 -35.57
C THR A 82 -1.12 -46.09 -34.09
N THR A 83 -0.22 -45.66 -33.21
CA THR A 83 -0.51 -45.54 -31.78
C THR A 83 -1.35 -44.29 -31.50
N PRO A 84 -2.41 -44.40 -30.67
CA PRO A 84 -3.16 -43.17 -30.36
C PRO A 84 -2.47 -42.27 -29.32
N ILE A 85 -2.60 -40.96 -29.51
CA ILE A 85 -2.29 -39.95 -28.49
C ILE A 85 -3.41 -40.07 -27.43
N VAL A 86 -3.05 -40.13 -26.16
CA VAL A 86 -4.10 -40.14 -25.14
C VAL A 86 -3.95 -38.89 -24.33
N LEU A 87 -4.96 -38.03 -24.39
CA LEU A 87 -4.94 -36.79 -23.62
C LEU A 87 -5.81 -37.02 -22.41
N THR A 88 -5.23 -36.99 -21.21
CA THR A 88 -6.05 -37.18 -19.98
C THR A 88 -7.21 -36.19 -19.93
N SER A 89 -7.00 -34.98 -20.45
CA SER A 89 -8.07 -34.03 -20.54
C SER A 89 -7.68 -33.00 -21.55
N CYS A 90 -8.67 -32.32 -22.09
CA CYS A 90 -8.38 -31.17 -22.92
C CYS A 90 -9.61 -30.33 -23.00
N LEU A 91 -9.53 -29.25 -23.77
CA LEU A 91 -10.60 -28.26 -23.83
C LEU A 91 -11.64 -28.61 -24.89
N VAL A 92 -12.85 -28.11 -24.69
CA VAL A 92 -13.98 -28.30 -25.60
C VAL A 92 -14.55 -26.94 -26.00
N ASP A 93 -14.60 -26.66 -27.30
CA ASP A 93 -15.15 -25.40 -27.80
C ASP A 93 -16.65 -25.50 -27.95
N THR A 94 -17.37 -24.88 -27.00
CA THR A 94 -18.81 -24.94 -26.96
C THR A 94 -19.39 -23.96 -27.95
N LYS A 95 -18.54 -23.10 -28.50
CA LYS A 95 -19.02 -21.89 -29.18
C LYS A 95 -18.69 -21.89 -30.67
N ASN A 96 -17.40 -21.81 -30.99
CA ASN A 96 -16.94 -21.51 -32.36
C ASN A 96 -16.42 -22.70 -33.23
N ASN A 97 -16.77 -23.93 -32.90
CA ASN A 97 -16.36 -25.11 -33.70
C ASN A 97 -14.82 -25.28 -33.95
N TRP A 98 -13.99 -24.74 -33.07
CA TRP A 98 -12.53 -24.86 -33.24
C TRP A 98 -11.94 -26.23 -32.96
N ALA A 99 -10.97 -26.66 -33.79
CA ALA A 99 -10.22 -27.92 -33.57
C ALA A 99 -8.72 -27.59 -33.59
N ILE A 100 -8.08 -27.73 -32.45
CA ILE A 100 -6.65 -27.31 -32.28
C ILE A 100 -5.81 -28.35 -31.60
N ILE A 101 -4.78 -28.78 -32.30
CA ILE A 101 -3.84 -29.72 -31.71
C ILE A 101 -2.77 -28.91 -31.00
N GLY A 102 -2.74 -28.97 -29.66
CA GLY A 102 -1.79 -28.21 -28.84
C GLY A 102 -0.57 -29.01 -28.42
N ARG A 103 0.25 -28.43 -27.51
CA ARG A 103 1.53 -29.05 -27.12
C ARG A 103 1.37 -30.32 -26.32
N ASP A 104 0.24 -30.51 -25.66
CA ASP A 104 -0.07 -31.82 -25.01
C ASP A 104 0.01 -32.97 -26.02
N ALA A 105 -0.65 -32.80 -27.15
CA ALA A 105 -0.67 -33.83 -28.21
C ALA A 105 0.69 -33.84 -28.93
N LEU A 106 1.26 -32.67 -29.17
CA LEU A 106 2.52 -32.59 -29.92
C LEU A 106 3.68 -33.25 -29.19
N GLN A 107 3.70 -33.06 -27.88
CA GLN A 107 4.62 -33.79 -27.03
C GLN A 107 4.53 -35.28 -27.28
N GLN A 108 3.31 -35.84 -27.33
CA GLN A 108 3.18 -37.30 -27.45
C GLN A 108 3.51 -37.85 -28.83
N CYS A 109 3.39 -37.04 -29.88
CA CYS A 109 3.88 -37.58 -31.15
C CYS A 109 5.30 -37.13 -31.44
N GLN A 110 5.96 -36.63 -30.40
CA GLN A 110 7.34 -36.13 -30.45
C GLN A 110 7.59 -35.02 -31.49
N GLY A 111 6.55 -34.22 -31.75
CA GLY A 111 6.67 -33.02 -32.58
C GLY A 111 7.75 -32.06 -32.07
N VAL A 112 8.45 -31.43 -33.01
CA VAL A 112 9.39 -30.37 -32.66
C VAL A 112 9.23 -29.19 -33.62
N LEU A 113 9.66 -28.03 -33.15
CA LEU A 113 9.96 -26.90 -34.04
C LEU A 113 11.43 -26.94 -34.42
N TYR A 114 11.73 -26.66 -35.69
CA TYR A 114 13.11 -26.54 -36.17
C TYR A 114 13.35 -25.18 -36.81
N LEU A 115 14.23 -24.39 -36.17
CA LEU A 115 14.65 -23.10 -36.70
C LEU A 115 16.09 -23.22 -37.19
N PRO A 116 16.27 -23.35 -38.51
CA PRO A 116 17.65 -23.58 -39.00
C PRO A 116 18.60 -22.42 -38.68
N PRO B 1 18.11 -24.02 -34.04
CA PRO B 1 17.95 -25.04 -33.03
C PRO B 1 16.71 -25.89 -33.23
N VAL B 2 16.76 -27.10 -32.70
CA VAL B 2 15.59 -27.94 -32.57
C VAL B 2 14.94 -27.56 -31.25
N ILE B 3 13.65 -27.26 -31.30
CA ILE B 3 12.89 -26.90 -30.10
C ILE B 3 11.78 -27.93 -29.81
N PRO B 4 11.95 -28.70 -28.72
CA PRO B 4 10.93 -29.68 -28.33
C PRO B 4 9.67 -29.01 -27.80
N LEU B 5 8.58 -29.76 -27.78
CA LEU B 5 7.29 -29.19 -27.37
C LEU B 5 6.76 -29.91 -26.14
N ASP B 6 6.25 -29.16 -25.17
CA ASP B 6 5.94 -29.71 -23.87
C ASP B 6 4.79 -28.81 -23.38
N PRO B 7 3.65 -29.41 -22.99
CA PRO B 7 2.52 -28.64 -22.54
C PRO B 7 2.84 -27.74 -21.35
N ALA B 8 3.77 -28.18 -20.51
CA ALA B 8 4.11 -27.48 -19.25
C ALA B 8 5.19 -26.42 -19.41
N ARG B 9 5.79 -26.31 -20.60
CA ARG B 9 6.77 -25.23 -20.86
C ARG B 9 6.48 -24.54 -22.19
N ARG B 10 6.25 -23.22 -22.17
CA ARG B 10 6.06 -22.48 -23.43
C ARG B 10 7.34 -22.48 -24.29
N PRO B 11 7.24 -22.76 -25.61
CA PRO B 11 8.45 -22.66 -26.43
C PRO B 11 8.76 -21.19 -26.67
N VAL B 12 9.85 -20.71 -26.08
CA VAL B 12 10.19 -19.28 -26.18
C VAL B 12 11.60 -19.07 -26.72
N ILE B 13 11.86 -17.89 -27.27
CA ILE B 13 13.23 -17.48 -27.58
C ILE B 13 13.36 -16.04 -27.24
N LYS B 14 14.59 -15.66 -26.98
CA LYS B 14 14.96 -14.23 -26.90
C LYS B 14 15.24 -13.70 -28.29
N ALA B 15 14.71 -12.52 -28.61
CA ALA B 15 14.86 -11.86 -29.88
C ALA B 15 15.13 -10.40 -29.59
N GLN B 16 15.90 -9.76 -30.45
CA GLN B 16 15.96 -8.32 -30.44
C GLN B 16 14.97 -7.71 -31.45
N VAL B 17 14.04 -6.91 -30.93
CA VAL B 17 13.05 -6.27 -31.73
C VAL B 17 13.32 -4.78 -31.90
N ASP B 18 13.39 -4.35 -33.15
CA ASP B 18 13.50 -2.95 -33.43
C ASP B 18 12.22 -2.43 -34.06
N THR B 19 11.48 -1.61 -33.33
CA THR B 19 10.24 -1.05 -33.91
C THR B 19 10.51 0.17 -34.79
N GLN B 20 11.79 0.54 -34.90
CA GLN B 20 12.30 1.77 -35.57
C GLN B 20 11.79 3.10 -34.96
N THR B 21 11.16 3.01 -33.80
CA THR B 21 10.61 4.19 -33.10
C THR B 21 11.41 4.48 -31.83
N SER B 22 12.31 3.55 -31.47
CA SER B 22 13.31 3.77 -30.43
C SER B 22 14.30 2.68 -30.68
N HIS B 23 15.25 2.53 -29.79
CA HIS B 23 16.31 1.56 -29.98
C HIS B 23 15.86 0.10 -29.86
N PRO B 24 16.67 -0.85 -30.40
CA PRO B 24 16.31 -2.27 -30.37
C PRO B 24 16.35 -2.80 -28.93
N LYS B 25 15.38 -3.67 -28.62
CA LYS B 25 15.16 -4.12 -27.25
C LYS B 25 14.99 -5.58 -27.24
N THR B 26 15.34 -6.22 -26.12
CA THR B 26 15.29 -7.67 -26.04
C THR B 26 13.92 -8.08 -25.55
N ILE B 27 13.27 -8.99 -26.26
CA ILE B 27 12.09 -9.61 -25.66
C ILE B 27 12.15 -11.14 -25.67
N GLU B 28 11.32 -11.76 -24.86
CA GLU B 28 11.23 -13.21 -24.83
C GLU B 28 9.90 -13.52 -25.49
N ALA B 29 9.92 -14.20 -26.61
CA ALA B 29 8.68 -14.36 -27.37
C ALA B 29 8.26 -15.82 -27.43
N LEU B 30 6.93 -16.04 -27.42
CA LEU B 30 6.34 -17.35 -27.68
C LEU B 30 6.47 -17.77 -29.17
N LEU B 31 7.03 -18.94 -29.42
CA LEU B 31 6.99 -19.49 -30.79
C LEU B 31 5.63 -20.13 -31.07
N ASP B 32 4.86 -19.53 -31.97
CA ASP B 32 3.44 -19.89 -32.07
C ASP B 32 3.01 -20.19 -33.50
N THR B 33 2.95 -21.47 -33.86
CA THR B 33 2.62 -21.82 -35.25
C THR B 33 1.10 -21.54 -35.56
N GLY B 34 0.32 -21.36 -34.51
CA GLY B 34 -1.08 -20.96 -34.68
C GLY B 34 -1.32 -19.49 -34.94
N ALA B 35 -0.27 -18.68 -34.89
CA ALA B 35 -0.43 -17.22 -35.14
C ALA B 35 -0.11 -16.85 -36.59
N ASP B 36 -1.09 -16.30 -37.30
CA ASP B 36 -0.92 -15.79 -38.66
C ASP B 36 0.09 -14.63 -38.68
N MET B 37 0.12 -13.84 -37.61
CA MET B 37 0.97 -12.64 -37.59
C MET B 37 1.67 -12.53 -36.26
N THR B 38 2.87 -11.94 -36.23
CA THR B 38 3.61 -11.69 -34.98
C THR B 38 2.96 -10.61 -34.10
N VAL B 39 3.13 -10.75 -32.78
CA VAL B 39 2.58 -9.84 -31.78
C VAL B 39 3.74 -9.28 -30.94
N ILE B 40 3.84 -7.97 -30.83
CA ILE B 40 4.87 -7.39 -29.96
C ILE B 40 4.16 -6.46 -28.95
N PRO B 41 4.80 -6.23 -27.78
CA PRO B 41 4.11 -5.46 -26.71
C PRO B 41 4.09 -4.00 -27.01
N ILE B 42 2.98 -3.32 -26.63
CA ILE B 42 2.93 -1.85 -26.75
C ILE B 42 4.05 -1.15 -25.92
N ALA B 43 4.55 -1.85 -24.90
CA ALA B 43 5.62 -1.34 -24.03
C ALA B 43 6.88 -0.96 -24.77
N LEU B 44 7.10 -1.57 -25.96
CA LEU B 44 8.22 -1.22 -26.86
C LEU B 44 8.14 0.19 -27.39
N PHE B 45 6.92 0.73 -27.49
CA PHE B 45 6.71 2.01 -28.18
C PHE B 45 6.59 3.13 -27.19
N SER B 46 7.04 4.31 -27.57
CA SER B 46 6.82 5.52 -26.77
C SER B 46 5.32 5.79 -26.61
N SER B 47 5.03 6.67 -25.68
CA SER B 47 3.66 6.95 -25.32
C SER B 47 2.83 7.57 -26.46
N ASN B 48 3.47 8.03 -27.55
CA ASN B 48 2.72 8.72 -28.64
C ASN B 48 2.96 8.33 -30.12
N THR B 49 3.29 7.06 -30.37
CA THR B 49 3.43 6.55 -31.75
C THR B 49 2.07 6.55 -32.47
N PRO B 50 2.07 6.49 -33.82
CA PRO B 50 0.71 6.32 -34.34
C PRO B 50 0.48 4.87 -34.72
N LEU B 51 -0.53 4.25 -34.10
CA LEU B 51 -0.89 2.88 -34.44
C LEU B 51 -2.36 2.73 -34.84
N LYS B 52 -2.59 2.05 -35.96
CA LYS B 52 -3.93 1.83 -36.48
C LYS B 52 -4.66 0.75 -35.70
N ASN B 53 -5.95 0.98 -35.52
CA ASN B 53 -6.83 0.01 -34.88
C ASN B 53 -6.94 -1.20 -35.80
N THR B 54 -7.11 -2.40 -35.25
CA THR B 54 -7.26 -3.59 -36.09
C THR B 54 -8.14 -4.60 -35.32
N SER B 55 -8.79 -5.49 -36.04
CA SER B 55 -9.59 -6.53 -35.43
C SER B 55 -8.85 -7.82 -35.58
N VAL B 56 -8.89 -8.64 -34.55
CA VAL B 56 -8.13 -9.88 -34.51
C VAL B 56 -9.04 -10.97 -33.96
N LEU B 57 -8.90 -12.20 -34.45
CA LEU B 57 -9.64 -13.34 -33.93
C LEU B 57 -8.70 -14.13 -33.03
N GLY B 58 -9.06 -14.28 -31.76
CA GLY B 58 -8.33 -15.12 -30.81
C GLY B 58 -9.24 -16.10 -30.11
N ALA B 59 -8.73 -16.77 -29.08
CA ALA B 59 -9.48 -17.81 -28.37
C ALA B 59 -10.60 -17.20 -27.55
N GLY B 60 -10.38 -15.98 -27.07
CA GLY B 60 -11.43 -15.23 -26.40
C GLY B 60 -12.42 -14.65 -27.41
N GLY B 61 -12.28 -15.04 -28.68
CA GLY B 61 -13.12 -14.55 -29.77
C GLY B 61 -12.58 -13.31 -30.46
N GLN B 62 -13.48 -12.59 -31.13
CA GLN B 62 -13.13 -11.40 -31.88
C GLN B 62 -12.84 -10.24 -30.93
N THR B 63 -11.60 -9.79 -30.94
CA THR B 63 -11.25 -8.58 -30.21
C THR B 63 -10.91 -7.45 -31.15
N GLN B 64 -11.44 -6.28 -30.85
CA GLN B 64 -11.09 -5.14 -31.68
C GLN B 64 -10.58 -3.92 -30.91
N ASP B 65 -10.41 -4.08 -29.60
CA ASP B 65 -9.76 -3.10 -28.74
C ASP B 65 -8.31 -3.50 -28.41
N HIS B 66 -8.00 -4.78 -28.45
CA HIS B 66 -6.77 -5.27 -27.80
C HIS B 66 -5.49 -5.09 -28.61
N PHE B 67 -5.59 -5.09 -29.93
CA PHE B 67 -4.36 -5.12 -30.77
C PHE B 67 -4.39 -3.91 -31.64
N LYS B 68 -3.22 -3.35 -31.89
CA LYS B 68 -3.06 -2.38 -32.97
C LYS B 68 -2.12 -2.98 -34.02
N LEU B 69 -1.96 -2.25 -35.13
CA LEU B 69 -0.99 -2.60 -36.15
C LEU B 69 0.10 -1.54 -36.17
N THR B 70 1.34 -1.97 -36.35
CA THR B 70 2.44 -1.02 -36.45
C THR B 70 2.23 -0.16 -37.71
N SER B 71 2.80 1.04 -37.76
CA SER B 71 2.82 1.75 -39.04
C SER B 71 4.12 1.60 -39.81
N LEU B 72 5.21 1.24 -39.13
CA LEU B 72 6.43 0.93 -39.83
C LEU B 72 6.77 -0.54 -39.70
N PRO B 73 7.57 -1.09 -40.65
CA PRO B 73 8.08 -2.43 -40.53
C PRO B 73 8.81 -2.65 -39.20
N VAL B 74 8.84 -3.90 -38.74
CA VAL B 74 9.52 -4.25 -37.49
C VAL B 74 10.65 -5.20 -37.85
N LEU B 75 11.85 -4.93 -37.33
CA LEU B 75 12.99 -5.80 -37.59
C LEU B 75 13.26 -6.65 -36.38
N ILE B 76 13.50 -7.93 -36.59
CA ILE B 76 13.68 -8.89 -35.50
C ILE B 76 14.95 -9.69 -35.71
N ARG B 77 15.81 -9.68 -34.71
CA ARG B 77 17.09 -10.37 -34.80
C ARG B 77 16.93 -11.49 -33.81
N LEU B 78 17.17 -12.69 -34.31
CA LEU B 78 17.15 -13.90 -33.50
C LEU B 78 18.57 -14.28 -33.11
N PRO B 79 18.76 -14.94 -31.94
CA PRO B 79 20.13 -15.19 -31.44
C PRO B 79 21.05 -15.92 -32.44
N PHE B 80 20.47 -16.82 -33.23
CA PHE B 80 21.18 -17.75 -34.13
C PHE B 80 21.24 -17.38 -35.62
N ARG B 81 20.94 -16.13 -35.98
CA ARG B 81 21.17 -15.64 -37.35
C ARG B 81 21.47 -14.14 -37.39
N THR B 82 22.41 -13.77 -38.25
CA THR B 82 22.91 -12.38 -38.32
C THR B 82 21.96 -11.43 -39.05
N THR B 83 21.26 -11.95 -40.04
CA THR B 83 20.31 -11.17 -40.83
C THR B 83 19.00 -11.04 -40.06
N PRO B 84 18.47 -9.80 -39.93
CA PRO B 84 17.19 -9.64 -39.25
C PRO B 84 16.03 -10.08 -40.13
N ILE B 85 14.93 -10.45 -39.48
CA ILE B 85 13.68 -10.77 -40.14
C ILE B 85 13.08 -9.38 -40.23
N VAL B 86 12.45 -9.07 -41.37
CA VAL B 86 11.81 -7.75 -41.50
C VAL B 86 10.34 -7.99 -41.78
N LEU B 87 9.46 -7.51 -40.92
CA LEU B 87 8.03 -7.77 -41.03
C LEU B 87 7.43 -6.49 -41.49
N THR B 88 6.67 -6.53 -42.58
CA THR B 88 6.12 -5.31 -43.13
C THR B 88 5.21 -4.65 -42.11
N SER B 89 4.50 -5.47 -41.32
CA SER B 89 3.74 -4.93 -40.22
C SER B 89 3.47 -6.06 -39.25
N CYS B 90 3.30 -5.73 -37.98
CA CYS B 90 2.73 -6.76 -37.11
C CYS B 90 1.78 -6.19 -36.10
N LEU B 91 1.20 -7.09 -35.31
CA LEU B 91 0.23 -6.71 -34.30
C LEU B 91 0.97 -6.24 -33.08
N VAL B 92 0.33 -5.33 -32.37
CA VAL B 92 0.86 -4.72 -31.14
C VAL B 92 -0.15 -4.96 -30.03
N ASP B 93 0.25 -5.73 -29.03
CA ASP B 93 -0.68 -6.01 -27.91
C ASP B 93 -0.68 -4.85 -26.93
N THR B 94 -1.80 -4.13 -26.85
CA THR B 94 -1.86 -3.00 -25.92
C THR B 94 -2.38 -3.39 -24.53
N LYS B 95 -2.88 -4.61 -24.40
CA LYS B 95 -3.51 -5.01 -23.16
C LYS B 95 -2.52 -5.76 -22.28
N ASN B 96 -2.05 -6.90 -22.76
CA ASN B 96 -1.18 -7.79 -21.98
C ASN B 96 0.28 -7.77 -22.35
N ASN B 97 0.65 -6.98 -23.36
CA ASN B 97 2.06 -6.83 -23.69
C ASN B 97 2.72 -8.18 -23.97
N TRP B 98 2.01 -9.06 -24.66
CA TRP B 98 2.55 -10.33 -25.11
C TRP B 98 3.52 -10.19 -26.26
N ALA B 99 4.46 -11.12 -26.33
CA ALA B 99 5.36 -11.22 -27.41
C ALA B 99 5.18 -12.62 -28.02
N ILE B 100 4.76 -12.66 -29.27
CA ILE B 100 4.47 -13.92 -29.98
C ILE B 100 5.09 -13.88 -31.36
N ILE B 101 5.99 -14.81 -31.63
CA ILE B 101 6.55 -14.94 -32.98
C ILE B 101 5.58 -15.82 -33.77
N GLY B 102 4.95 -15.26 -34.80
CA GLY B 102 4.02 -16.03 -35.61
C GLY B 102 4.61 -16.49 -36.92
N ARG B 103 3.73 -16.95 -37.82
CA ARG B 103 4.20 -17.63 -39.05
C ARG B 103 4.86 -16.69 -40.07
N ASP B 104 4.50 -15.41 -40.02
CA ASP B 104 5.11 -14.41 -40.88
C ASP B 104 6.62 -14.38 -40.60
N ALA B 105 6.98 -14.39 -39.33
CA ALA B 105 8.39 -14.39 -38.95
C ALA B 105 9.04 -15.76 -39.11
N LEU B 106 8.30 -16.82 -38.79
CA LEU B 106 8.81 -18.19 -38.91
C LEU B 106 9.15 -18.54 -40.36
N GLN B 107 8.32 -18.06 -41.30
CA GLN B 107 8.59 -18.28 -42.75
C GLN B 107 9.91 -17.65 -43.17
N GLN B 108 10.15 -16.42 -42.73
CA GLN B 108 11.38 -15.70 -43.07
C GLN B 108 12.66 -16.39 -42.57
N CYS B 109 12.56 -17.14 -41.47
CA CYS B 109 13.72 -17.92 -40.99
C CYS B 109 13.64 -19.40 -41.32
N GLN B 110 12.83 -19.70 -42.34
CA GLN B 110 12.63 -21.06 -42.79
C GLN B 110 12.30 -22.04 -41.64
N GLY B 111 11.45 -21.61 -40.72
CA GLY B 111 11.00 -22.47 -39.62
C GLY B 111 10.04 -23.55 -40.12
N VAL B 112 10.17 -24.76 -39.57
CA VAL B 112 9.25 -25.83 -39.88
C VAL B 112 8.79 -26.50 -38.59
N LEU B 113 7.60 -27.08 -38.67
CA LEU B 113 7.12 -28.10 -37.74
C LEU B 113 7.48 -29.50 -38.27
N TYR B 114 8.03 -30.36 -37.41
CA TYR B 114 8.39 -31.72 -37.82
C TYR B 114 7.72 -32.71 -36.89
N LEU B 115 6.91 -33.58 -37.46
CA LEU B 115 6.25 -34.64 -36.69
C LEU B 115 6.81 -35.94 -37.27
N PRO B 116 7.51 -36.74 -36.44
CA PRO B 116 8.12 -37.98 -36.92
C PRO B 116 7.13 -38.92 -37.56
N PRO C 1 8.64 -54.33 5.36
CA PRO C 1 7.61 -55.36 5.27
C PRO C 1 6.69 -55.22 4.05
N VAL C 2 6.11 -56.35 3.65
CA VAL C 2 5.16 -56.47 2.56
C VAL C 2 3.75 -56.44 3.11
N ILE C 3 2.94 -55.52 2.58
CA ILE C 3 1.58 -55.26 3.07
C ILE C 3 0.62 -55.66 1.92
N PRO C 4 -0.07 -56.82 2.08
CA PRO C 4 -1.05 -57.29 1.11
C PRO C 4 -2.23 -56.31 1.05
N LEU C 5 -2.88 -56.18 -0.10
CA LEU C 5 -3.98 -55.23 -0.21
C LEU C 5 -5.26 -56.00 -0.32
N ASP C 6 -6.18 -55.70 0.59
CA ASP C 6 -7.39 -56.46 0.87
C ASP C 6 -8.49 -55.41 1.19
N PRO C 7 -9.61 -55.41 0.42
CA PRO C 7 -10.66 -54.41 0.65
C PRO C 7 -11.21 -54.54 2.08
N ALA C 8 -11.19 -55.75 2.63
CA ALA C 8 -11.76 -55.98 3.99
C ALA C 8 -10.83 -55.55 5.13
N ARG C 9 -9.56 -55.34 4.82
CA ARG C 9 -8.60 -55.13 5.90
C ARG C 9 -7.70 -53.99 5.51
N ARG C 10 -7.92 -52.85 6.15
CA ARG C 10 -7.14 -51.64 5.85
C ARG C 10 -5.64 -51.80 6.11
N PRO C 11 -4.78 -51.27 5.23
CA PRO C 11 -3.35 -51.46 5.45
C PRO C 11 -2.87 -50.42 6.46
N VAL C 12 -2.47 -50.88 7.63
CA VAL C 12 -2.14 -49.97 8.70
C VAL C 12 -0.80 -50.30 9.26
N ILE C 13 -0.22 -49.31 9.92
CA ILE C 13 1.08 -49.49 10.57
C ILE C 13 1.07 -48.72 11.88
N LYS C 14 1.84 -49.21 12.86
CA LYS C 14 2.09 -48.45 14.08
C LYS C 14 3.24 -47.48 13.83
N ALA C 15 3.10 -46.24 14.27
CA ALA C 15 4.09 -45.23 13.96
C ALA C 15 4.19 -44.29 15.14
N GLN C 16 5.40 -43.87 15.48
CA GLN C 16 5.56 -42.90 16.56
C GLN C 16 5.63 -41.51 15.99
N VAL C 17 4.71 -40.67 16.43
CA VAL C 17 4.55 -39.36 15.83
C VAL C 17 5.00 -38.30 16.83
N ASP C 18 5.94 -37.44 16.38
CA ASP C 18 6.43 -36.36 17.20
C ASP C 18 6.00 -35.03 16.60
N THR C 19 4.95 -34.41 17.14
CA THR C 19 4.48 -33.13 16.57
C THR C 19 5.39 -31.95 17.04
N GLN C 20 6.33 -32.28 17.91
CA GLN C 20 7.22 -31.29 18.56
C GLN C 20 6.49 -30.29 19.45
N THR C 21 5.24 -30.59 19.81
CA THR C 21 4.43 -29.71 20.68
C THR C 21 3.98 -30.39 21.96
N SER C 22 4.23 -31.69 22.06
CA SER C 22 3.87 -32.52 23.22
C SER C 22 4.68 -33.79 23.07
N HIS C 23 4.71 -34.62 24.13
CA HIS C 23 5.37 -35.94 24.05
C HIS C 23 4.97 -36.72 22.80
N PRO C 24 5.97 -37.39 22.16
CA PRO C 24 5.67 -38.25 20.99
C PRO C 24 4.78 -39.42 21.36
N LYS C 25 3.84 -39.76 20.47
CA LYS C 25 2.93 -40.87 20.73
C LYS C 25 2.85 -41.88 19.59
N THR C 26 2.72 -43.17 19.93
CA THR C 26 2.55 -44.19 18.88
C THR C 26 1.07 -44.37 18.54
N ILE C 27 0.71 -44.22 17.27
CA ILE C 27 -0.69 -44.39 16.83
C ILE C 27 -0.78 -45.43 15.69
N GLU C 28 -1.98 -45.89 15.40
CA GLU C 28 -2.20 -46.73 14.22
C GLU C 28 -2.52 -45.81 13.04
N ALA C 29 -1.81 -45.99 11.92
CA ALA C 29 -2.00 -45.06 10.81
C ALA C 29 -2.29 -45.87 9.58
N LEU C 30 -3.20 -45.37 8.75
CA LEU C 30 -3.46 -45.97 7.46
C LEU C 30 -2.35 -45.62 6.46
N LEU C 31 -1.85 -46.62 5.76
CA LEU C 31 -0.98 -46.40 4.61
C LEU C 31 -1.74 -46.07 3.33
N ASP C 32 -1.62 -44.81 2.90
CA ASP C 32 -2.53 -44.29 1.84
C ASP C 32 -1.83 -43.67 0.60
N THR C 33 -1.74 -44.44 -0.49
CA THR C 33 -1.01 -43.99 -1.67
C THR C 33 -1.81 -42.90 -2.36
N GLY C 34 -3.11 -42.77 -2.02
CA GLY C 34 -3.94 -41.71 -2.63
C GLY C 34 -3.87 -40.40 -1.83
N ALA C 35 -3.11 -40.36 -0.74
CA ALA C 35 -3.03 -39.12 0.07
C ALA C 35 -1.78 -38.31 -0.26
N ASP C 36 -1.96 -37.06 -0.67
CA ASP C 36 -0.83 -36.15 -1.01
C ASP C 36 0.06 -35.91 0.23
N MET C 37 -0.56 -35.89 1.38
CA MET C 37 0.05 -35.30 2.57
C MET C 37 -0.39 -36.18 3.73
N THR C 38 0.45 -36.31 4.77
CA THR C 38 0.14 -37.13 5.94
C THR C 38 -0.89 -36.38 6.81
N VAL C 39 -1.77 -37.13 7.46
CA VAL C 39 -2.77 -36.55 8.36
C VAL C 39 -2.54 -37.05 9.80
N ILE C 40 -2.47 -36.10 10.73
CA ILE C 40 -2.24 -36.38 12.18
C ILE C 40 -3.47 -35.94 12.97
N PRO C 41 -3.92 -36.75 13.94
CA PRO C 41 -5.08 -36.35 14.74
C PRO C 41 -4.76 -35.15 15.62
N ILE C 42 -5.74 -34.28 15.85
CA ILE C 42 -5.41 -33.08 16.62
C ILE C 42 -5.02 -33.43 18.04
N ALA C 43 -5.55 -34.55 18.57
CA ALA C 43 -5.21 -35.02 19.93
C ALA C 43 -3.70 -35.08 20.21
N LEU C 44 -2.88 -35.28 19.17
CA LEU C 44 -1.42 -35.36 19.41
C LEU C 44 -0.72 -34.00 19.65
N PHE C 45 -1.44 -32.89 19.44
CA PHE C 45 -0.86 -31.56 19.60
C PHE C 45 -1.29 -30.96 20.92
N SER C 46 -0.45 -30.12 21.52
CA SER C 46 -0.87 -29.41 22.72
C SER C 46 -2.03 -28.46 22.40
N SER C 47 -2.93 -28.27 23.36
CA SER C 47 -4.19 -27.54 23.17
C SER C 47 -4.01 -26.13 22.59
N ASN C 48 -2.87 -25.51 22.89
CA ASN C 48 -2.59 -24.12 22.55
C ASN C 48 -1.91 -23.87 21.19
N THR C 49 -1.26 -24.88 20.60
CA THR C 49 -0.42 -24.64 19.41
C THR C 49 -1.11 -23.91 18.26
N PRO C 50 -0.41 -22.92 17.67
CA PRO C 50 -0.90 -22.29 16.45
C PRO C 50 -0.89 -23.30 15.31
N LEU C 51 -2.04 -23.42 14.64
CA LEU C 51 -2.21 -24.24 13.45
C LEU C 51 -2.85 -23.39 12.36
N LYS C 52 -2.57 -23.66 11.10
CA LYS C 52 -3.04 -22.80 10.01
C LYS C 52 -4.32 -23.35 9.40
N ASN C 53 -5.30 -22.47 9.20
CA ASN C 53 -6.50 -22.80 8.43
C ASN C 53 -6.06 -23.24 7.03
N THR C 54 -6.72 -24.28 6.53
CA THR C 54 -6.37 -24.79 5.23
C THR C 54 -7.60 -25.41 4.56
N SER C 55 -7.58 -25.49 3.24
CA SER C 55 -8.66 -26.16 2.53
C SER C 55 -8.20 -27.48 1.97
N VAL C 56 -9.02 -28.51 2.14
CA VAL C 56 -8.69 -29.86 1.70
C VAL C 56 -9.72 -30.45 0.70
N LEU C 57 -9.22 -31.16 -0.32
CA LEU C 57 -10.12 -31.91 -1.24
CA LEU C 57 -10.05 -31.92 -1.29
C LEU C 57 -10.07 -33.40 -0.89
N GLY C 58 -11.25 -33.94 -0.58
CA GLY C 58 -11.41 -35.35 -0.19
C GLY C 58 -12.62 -35.93 -0.89
N ALA C 59 -12.90 -37.20 -0.63
CA ALA C 59 -14.05 -37.91 -1.25
C ALA C 59 -15.40 -37.22 -1.10
N GLY C 60 -15.68 -36.66 0.07
CA GLY C 60 -16.92 -35.89 0.28
C GLY C 60 -16.92 -34.49 -0.32
N GLY C 61 -15.86 -34.16 -1.07
CA GLY C 61 -15.69 -32.81 -1.62
C GLY C 61 -14.73 -31.93 -0.82
N GLN C 62 -14.84 -30.62 -1.00
CA GLN C 62 -13.87 -29.68 -0.45
C GLN C 62 -14.25 -29.38 0.99
N THR C 63 -13.27 -29.27 1.87
CA THR C 63 -13.56 -28.84 3.25
C THR C 63 -12.55 -27.80 3.73
N GLN C 64 -13.08 -26.80 4.44
CA GLN C 64 -12.34 -25.65 4.94
C GLN C 64 -12.15 -25.70 6.45
N ASP C 65 -12.87 -26.60 7.13
CA ASP C 65 -12.91 -26.55 8.61
C ASP C 65 -12.37 -27.79 9.28
N HIS C 66 -12.41 -28.91 8.56
CA HIS C 66 -12.00 -30.20 9.12
C HIS C 66 -10.50 -30.30 9.40
N PHE C 67 -9.67 -29.72 8.53
CA PHE C 67 -8.20 -29.91 8.62
C PHE C 67 -7.51 -28.59 8.85
N LYS C 68 -6.41 -28.64 9.63
CA LYS C 68 -5.52 -27.48 9.81
C LYS C 68 -4.14 -27.95 9.34
N LEU C 69 -3.27 -27.00 9.06
CA LEU C 69 -1.90 -27.29 8.69
C LEU C 69 -1.03 -27.02 9.94
N THR C 70 -0.05 -27.88 10.18
CA THR C 70 0.91 -27.67 11.24
C THR C 70 1.67 -26.37 11.00
N SER C 71 2.29 -25.87 12.07
CA SER C 71 3.22 -24.78 11.94
C SER C 71 4.68 -25.28 12.04
N LEU C 72 4.88 -26.41 12.71
CA LEU C 72 6.22 -26.97 12.90
C LEU C 72 6.35 -28.29 12.17
N PRO C 73 7.61 -28.68 11.80
CA PRO C 73 7.75 -30.03 11.22
C PRO C 73 7.24 -31.16 12.10
N VAL C 74 6.83 -32.27 11.50
CA VAL C 74 6.39 -33.44 12.28
C VAL C 74 7.41 -34.53 11.99
N LEU C 75 7.85 -35.18 13.05
CA LEU C 75 8.76 -36.32 12.96
C LEU C 75 7.97 -37.63 13.17
N ILE C 76 8.29 -38.65 12.36
CA ILE C 76 7.57 -39.90 12.38
C ILE C 76 8.57 -41.01 12.30
N ARG C 77 8.48 -41.89 13.29
CA ARG C 77 9.32 -43.08 13.34
C ARG C 77 8.50 -44.31 13.09
N LEU C 78 8.97 -45.11 12.16
CA LEU C 78 8.23 -46.33 11.83
C LEU C 78 8.88 -47.42 12.63
N PRO C 79 8.21 -48.59 12.78
CA PRO C 79 8.71 -49.64 13.67
C PRO C 79 10.11 -50.15 13.28
N PHE C 80 10.31 -50.29 11.97
CA PHE C 80 11.49 -50.95 11.37
C PHE C 80 12.61 -49.96 10.98
N ARG C 81 12.47 -48.72 11.42
CA ARG C 81 13.32 -47.63 11.00
C ARG C 81 13.80 -46.83 12.21
N THR C 82 15.10 -46.53 12.26
CA THR C 82 15.69 -45.76 13.34
C THR C 82 15.62 -44.24 13.06
N THR C 83 15.92 -43.89 11.82
CA THR C 83 15.84 -42.50 11.33
C THR C 83 14.38 -42.07 11.21
N PRO C 84 14.04 -40.86 11.68
CA PRO C 84 12.69 -40.35 11.50
C PRO C 84 12.45 -39.81 10.08
N ILE C 85 11.23 -39.98 9.63
CA ILE C 85 10.69 -39.25 8.49
C ILE C 85 10.53 -37.83 9.02
N VAL C 86 10.95 -36.84 8.24
CA VAL C 86 10.70 -35.44 8.62
C VAL C 86 9.76 -34.79 7.59
N LEU C 87 8.59 -34.39 8.05
CA LEU C 87 7.59 -33.78 7.19
C LEU C 87 7.55 -32.30 7.54
N THR C 88 7.92 -31.46 6.57
CA THR C 88 8.00 -29.99 6.78
C THR C 88 6.68 -29.44 7.26
N SER C 89 5.60 -29.99 6.71
CA SER C 89 4.26 -29.63 7.11
CA SER C 89 4.25 -29.61 7.07
C SER C 89 3.35 -30.80 6.79
N CYS C 90 2.29 -30.94 7.57
CA CYS C 90 1.25 -31.89 7.22
C CYS C 90 -0.06 -31.44 7.82
N LEU C 91 -1.11 -32.20 7.50
CA LEU C 91 -2.46 -31.89 7.89
C LEU C 91 -2.76 -32.44 9.26
N VAL C 92 -3.69 -31.76 9.92
CA VAL C 92 -4.10 -32.11 11.25
C VAL C 92 -5.62 -32.32 11.21
N ASP C 93 -6.11 -33.49 11.61
CA ASP C 93 -7.56 -33.71 11.60
C ASP C 93 -8.19 -33.19 12.89
N THR C 94 -8.91 -32.07 12.81
CA THR C 94 -9.50 -31.46 14.00
C THR C 94 -10.84 -32.09 14.38
N LYS C 95 -11.23 -33.19 13.73
CA LYS C 95 -12.56 -33.73 14.00
C LYS C 95 -12.55 -35.23 14.20
N ASN C 96 -12.29 -35.98 13.11
CA ASN C 96 -12.55 -37.42 13.07
C ASN C 96 -11.38 -38.28 13.48
N ASN C 97 -10.34 -37.63 13.99
CA ASN C 97 -9.19 -38.33 14.49
C ASN C 97 -8.58 -39.37 13.50
N TRP C 98 -8.57 -39.06 12.19
CA TRP C 98 -7.76 -39.79 11.20
C TRP C 98 -6.25 -39.67 11.51
N ALA C 99 -5.55 -40.78 11.27
CA ALA C 99 -4.09 -40.87 11.19
C ALA C 99 -3.76 -41.54 9.84
N ILE C 100 -3.20 -40.76 8.94
CA ILE C 100 -2.97 -41.26 7.58
C ILE C 100 -1.56 -41.00 7.15
N ILE C 101 -0.88 -42.07 6.76
CA ILE C 101 0.47 -41.91 6.22
CA ILE C 101 0.47 -41.94 6.22
C ILE C 101 0.32 -41.77 4.71
N GLY C 102 0.61 -40.57 4.21
CA GLY C 102 0.49 -40.21 2.79
C GLY C 102 1.81 -40.36 2.07
N ARG C 103 1.85 -39.92 0.81
CA ARG C 103 3.02 -40.11 -0.08
C ARG C 103 4.24 -39.32 0.34
N ASP C 104 4.02 -38.18 1.01
CA ASP C 104 5.14 -37.42 1.56
C ASP C 104 5.97 -38.36 2.45
N ALA C 105 5.33 -39.04 3.40
CA ALA C 105 6.04 -40.00 4.26
C ALA C 105 6.52 -41.28 3.54
N LEU C 106 5.72 -41.80 2.61
CA LEU C 106 6.07 -43.04 1.87
C LEU C 106 7.28 -42.85 0.96
N GLN C 107 7.43 -41.65 0.41
CA GLN C 107 8.66 -41.34 -0.37
C GLN C 107 9.89 -41.37 0.52
N GLN C 108 9.80 -40.76 1.69
CA GLN C 108 10.97 -40.72 2.59
C GLN C 108 11.28 -42.13 3.11
N CYS C 109 10.24 -42.96 3.17
CA CYS C 109 10.34 -44.40 3.43
C CYS C 109 10.93 -45.26 2.35
N GLN C 110 11.00 -44.71 1.14
CA GLN C 110 11.19 -45.50 -0.09
C GLN C 110 10.08 -46.57 -0.21
N GLY C 111 8.86 -46.20 0.20
CA GLY C 111 7.68 -47.06 -0.01
C GLY C 111 7.34 -47.20 -1.50
N VAL C 112 6.99 -48.40 -1.93
CA VAL C 112 6.50 -48.58 -3.30
C VAL C 112 5.23 -49.42 -3.31
N LEU C 113 4.42 -49.21 -4.34
CA LEU C 113 3.37 -50.12 -4.76
C LEU C 113 3.92 -51.10 -5.78
N TYR C 114 3.59 -52.38 -5.63
CA TYR C 114 4.02 -53.41 -6.57
C TYR C 114 2.82 -54.20 -7.12
N LEU C 115 2.65 -54.15 -8.43
CA LEU C 115 1.61 -54.87 -9.15
C LEU C 115 2.32 -55.90 -9.99
N PRO C 116 2.12 -57.17 -9.68
CA PRO C 116 2.89 -58.14 -10.46
C PRO C 116 2.53 -58.10 -11.96
N PRO D 1 4.34 -53.77 -12.49
CA PRO D 1 5.42 -52.82 -12.24
C PRO D 1 5.58 -52.42 -10.76
N VAL D 2 6.78 -51.95 -10.43
CA VAL D 2 7.04 -51.29 -9.19
C VAL D 2 6.73 -49.82 -9.40
N ILE D 3 5.86 -49.26 -8.56
CA ILE D 3 5.47 -47.88 -8.73
C ILE D 3 6.00 -47.09 -7.51
N PRO D 4 6.95 -46.18 -7.76
CA PRO D 4 7.50 -45.41 -6.65
C PRO D 4 6.45 -44.40 -6.21
N LEU D 5 6.61 -43.85 -5.02
CA LEU D 5 5.61 -43.00 -4.44
C LEU D 5 6.21 -41.63 -4.17
N ASP D 6 5.49 -40.59 -4.54
CA ASP D 6 6.06 -39.26 -4.51
C ASP D 6 4.91 -38.30 -4.27
N PRO D 7 5.04 -37.38 -3.26
CA PRO D 7 3.91 -36.53 -2.96
C PRO D 7 3.51 -35.59 -4.09
N ALA D 8 4.52 -35.17 -4.87
CA ALA D 8 4.33 -34.19 -5.96
C ALA D 8 3.70 -34.82 -7.21
N ARG D 9 3.63 -36.15 -7.27
CA ARG D 9 3.05 -36.91 -8.40
C ARG D 9 2.03 -38.00 -7.99
N ARG D 10 0.81 -37.87 -8.51
CA ARG D 10 -0.27 -38.82 -8.17
C ARG D 10 0.02 -40.16 -8.86
N PRO D 11 0.02 -41.29 -8.12
CA PRO D 11 0.33 -42.54 -8.84
C PRO D 11 -0.90 -42.95 -9.69
N VAL D 12 -0.77 -42.87 -11.01
CA VAL D 12 -1.91 -43.07 -11.92
C VAL D 12 -1.64 -44.24 -12.91
N ILE D 13 -2.70 -44.83 -13.43
CA ILE D 13 -2.59 -45.95 -14.37
C ILE D 13 -3.72 -45.80 -15.40
N LYS D 14 -3.43 -46.14 -16.64
CA LYS D 14 -4.48 -46.22 -17.68
C LYS D 14 -5.18 -47.54 -17.48
N ALA D 15 -6.50 -47.52 -17.50
CA ALA D 15 -7.29 -48.73 -17.26
C ALA D 15 -8.40 -48.70 -18.29
N GLN D 16 -8.71 -49.85 -18.85
CA GLN D 16 -9.88 -49.91 -19.75
C GLN D 16 -11.06 -50.40 -18.93
N VAL D 17 -12.13 -49.62 -18.88
CA VAL D 17 -13.21 -49.96 -17.96
C VAL D 17 -14.50 -50.25 -18.75
N ASP D 18 -15.12 -51.39 -18.45
CA ASP D 18 -16.39 -51.78 -19.06
C ASP D 18 -17.42 -51.89 -17.99
N THR D 19 -18.35 -50.96 -18.11
CA THR D 19 -19.47 -50.78 -17.23
CA THR D 19 -19.49 -50.83 -17.20
C THR D 19 -20.64 -51.77 -17.61
N GLN D 20 -20.44 -52.45 -18.75
CA GLN D 20 -21.48 -53.29 -19.38
C GLN D 20 -22.75 -52.51 -19.72
N THR D 21 -22.68 -51.17 -19.79
CA THR D 21 -23.82 -50.34 -20.29
C THR D 21 -23.46 -49.51 -21.51
N SER D 22 -22.20 -49.53 -21.92
CA SER D 22 -21.73 -48.89 -23.14
C SER D 22 -20.38 -49.52 -23.38
N HIS D 23 -19.76 -49.22 -24.52
CA HIS D 23 -18.52 -49.91 -24.88
C HIS D 23 -17.42 -49.55 -23.90
N PRO D 24 -16.37 -50.40 -23.78
CA PRO D 24 -15.23 -50.15 -22.87
C PRO D 24 -14.48 -48.87 -23.24
N LYS D 25 -13.97 -48.19 -22.22
CA LYS D 25 -13.36 -46.89 -22.36
C LYS D 25 -12.16 -46.80 -21.47
N THR D 26 -11.21 -45.97 -21.92
CA THR D 26 -9.93 -45.75 -21.27
C THR D 26 -10.07 -44.62 -20.30
N ILE D 27 -9.67 -44.85 -19.06
CA ILE D 27 -9.57 -43.75 -18.11
C ILE D 27 -8.18 -43.76 -17.45
N GLU D 28 -7.83 -42.62 -16.87
CA GLU D 28 -6.65 -42.47 -16.01
CA GLU D 28 -6.65 -42.51 -16.01
C GLU D 28 -7.11 -42.59 -14.57
N ALA D 29 -6.71 -43.64 -13.88
CA ALA D 29 -7.17 -43.81 -12.51
C ALA D 29 -6.04 -43.70 -11.46
N LEU D 30 -6.37 -43.11 -10.32
CA LEU D 30 -5.48 -43.05 -9.15
C LEU D 30 -5.32 -44.44 -8.47
N LEU D 31 -4.10 -44.84 -8.21
CA LEU D 31 -3.86 -46.05 -7.42
C LEU D 31 -3.88 -45.75 -5.94
N ASP D 32 -4.88 -46.28 -5.25
CA ASP D 32 -5.25 -45.74 -3.93
C ASP D 32 -5.40 -46.82 -2.87
N THR D 33 -4.34 -47.05 -2.08
CA THR D 33 -4.41 -48.14 -1.12
C THR D 33 -5.30 -47.76 0.04
N GLY D 34 -5.67 -46.48 0.12
CA GLY D 34 -6.57 -46.07 1.16
C GLY D 34 -8.06 -46.19 0.84
N ALA D 35 -8.39 -46.62 -0.37
CA ALA D 35 -9.79 -46.73 -0.80
C ALA D 35 -10.23 -48.18 -0.69
N ASP D 36 -11.29 -48.43 0.06
CA ASP D 36 -11.87 -49.78 0.23
C ASP D 36 -12.48 -50.24 -1.11
N MET D 37 -12.99 -49.30 -1.90
CA MET D 37 -13.70 -49.64 -3.16
C MET D 37 -13.24 -48.76 -4.30
N THR D 38 -13.34 -49.28 -5.52
CA THR D 38 -12.96 -48.55 -6.73
C THR D 38 -14.07 -47.52 -7.05
N VAL D 39 -13.69 -46.43 -7.70
CA VAL D 39 -14.61 -45.32 -8.06
C VAL D 39 -14.39 -45.11 -9.53
N ILE D 40 -15.45 -45.17 -10.32
CA ILE D 40 -15.36 -44.81 -11.72
C ILE D 40 -16.27 -43.62 -12.02
N PRO D 41 -15.95 -42.85 -13.08
CA PRO D 41 -16.77 -41.64 -13.37
C PRO D 41 -18.15 -41.99 -13.96
N ILE D 42 -19.18 -41.23 -13.57
CA ILE D 42 -20.49 -41.44 -14.16
C ILE D 42 -20.50 -41.20 -15.67
N ALA D 43 -19.55 -40.43 -16.19
CA ALA D 43 -19.44 -40.20 -17.64
C ALA D 43 -19.30 -41.49 -18.42
N LEU D 44 -18.86 -42.57 -17.77
CA LEU D 44 -18.76 -43.89 -18.44
C LEU D 44 -20.05 -44.65 -18.64
N PHE D 45 -21.17 -44.12 -18.15
CA PHE D 45 -22.43 -44.89 -18.19
C PHE D 45 -23.39 -44.22 -19.11
N SER D 46 -24.24 -45.04 -19.73
CA SER D 46 -25.39 -44.53 -20.47
C SER D 46 -26.24 -43.72 -19.51
N SER D 47 -26.73 -42.57 -19.98
CA SER D 47 -27.42 -41.57 -19.14
C SER D 47 -28.61 -42.12 -18.36
N ASN D 48 -29.14 -43.27 -18.78
CA ASN D 48 -30.34 -43.82 -18.16
C ASN D 48 -30.11 -45.09 -17.32
N THR D 49 -28.88 -45.31 -16.85
CA THR D 49 -28.56 -46.54 -16.11
C THR D 49 -29.08 -46.47 -14.67
N PRO D 50 -29.64 -47.61 -14.19
CA PRO D 50 -30.04 -47.65 -12.77
C PRO D 50 -28.82 -47.80 -11.87
N LEU D 51 -28.67 -46.85 -10.95
CA LEU D 51 -27.53 -46.75 -10.06
C LEU D 51 -28.07 -46.50 -8.65
N LYS D 52 -27.60 -47.25 -7.66
CA LYS D 52 -28.19 -47.18 -6.31
C LYS D 52 -27.57 -46.05 -5.48
N ASN D 53 -28.39 -45.31 -4.77
CA ASN D 53 -27.88 -44.32 -3.82
C ASN D 53 -27.00 -45.03 -2.79
N THR D 54 -26.01 -44.31 -2.28
CA THR D 54 -25.13 -44.86 -1.25
C THR D 54 -24.47 -43.78 -0.39
N SER D 55 -23.91 -44.24 0.72
CA SER D 55 -23.30 -43.34 1.67
C SER D 55 -21.85 -43.72 1.78
N VAL D 56 -20.99 -42.72 1.77
CA VAL D 56 -19.55 -42.95 1.66
C VAL D 56 -18.86 -42.03 2.68
N LEU D 57 -17.95 -42.60 3.46
CA LEU D 57 -17.10 -41.80 4.33
C LEU D 57 -15.83 -41.43 3.62
N GLY D 58 -15.53 -40.13 3.61
CA GLY D 58 -14.29 -39.64 2.98
C GLY D 58 -13.56 -38.76 3.99
N ALA D 59 -12.55 -38.03 3.51
CA ALA D 59 -11.81 -37.07 4.37
C ALA D 59 -12.69 -35.94 4.94
N GLY D 60 -13.42 -35.23 4.08
CA GLY D 60 -14.34 -34.18 4.57
C GLY D 60 -15.72 -34.72 4.92
N GLY D 61 -15.72 -35.80 5.70
CA GLY D 61 -16.93 -36.44 6.22
C GLY D 61 -17.69 -37.42 5.32
N GLN D 62 -18.86 -37.80 5.82
CA GLN D 62 -19.83 -38.63 5.14
C GLN D 62 -20.45 -37.83 3.98
N THR D 63 -20.63 -38.46 2.81
CA THR D 63 -21.37 -37.88 1.69
C THR D 63 -22.42 -38.88 1.22
N GLN D 64 -23.66 -38.40 1.10
CA GLN D 64 -24.76 -39.24 0.59
C GLN D 64 -25.01 -39.00 -0.89
N ASP D 65 -24.48 -37.95 -1.49
CA ASP D 65 -24.83 -37.81 -2.92
C ASP D 65 -23.69 -37.72 -3.95
N HIS D 66 -22.43 -37.73 -3.50
CA HIS D 66 -21.32 -37.77 -4.47
C HIS D 66 -21.23 -39.13 -5.18
N PHE D 67 -21.55 -40.21 -4.48
CA PHE D 67 -21.31 -41.56 -5.04
C PHE D 67 -22.61 -42.34 -5.15
N LYS D 68 -22.72 -43.12 -6.22
CA LYS D 68 -23.76 -44.13 -6.30
C LYS D 68 -23.04 -45.46 -6.42
N LEU D 69 -23.83 -46.52 -6.27
CA LEU D 69 -23.32 -47.89 -6.45
C LEU D 69 -23.80 -48.47 -7.80
N THR D 70 -22.94 -49.21 -8.51
CA THR D 70 -23.37 -49.90 -9.73
C THR D 70 -24.41 -51.03 -9.50
N SER D 71 -25.15 -51.37 -10.57
CA SER D 71 -26.06 -52.52 -10.52
C SER D 71 -25.45 -53.78 -11.14
N LEU D 72 -24.53 -53.63 -12.08
CA LEU D 72 -23.87 -54.77 -12.69
C LEU D 72 -22.38 -54.68 -12.36
N PRO D 73 -21.68 -55.84 -12.36
CA PRO D 73 -20.25 -55.89 -12.26
C PRO D 73 -19.57 -54.95 -13.27
N VAL D 74 -18.35 -54.49 -12.92
CA VAL D 74 -17.54 -53.66 -13.80
C VAL D 74 -16.28 -54.42 -14.10
N LEU D 75 -15.90 -54.48 -15.35
CA LEU D 75 -14.68 -55.20 -15.69
C LEU D 75 -13.60 -54.17 -15.95
N ILE D 76 -12.41 -54.39 -15.42
CA ILE D 76 -11.32 -53.45 -15.65
C ILE D 76 -10.13 -54.16 -16.21
N ARG D 77 -9.54 -53.66 -17.29
CA ARG D 77 -8.30 -54.25 -17.79
CA ARG D 77 -8.30 -54.24 -17.83
C ARG D 77 -7.16 -53.26 -17.63
N LEU D 78 -6.12 -53.71 -16.95
CA LEU D 78 -4.90 -52.93 -16.75
C LEU D 78 -3.92 -53.28 -17.87
N PRO D 79 -2.95 -52.39 -18.18
CA PRO D 79 -2.06 -52.55 -19.35
C PRO D 79 -1.18 -53.80 -19.32
N PHE D 80 -0.77 -54.20 -18.11
CA PHE D 80 0.18 -55.29 -17.90
C PHE D 80 -0.52 -56.61 -17.55
N ARG D 81 -1.80 -56.71 -17.90
CA ARG D 81 -2.62 -57.86 -17.55
C ARG D 81 -3.57 -58.15 -18.69
N THR D 82 -3.69 -59.43 -19.02
CA THR D 82 -4.61 -59.86 -20.08
C THR D 82 -6.01 -60.11 -19.50
N THR D 83 -6.06 -60.79 -18.36
CA THR D 83 -7.28 -61.06 -17.60
C THR D 83 -7.85 -59.77 -17.01
N PRO D 84 -9.16 -59.51 -17.20
CA PRO D 84 -9.76 -58.39 -16.51
C PRO D 84 -10.00 -58.67 -15.03
N ILE D 85 -9.94 -57.60 -14.26
CA ILE D 85 -10.42 -57.55 -12.90
C ILE D 85 -11.92 -57.43 -13.09
N VAL D 86 -12.71 -58.19 -12.33
CA VAL D 86 -14.17 -58.04 -12.38
C VAL D 86 -14.62 -57.68 -10.95
N LEU D 87 -15.16 -56.48 -10.80
CA LEU D 87 -15.66 -56.02 -9.51
C LEU D 87 -17.12 -56.26 -9.47
N THR D 88 -17.59 -56.88 -8.40
CA THR D 88 -18.97 -57.24 -8.24
C THR D 88 -19.83 -55.97 -8.22
N SER D 89 -19.38 -54.95 -7.46
CA SER D 89 -19.96 -53.60 -7.61
C SER D 89 -18.87 -52.62 -7.28
N CYS D 90 -19.09 -51.36 -7.62
CA CYS D 90 -18.16 -50.32 -7.20
C CYS D 90 -18.89 -49.00 -7.19
N LEU D 91 -18.17 -47.95 -6.80
CA LEU D 91 -18.75 -46.64 -6.63
C LEU D 91 -18.67 -45.88 -7.93
N VAL D 92 -19.62 -44.97 -8.09
CA VAL D 92 -19.70 -44.21 -9.31
C VAL D 92 -19.68 -42.77 -8.85
N ASP D 93 -18.69 -42.06 -9.35
CA ASP D 93 -18.58 -40.65 -8.97
C ASP D 93 -19.51 -39.86 -9.83
N THR D 94 -20.58 -39.32 -9.22
CA THR D 94 -21.63 -38.66 -9.99
C THR D 94 -21.30 -37.20 -10.24
N LYS D 95 -20.31 -36.67 -9.55
CA LYS D 95 -20.11 -35.23 -9.57
C LYS D 95 -18.82 -34.79 -10.28
N ASN D 96 -17.69 -35.38 -9.87
CA ASN D 96 -16.38 -34.92 -10.33
C ASN D 96 -15.67 -35.92 -11.24
N ASN D 97 -16.37 -36.96 -11.65
CA ASN D 97 -15.77 -37.93 -12.54
C ASN D 97 -14.33 -38.33 -12.18
N TRP D 98 -14.09 -38.51 -10.88
CA TRP D 98 -12.86 -39.09 -10.38
C TRP D 98 -12.77 -40.55 -10.74
N ALA D 99 -11.55 -41.06 -10.84
CA ALA D 99 -11.36 -42.47 -11.11
C ALA D 99 -10.30 -42.97 -10.15
N ILE D 100 -10.69 -43.91 -9.31
CA ILE D 100 -9.79 -44.41 -8.30
C ILE D 100 -9.81 -45.92 -8.28
N ILE D 101 -8.62 -46.51 -8.39
CA ILE D 101 -8.52 -47.96 -8.32
C ILE D 101 -8.22 -48.25 -6.83
N GLY D 102 -9.17 -48.89 -6.17
CA GLY D 102 -9.01 -49.25 -4.75
C GLY D 102 -8.54 -50.65 -4.43
N ARG D 103 -8.67 -51.04 -3.17
CA ARG D 103 -8.11 -52.32 -2.71
C ARG D 103 -8.84 -53.56 -3.27
N ASP D 104 -10.12 -53.41 -3.61
CA ASP D 104 -10.91 -54.45 -4.23
C ASP D 104 -10.27 -54.86 -5.55
N ALA D 105 -9.90 -53.87 -6.35
CA ALA D 105 -9.20 -54.18 -7.60
C ALA D 105 -7.76 -54.60 -7.34
N LEU D 106 -7.07 -53.90 -6.44
CA LEU D 106 -5.63 -54.23 -6.19
C LEU D 106 -5.49 -55.65 -5.64
N GLN D 107 -6.46 -56.09 -4.84
CA GLN D 107 -6.46 -57.50 -4.40
C GLN D 107 -6.48 -58.47 -5.57
N GLN D 108 -7.34 -58.23 -6.54
CA GLN D 108 -7.43 -59.14 -7.66
C GLN D 108 -6.15 -59.15 -8.52
N CYS D 109 -5.34 -58.08 -8.47
CA CYS D 109 -4.00 -58.07 -9.12
C CYS D 109 -2.90 -58.61 -8.28
N GLN D 110 -3.22 -59.03 -7.05
CA GLN D 110 -2.16 -59.32 -6.07
C GLN D 110 -1.24 -58.10 -5.77
N GLY D 111 -1.81 -56.90 -5.76
CA GLY D 111 -1.01 -55.70 -5.50
C GLY D 111 -0.57 -55.68 -4.06
N VAL D 112 0.63 -55.17 -3.82
CA VAL D 112 1.14 -55.06 -2.46
C VAL D 112 1.76 -53.68 -2.23
N LEU D 113 1.83 -53.30 -0.96
CA LEU D 113 2.67 -52.19 -0.55
C LEU D 113 3.92 -52.80 0.02
N TYR D 114 5.06 -52.17 -0.27
CA TYR D 114 6.32 -52.65 0.28
C TYR D 114 7.07 -51.48 0.84
N LEU D 115 7.44 -51.58 2.11
CA LEU D 115 8.22 -50.56 2.78
C LEU D 115 9.49 -51.28 3.21
N PRO D 116 10.66 -50.88 2.68
CA PRO D 116 11.88 -51.66 2.91
C PRO D 116 12.28 -51.76 4.39
N PRO E 1 33.64 -11.64 -6.34
CA PRO E 1 33.84 -11.21 -4.96
C PRO E 1 33.29 -12.18 -3.89
N VAL E 2 34.05 -12.33 -2.82
CA VAL E 2 33.56 -12.87 -1.56
C VAL E 2 32.88 -11.72 -0.79
N ILE E 3 31.63 -11.91 -0.39
CA ILE E 3 30.93 -10.90 0.38
C ILE E 3 30.63 -11.51 1.74
N PRO E 4 31.35 -11.05 2.77
CA PRO E 4 31.13 -11.65 4.08
C PRO E 4 29.76 -11.21 4.58
N LEU E 5 29.14 -12.00 5.45
CA LEU E 5 27.78 -11.70 5.88
C LEU E 5 27.83 -11.17 7.29
N ASP E 6 27.19 -10.02 7.49
CA ASP E 6 27.36 -9.24 8.72
C ASP E 6 26.02 -8.59 9.04
N PRO E 7 25.46 -8.80 10.25
CA PRO E 7 24.13 -8.23 10.53
C PRO E 7 24.16 -6.69 10.48
N ALA E 8 25.27 -6.06 10.85
CA ALA E 8 25.35 -4.59 10.82
C ALA E 8 25.60 -3.98 9.43
N ARG E 9 26.07 -4.75 8.44
CA ARG E 9 26.39 -4.18 7.11
C ARG E 9 25.75 -4.97 5.97
N ARG E 10 24.77 -4.36 5.32
CA ARG E 10 23.99 -5.01 4.24
C ARG E 10 24.88 -5.42 3.06
N PRO E 11 24.74 -6.68 2.55
CA PRO E 11 25.53 -7.09 1.38
C PRO E 11 24.94 -6.43 0.13
N VAL E 12 25.66 -5.47 -0.43
CA VAL E 12 25.17 -4.65 -1.54
C VAL E 12 26.11 -4.71 -2.71
N ILE E 13 25.62 -4.34 -3.88
CA ILE E 13 26.51 -4.30 -5.03
C ILE E 13 26.00 -3.16 -5.90
N LYS E 14 26.85 -2.64 -6.79
CA LYS E 14 26.43 -1.61 -7.73
C LYS E 14 26.08 -2.35 -8.99
N ALA E 15 24.88 -2.09 -9.50
CA ALA E 15 24.35 -2.81 -10.66
C ALA E 15 23.80 -1.81 -11.68
N GLN E 16 24.23 -1.94 -12.93
CA GLN E 16 23.59 -1.16 -14.00
C GLN E 16 22.33 -1.85 -14.48
N VAL E 17 21.21 -1.19 -14.26
CA VAL E 17 19.91 -1.78 -14.60
C VAL E 17 19.38 -1.15 -15.88
N ASP E 18 19.02 -1.99 -16.85
CA ASP E 18 18.42 -1.52 -18.11
C ASP E 18 16.97 -2.03 -18.19
N THR E 19 16.00 -1.17 -17.89
CA THR E 19 14.58 -1.60 -17.89
C THR E 19 14.04 -1.64 -19.32
N GLN E 20 14.88 -1.18 -20.26
CA GLN E 20 14.50 -1.08 -21.68
C GLN E 20 13.32 -0.14 -21.93
N THR E 21 13.07 0.77 -20.99
CA THR E 21 12.00 1.77 -21.13
C THR E 21 12.54 3.18 -21.00
N SER E 22 13.78 3.29 -20.54
CA SER E 22 14.47 4.55 -20.33
C SER E 22 15.96 4.24 -20.29
N HIS E 23 16.80 5.26 -20.12
CA HIS E 23 18.23 5.00 -20.21
C HIS E 23 18.75 4.20 -18.98
N PRO E 24 19.70 3.26 -19.21
CA PRO E 24 20.19 2.43 -18.07
C PRO E 24 20.80 3.28 -16.97
N LYS E 25 20.68 2.82 -15.74
CA LYS E 25 21.10 3.53 -14.56
C LYS E 25 21.77 2.54 -13.61
N THR E 26 22.91 2.95 -13.03
CA THR E 26 23.59 2.18 -11.99
C THR E 26 23.06 2.53 -10.62
N ILE E 27 22.65 1.50 -9.88
CA ILE E 27 22.09 1.70 -8.55
C ILE E 27 22.75 0.78 -7.53
N GLU E 28 22.52 1.06 -6.26
CA GLU E 28 23.05 0.11 -5.26
C GLU E 28 21.92 -0.84 -4.96
N ALA E 29 22.20 -2.14 -5.00
CA ALA E 29 21.14 -3.14 -4.75
C ALA E 29 21.57 -4.10 -3.64
N LEU E 30 20.61 -4.55 -2.85
CA LEU E 30 20.84 -5.55 -1.79
C LEU E 30 20.92 -6.95 -2.40
N LEU E 31 21.95 -7.70 -2.01
CA LEU E 31 22.07 -9.13 -2.38
C LEU E 31 21.22 -9.99 -1.43
N ASP E 32 20.15 -10.59 -1.96
CA ASP E 32 19.10 -11.18 -1.11
C ASP E 32 18.71 -12.61 -1.52
N THR E 33 19.23 -13.57 -0.77
CA THR E 33 19.07 -14.98 -1.14
C THR E 33 17.63 -15.37 -0.74
N GLY E 34 17.01 -14.52 0.05
CA GLY E 34 15.61 -14.80 0.45
C GLY E 34 14.57 -14.24 -0.53
N ALA E 35 15.01 -13.59 -1.62
CA ALA E 35 14.09 -12.97 -2.62
C ALA E 35 13.91 -13.90 -3.81
N ASP E 36 12.67 -14.34 -4.12
CA ASP E 36 12.49 -15.23 -5.33
C ASP E 36 12.84 -14.49 -6.66
N MET E 37 12.60 -13.19 -6.67
CA MET E 37 12.64 -12.37 -7.88
C MET E 37 13.31 -11.05 -7.49
N THR E 38 14.01 -10.47 -8.45
CA THR E 38 14.72 -9.23 -8.24
C THR E 38 13.67 -8.10 -8.18
N VAL E 39 14.03 -7.03 -7.50
CA VAL E 39 13.12 -5.88 -7.35
C VAL E 39 13.79 -4.61 -7.86
N ILE E 40 13.13 -3.87 -8.75
CA ILE E 40 13.66 -2.58 -9.22
C ILE E 40 12.79 -1.38 -8.83
N PRO E 41 13.43 -0.27 -8.37
CA PRO E 41 12.62 0.89 -8.03
C PRO E 41 11.84 1.36 -9.28
N ILE E 42 10.59 1.76 -9.10
CA ILE E 42 9.83 2.34 -10.22
C ILE E 42 10.50 3.59 -10.88
N ALA E 43 11.28 4.34 -10.11
CA ALA E 43 11.95 5.55 -10.64
C ALA E 43 12.83 5.25 -11.86
N LEU E 44 13.34 4.02 -11.97
CA LEU E 44 14.17 3.66 -13.13
C LEU E 44 13.42 3.46 -14.46
N PHE E 45 12.09 3.33 -14.40
CA PHE E 45 11.27 3.12 -15.59
C PHE E 45 10.71 4.46 -16.07
N SER E 46 10.41 4.57 -17.37
CA SER E 46 9.76 5.79 -17.86
C SER E 46 8.33 5.91 -17.31
N SER E 47 7.85 7.14 -17.21
CA SER E 47 6.64 7.50 -16.45
C SER E 47 5.41 6.67 -16.75
N ASN E 48 5.14 6.45 -18.03
CA ASN E 48 3.90 5.79 -18.38
C ASN E 48 3.98 4.30 -18.75
N THR E 49 5.15 3.67 -18.58
CA THR E 49 5.34 2.31 -19.13
C THR E 49 4.30 1.42 -18.52
N PRO E 50 3.76 0.48 -19.30
CA PRO E 50 2.75 -0.40 -18.73
C PRO E 50 3.41 -1.45 -17.84
N LEU E 51 2.81 -1.66 -16.68
CA LEU E 51 3.27 -2.66 -15.71
C LEU E 51 2.05 -3.48 -15.30
N LYS E 52 2.31 -4.68 -14.80
CA LYS E 52 1.23 -5.63 -14.50
C LYS E 52 0.94 -5.78 -13.02
N ASN E 53 -0.32 -5.97 -12.67
CA ASN E 53 -0.67 -6.25 -11.30
C ASN E 53 -0.06 -7.56 -10.83
N THR E 54 0.29 -7.60 -9.55
CA THR E 54 0.90 -8.80 -9.01
C THR E 54 0.72 -8.94 -7.49
N SER E 55 0.90 -10.15 -7.00
CA SER E 55 0.74 -10.44 -5.60
C SER E 55 2.04 -10.94 -5.05
N VAL E 56 2.47 -10.36 -3.94
CA VAL E 56 3.79 -10.61 -3.36
C VAL E 56 3.62 -10.93 -1.87
N LEU E 57 4.34 -11.94 -1.39
CA LEU E 57 4.39 -12.22 0.03
C LEU E 57 5.70 -11.63 0.59
N GLY E 58 5.58 -10.80 1.60
CA GLY E 58 6.74 -10.19 2.24
C GLY E 58 6.62 -10.27 3.76
N ALA E 59 7.62 -9.77 4.47
CA ALA E 59 7.58 -9.77 5.96
C ALA E 59 6.41 -8.96 6.56
N GLY E 60 6.02 -7.88 5.89
CA GLY E 60 4.82 -7.15 6.28
C GLY E 60 3.53 -7.88 5.91
N GLY E 61 3.64 -9.10 5.40
CA GLY E 61 2.49 -9.89 4.94
C GLY E 61 2.30 -9.82 3.43
N GLN E 62 1.10 -10.16 2.98
CA GLN E 62 0.81 -10.26 1.56
C GLN E 62 0.43 -8.90 1.00
N THR E 63 0.98 -8.52 -0.15
CA THR E 63 0.58 -7.24 -0.74
C THR E 63 0.32 -7.39 -2.24
N GLN E 64 -0.79 -6.82 -2.67
CA GLN E 64 -1.15 -6.76 -4.10
C GLN E 64 -0.98 -5.37 -4.73
N ASP E 65 -0.74 -4.32 -3.93
CA ASP E 65 -0.60 -2.95 -4.46
C ASP E 65 0.85 -2.45 -4.61
N HIS E 66 1.75 -2.94 -3.77
CA HIS E 66 3.07 -2.31 -3.65
C HIS E 66 4.06 -2.66 -4.77
N PHE E 67 3.90 -3.84 -5.37
CA PHE E 67 4.78 -4.29 -6.47
C PHE E 67 4.01 -4.56 -7.73
N LYS E 68 4.66 -4.33 -8.87
CA LYS E 68 4.10 -4.73 -10.15
C LYS E 68 5.08 -5.65 -10.83
N LEU E 69 4.64 -6.33 -11.89
CA LEU E 69 5.58 -7.10 -12.75
C LEU E 69 5.85 -6.26 -13.95
N THR E 70 7.08 -6.37 -14.45
CA THR E 70 7.49 -5.63 -15.66
C THR E 70 6.77 -6.24 -16.85
N SER E 71 6.68 -5.48 -17.94
CA SER E 71 6.18 -6.00 -19.20
C SER E 71 7.32 -6.45 -20.11
N LEU E 72 8.51 -5.87 -19.97
CA LEU E 72 9.63 -6.18 -20.87
C LEU E 72 10.72 -6.78 -20.01
N PRO E 73 11.57 -7.65 -20.59
CA PRO E 73 12.72 -8.08 -19.79
C PRO E 73 13.59 -6.93 -19.25
N VAL E 74 14.33 -7.21 -18.19
CA VAL E 74 15.22 -6.20 -17.55
C VAL E 74 16.60 -6.77 -17.71
N LEU E 75 17.55 -5.97 -18.14
CA LEU E 75 18.93 -6.45 -18.27
C LEU E 75 19.80 -5.84 -17.14
N ILE E 76 20.65 -6.63 -16.53
CA ILE E 76 21.41 -6.13 -15.36
C ILE E 76 22.85 -6.47 -15.63
N ARG E 77 23.73 -5.47 -15.54
CA ARG E 77 25.16 -5.76 -15.59
C ARG E 77 25.82 -5.51 -14.24
N LEU E 78 26.62 -6.47 -13.83
CA LEU E 78 27.37 -6.38 -12.57
C LEU E 78 28.78 -5.83 -12.85
N PRO E 79 29.47 -5.32 -11.81
CA PRO E 79 30.78 -4.67 -12.04
C PRO E 79 31.79 -5.60 -12.76
N PHE E 80 31.73 -6.88 -12.41
CA PHE E 80 32.80 -7.85 -12.68
C PHE E 80 32.51 -8.88 -13.77
N ARG E 81 31.43 -8.68 -14.51
CA ARG E 81 31.19 -9.47 -15.71
C ARG E 81 30.56 -8.61 -16.80
N THR E 82 31.00 -8.84 -18.03
CA THR E 82 30.62 -8.01 -19.20
C THR E 82 29.23 -8.34 -19.77
N THR E 83 28.85 -9.60 -19.65
CA THR E 83 27.58 -10.15 -20.15
C THR E 83 26.40 -9.78 -19.22
N PRO E 84 25.25 -9.32 -19.79
CA PRO E 84 24.18 -8.99 -18.86
C PRO E 84 23.33 -10.20 -18.42
N ILE E 85 22.97 -10.20 -17.15
CA ILE E 85 21.87 -11.01 -16.63
C ILE E 85 20.60 -10.55 -17.36
N VAL E 86 19.80 -11.49 -17.88
CA VAL E 86 18.58 -11.12 -18.59
C VAL E 86 17.44 -11.72 -17.77
N LEU E 87 16.62 -10.87 -17.17
CA LEU E 87 15.49 -11.38 -16.39
C LEU E 87 14.24 -11.14 -17.21
N THR E 88 13.53 -12.23 -17.51
CA THR E 88 12.40 -12.18 -18.43
C THR E 88 11.31 -11.33 -17.83
N SER E 89 11.16 -11.41 -16.52
CA SER E 89 10.44 -10.34 -15.84
C SER E 89 10.89 -10.30 -14.41
N CYS E 90 10.62 -9.19 -13.74
CA CYS E 90 10.85 -9.12 -12.29
C CYS E 90 9.92 -8.09 -11.65
N LEU E 91 10.11 -7.85 -10.36
CA LEU E 91 9.21 -6.96 -9.62
C LEU E 91 9.68 -5.52 -9.68
N VAL E 92 8.70 -4.65 -9.57
CA VAL E 92 8.93 -3.24 -9.53
C VAL E 92 8.34 -2.72 -8.24
N ASP E 93 9.15 -2.00 -7.49
CA ASP E 93 8.69 -1.40 -6.23
C ASP E 93 8.08 -0.07 -6.55
N THR E 94 6.77 0.00 -6.45
CA THR E 94 6.08 1.23 -6.81
C THR E 94 6.14 2.29 -5.70
N LYS E 95 6.65 1.93 -4.52
CA LYS E 95 6.52 2.76 -3.30
C LYS E 95 7.88 3.13 -2.70
N ASN E 96 8.63 2.13 -2.23
CA ASN E 96 9.75 2.35 -1.27
C ASN E 96 11.13 2.42 -1.94
N ASN E 97 11.07 2.50 -3.26
CA ASN E 97 12.19 2.37 -4.19
C ASN E 97 13.34 1.42 -3.79
N TRP E 98 12.99 0.26 -3.23
CA TRP E 98 13.96 -0.81 -2.98
C TRP E 98 14.55 -1.30 -4.28
N ALA E 99 15.83 -1.64 -4.21
CA ALA E 99 16.57 -2.32 -5.28
C ALA E 99 17.15 -3.58 -4.66
N ILE E 100 16.65 -4.74 -5.08
CA ILE E 100 17.03 -6.03 -4.50
C ILE E 100 17.36 -7.00 -5.62
N ILE E 101 18.56 -7.59 -5.55
CA ILE E 101 18.98 -8.62 -6.51
C ILE E 101 18.58 -9.94 -5.87
N GLY E 102 17.64 -10.65 -6.48
CA GLY E 102 17.14 -11.92 -5.91
C GLY E 102 17.77 -13.12 -6.63
N ARG E 103 17.26 -14.32 -6.34
CA ARG E 103 17.94 -15.56 -6.76
C ARG E 103 17.80 -15.82 -8.30
N ASP E 104 16.83 -15.17 -8.93
CA ASP E 104 16.69 -15.14 -10.38
C ASP E 104 17.99 -14.59 -11.00
N ALA E 105 18.48 -13.47 -10.46
CA ALA E 105 19.68 -12.85 -10.99
C ALA E 105 20.88 -13.59 -10.45
N LEU E 106 20.83 -14.01 -9.19
CA LEU E 106 22.01 -14.72 -8.61
C LEU E 106 22.30 -16.02 -9.34
N GLN E 107 21.25 -16.72 -9.75
CA GLN E 107 21.42 -17.94 -10.53
C GLN E 107 22.27 -17.71 -11.77
N GLN E 108 21.96 -16.63 -12.47
CA GLN E 108 22.60 -16.34 -13.74
C GLN E 108 24.05 -15.91 -13.64
N CYS E 109 24.44 -15.33 -12.51
CA CYS E 109 25.85 -14.98 -12.37
C CYS E 109 26.52 -16.03 -11.51
N GLN E 110 25.83 -17.16 -11.37
CA GLN E 110 26.25 -18.33 -10.61
C GLN E 110 26.69 -18.00 -9.18
N GLY E 111 26.01 -17.07 -8.54
CA GLY E 111 26.24 -16.81 -7.11
C GLY E 111 25.89 -18.01 -6.22
N VAL E 112 26.64 -18.18 -5.14
CA VAL E 112 26.33 -19.23 -4.18
C VAL E 112 26.48 -18.68 -2.78
N LEU E 113 25.78 -19.33 -1.85
CA LEU E 113 26.04 -19.15 -0.45
C LEU E 113 27.04 -20.20 0.03
N TYR E 114 28.07 -19.77 0.75
CA TYR E 114 28.99 -20.76 1.28
C TYR E 114 28.98 -20.74 2.81
N LEU E 115 28.60 -21.86 3.39
CA LEU E 115 28.69 -22.04 4.84
C LEU E 115 29.80 -23.04 5.17
N PRO E 116 30.91 -22.57 5.75
CA PRO E 116 32.04 -23.49 5.98
C PRO E 116 31.73 -24.62 6.97
N PRO F 1 28.60 -26.23 3.65
CA PRO F 1 28.33 -26.57 2.26
C PRO F 1 28.25 -25.34 1.34
N VAL F 2 28.44 -25.59 0.05
CA VAL F 2 28.08 -24.65 -1.00
C VAL F 2 26.60 -24.83 -1.31
N ILE F 3 25.85 -23.74 -1.20
CA ILE F 3 24.41 -23.72 -1.51
C ILE F 3 24.19 -22.96 -2.81
N PRO F 4 23.69 -23.65 -3.87
CA PRO F 4 23.43 -22.99 -5.15
C PRO F 4 22.13 -22.18 -5.07
N LEU F 5 21.99 -21.17 -5.92
CA LEU F 5 20.83 -20.29 -5.79
C LEU F 5 20.00 -20.36 -7.07
N ASP F 6 18.71 -20.57 -6.90
CA ASP F 6 17.80 -20.86 -8.00
C ASP F 6 16.47 -20.20 -7.54
N PRO F 7 15.85 -19.37 -8.40
CA PRO F 7 14.60 -18.71 -8.02
C PRO F 7 13.48 -19.72 -7.71
N ALA F 8 13.58 -20.91 -8.30
CA ALA F 8 12.48 -21.89 -8.19
C ALA F 8 12.56 -22.72 -6.92
N ARG F 9 13.74 -22.73 -6.29
CA ARG F 9 13.90 -23.49 -5.05
C ARG F 9 14.44 -22.58 -3.94
N ARG F 10 13.64 -22.40 -2.91
CA ARG F 10 14.06 -21.59 -1.76
C ARG F 10 15.23 -22.27 -1.07
N PRO F 11 16.31 -21.53 -0.73
CA PRO F 11 17.43 -22.19 -0.05
C PRO F 11 17.06 -22.41 1.40
N VAL F 12 16.74 -23.65 1.76
CA VAL F 12 16.28 -23.96 3.12
C VAL F 12 17.28 -24.88 3.84
N ILE F 13 17.25 -24.87 5.17
CA ILE F 13 18.12 -25.76 6.01
C ILE F 13 17.32 -26.22 7.24
N LYS F 14 17.52 -27.46 7.67
CA LYS F 14 16.92 -27.95 8.91
C LYS F 14 17.77 -27.43 10.03
N ALA F 15 17.16 -26.82 11.04
CA ALA F 15 17.96 -26.28 12.13
C ALA F 15 17.26 -26.74 13.39
N GLN F 16 18.04 -27.10 14.42
CA GLN F 16 17.50 -27.31 15.78
C GLN F 16 17.54 -26.03 16.60
N VAL F 17 16.38 -25.51 16.95
CA VAL F 17 16.26 -24.22 17.62
C VAL F 17 15.84 -24.41 19.08
N ASP F 18 16.60 -23.86 20.00
CA ASP F 18 16.27 -23.95 21.39
C ASP F 18 16.00 -22.54 21.90
N THR F 19 14.73 -22.28 22.20
CA THR F 19 14.27 -20.99 22.72
C THR F 19 14.52 -20.82 24.22
N GLN F 20 14.99 -21.89 24.84
CA GLN F 20 15.22 -21.94 26.28
C GLN F 20 13.91 -21.76 27.05
N THR F 21 12.76 -21.82 26.38
CA THR F 21 11.50 -21.80 27.15
C THR F 21 10.75 -23.13 27.06
N SER F 22 11.27 -24.03 26.22
CA SER F 22 10.67 -25.36 25.94
C SER F 22 11.76 -26.13 25.24
N HIS F 23 11.60 -27.45 25.10
CA HIS F 23 12.74 -28.24 24.58
C HIS F 23 13.11 -27.84 23.14
N PRO F 24 14.34 -28.16 22.70
CA PRO F 24 14.72 -27.84 21.31
C PRO F 24 13.84 -28.51 20.25
N LYS F 25 13.70 -27.86 19.10
CA LYS F 25 12.81 -28.33 18.04
C LYS F 25 13.40 -28.12 16.67
N THR F 26 13.13 -29.05 15.76
CA THR F 26 13.64 -28.97 14.39
C THR F 26 12.68 -28.15 13.59
N ILE F 27 13.22 -27.16 12.87
CA ILE F 27 12.38 -26.37 11.96
C ILE F 27 13.13 -26.28 10.64
N GLU F 28 12.42 -25.94 9.57
CA GLU F 28 13.10 -25.74 8.30
C GLU F 28 13.18 -24.24 8.10
N ALA F 29 14.37 -23.70 7.96
CA ALA F 29 14.48 -22.26 7.86
C ALA F 29 15.06 -21.79 6.53
N LEU F 30 14.59 -20.63 6.08
CA LEU F 30 15.07 -19.97 4.87
C LEU F 30 16.43 -19.31 5.20
N LEU F 31 17.42 -19.56 4.36
CA LEU F 31 18.71 -18.90 4.44
C LEU F 31 18.64 -17.59 3.66
N ASP F 32 18.74 -16.47 4.40
CA ASP F 32 18.33 -15.16 3.88
C ASP F 32 19.35 -14.04 4.15
N THR F 33 20.16 -13.74 3.14
CA THR F 33 21.15 -12.67 3.31
C THR F 33 20.52 -11.28 3.36
N GLY F 34 19.26 -11.17 2.93
CA GLY F 34 18.54 -9.90 3.08
C GLY F 34 17.97 -9.62 4.47
N ALA F 35 18.14 -10.54 5.40
CA ALA F 35 17.56 -10.39 6.72
C ALA F 35 18.63 -10.00 7.71
N ASP F 36 18.43 -8.85 8.35
CA ASP F 36 19.38 -8.31 9.35
C ASP F 36 19.38 -9.19 10.59
N MET F 37 18.21 -9.76 10.91
CA MET F 37 17.96 -10.55 12.13
C MET F 37 17.22 -11.83 11.77
N THR F 38 17.45 -12.85 12.59
CA THR F 38 16.78 -14.19 12.45
C THR F 38 15.33 -14.13 12.92
N VAL F 39 14.46 -14.91 12.29
CA VAL F 39 13.04 -14.96 12.66
C VAL F 39 12.75 -16.42 13.03
N ILE F 40 12.14 -16.67 14.18
CA ILE F 40 11.69 -18.03 14.48
C ILE F 40 10.18 -18.00 14.78
N PRO F 41 9.51 -19.15 14.56
CA PRO F 41 8.05 -19.07 14.74
C PRO F 41 7.67 -19.05 16.22
N ILE F 42 6.61 -18.30 16.54
CA ILE F 42 6.06 -18.25 17.91
C ILE F 42 5.66 -19.65 18.41
N ALA F 43 5.35 -20.54 17.47
CA ALA F 43 4.98 -21.92 17.82
C ALA F 43 6.07 -22.63 18.64
N LEU F 44 7.31 -22.18 18.56
CA LEU F 44 8.37 -22.80 19.39
C LEU F 44 8.32 -22.46 20.88
N PHE F 45 7.51 -21.47 21.24
CA PHE F 45 7.51 -20.92 22.59
C PHE F 45 6.29 -21.42 23.30
N SER F 46 6.43 -21.56 24.62
CA SER F 46 5.29 -21.82 25.48
C SER F 46 4.38 -20.59 25.42
N SER F 47 3.09 -20.87 25.23
CA SER F 47 2.06 -19.83 25.05
C SER F 47 2.01 -18.76 26.15
N ASN F 48 2.81 -18.90 27.20
CA ASN F 48 2.90 -17.93 28.29
C ASN F 48 4.17 -17.05 28.30
N THR F 49 5.03 -17.19 27.28
CA THR F 49 6.31 -16.51 27.28
C THR F 49 6.16 -14.98 27.13
N PRO F 50 6.89 -14.21 27.96
CA PRO F 50 6.90 -12.75 27.78
C PRO F 50 7.77 -12.34 26.60
N LEU F 51 7.21 -11.63 25.63
CA LEU F 51 8.01 -11.19 24.48
C LEU F 51 7.75 -9.74 24.15
N LYS F 52 8.82 -9.01 23.79
CA LYS F 52 8.76 -7.55 23.60
C LYS F 52 8.17 -7.19 22.24
N ASN F 53 7.33 -6.15 22.22
CA ASN F 53 6.80 -5.62 20.97
C ASN F 53 7.93 -4.99 20.19
N THR F 54 7.81 -5.01 18.88
CA THR F 54 8.82 -4.41 18.04
C THR F 54 8.22 -4.08 16.70
N SER F 55 8.90 -3.19 15.98
CA SER F 55 8.46 -2.74 14.67
C SER F 55 9.41 -3.28 13.60
N VAL F 56 8.88 -3.84 12.51
CA VAL F 56 9.74 -4.46 11.51
C VAL F 56 9.45 -3.91 10.13
N LEU F 57 10.50 -3.61 9.38
CA LEU F 57 10.32 -3.12 8.02
C LEU F 57 10.52 -4.32 7.06
N GLY F 58 9.48 -4.67 6.31
CA GLY F 58 9.52 -5.81 5.36
C GLY F 58 9.08 -5.40 3.97
N ALA F 59 8.97 -6.37 3.04
CA ALA F 59 8.46 -6.04 1.68
C ALA F 59 7.03 -5.46 1.69
N GLY F 60 6.15 -5.99 2.55
CA GLY F 60 4.77 -5.50 2.65
C GLY F 60 4.61 -4.22 3.45
N GLY F 61 5.66 -3.39 3.50
CA GLY F 61 5.66 -2.18 4.36
C GLY F 61 5.92 -2.51 5.83
N GLN F 62 5.79 -1.49 6.71
CA GLN F 62 6.13 -1.58 8.14
C GLN F 62 5.07 -2.33 8.91
N THR F 63 5.46 -3.37 9.65
CA THR F 63 4.55 -4.00 10.62
C THR F 63 4.99 -3.79 12.06
N GLN F 64 4.00 -3.52 12.92
CA GLN F 64 4.21 -3.26 14.34
C GLN F 64 3.66 -4.38 15.20
N ASP F 65 2.75 -5.18 14.64
CA ASP F 65 2.08 -6.24 15.41
C ASP F 65 2.62 -7.64 15.13
N HIS F 66 3.13 -7.86 13.93
CA HIS F 66 3.41 -9.24 13.46
C HIS F 66 4.59 -9.94 14.19
N PHE F 67 5.57 -9.17 14.61
CA PHE F 67 6.80 -9.72 15.18
C PHE F 67 6.96 -9.26 16.58
N LYS F 68 7.63 -10.11 17.37
CA LYS F 68 7.98 -9.79 18.74
C LYS F 68 9.47 -10.04 18.83
N LEU F 69 10.05 -9.66 19.96
CA LEU F 69 11.49 -9.81 20.20
C LEU F 69 11.66 -10.76 21.40
N THR F 70 12.60 -11.69 21.32
CA THR F 70 12.80 -12.67 22.40
C THR F 70 13.27 -11.95 23.64
N SER F 71 13.06 -12.55 24.81
CA SER F 71 13.69 -11.99 26.02
C SER F 71 14.99 -12.71 26.42
N LEU F 72 15.21 -13.90 25.86
CA LEU F 72 16.34 -14.75 26.24
C LEU F 72 17.04 -15.14 24.95
N PRO F 73 18.36 -15.37 25.00
CA PRO F 73 19.05 -15.79 23.78
C PRO F 73 18.42 -17.07 23.20
N VAL F 74 18.59 -17.27 21.91
CA VAL F 74 18.09 -18.45 21.21
C VAL F 74 19.30 -19.19 20.70
N LEU F 75 19.31 -20.50 20.85
CA LEU F 75 20.47 -21.31 20.46
C LEU F 75 20.05 -22.10 19.23
N ILE F 76 20.89 -22.09 18.20
CA ILE F 76 20.56 -22.73 16.93
C ILE F 76 21.66 -23.72 16.54
N ARG F 77 21.26 -24.94 16.24
CA ARG F 77 22.24 -25.94 15.85
C ARG F 77 22.00 -26.26 14.38
N LEU F 78 23.05 -26.08 13.58
CA LEU F 78 23.01 -26.42 12.17
C LEU F 78 23.58 -27.81 11.96
N PRO F 79 23.08 -28.56 10.95
CA PRO F 79 23.47 -29.97 10.84
C PRO F 79 24.98 -30.22 10.68
N PHE F 80 25.70 -29.21 10.18
CA PHE F 80 27.12 -29.37 9.79
C PHE F 80 28.10 -28.74 10.78
N ARG F 81 27.60 -28.29 11.92
CA ARG F 81 28.50 -27.87 13.00
C ARG F 81 27.98 -28.21 14.40
N THR F 82 28.91 -28.62 15.26
CA THR F 82 28.59 -29.09 16.61
C THR F 82 28.30 -27.94 17.59
N THR F 83 29.06 -26.85 17.48
CA THR F 83 28.86 -25.64 18.28
C THR F 83 27.51 -24.99 17.97
N PRO F 84 26.74 -24.61 18.99
CA PRO F 84 25.55 -23.84 18.62
C PRO F 84 25.88 -22.41 18.22
N ILE F 85 25.07 -21.85 17.33
CA ILE F 85 25.00 -20.41 17.13
C ILE F 85 24.15 -19.99 18.32
N VAL F 86 24.50 -18.87 18.95
CA VAL F 86 23.78 -18.31 20.08
C VAL F 86 23.40 -16.89 19.68
N LEU F 87 22.12 -16.61 19.59
CA LEU F 87 21.74 -15.29 19.18
C LEU F 87 21.23 -14.61 20.41
N THR F 88 21.79 -13.43 20.70
CA THR F 88 21.44 -12.72 21.93
C THR F 88 19.95 -12.39 21.95
N SER F 89 19.46 -11.87 20.85
CA SER F 89 18.02 -11.71 20.67
C SER F 89 17.68 -12.01 19.24
N CYS F 90 16.46 -12.48 18.99
CA CYS F 90 15.98 -12.51 17.58
C CYS F 90 14.49 -12.23 17.47
N LEU F 91 13.99 -12.16 16.23
CA LEU F 91 12.58 -11.93 15.96
C LEU F 91 11.74 -13.20 16.07
N VAL F 92 10.47 -12.99 16.43
CA VAL F 92 9.50 -14.08 16.62
C VAL F 92 8.26 -13.71 15.81
N ASP F 93 7.95 -14.59 14.87
CA ASP F 93 6.79 -14.38 14.01
C ASP F 93 5.55 -14.95 14.70
N THR F 94 4.66 -14.06 15.15
CA THR F 94 3.47 -14.49 15.90
C THR F 94 2.29 -14.78 14.97
N LYS F 95 2.38 -14.34 13.75
CA LYS F 95 1.32 -14.51 12.76
C LYS F 95 1.52 -15.78 11.94
N ASN F 96 2.58 -15.81 11.12
CA ASN F 96 2.77 -16.83 10.07
C ASN F 96 3.74 -17.96 10.39
N ASN F 97 4.29 -17.92 11.60
CA ASN F 97 5.26 -18.91 12.00
C ASN F 97 6.36 -19.18 10.95
N TRP F 98 6.81 -18.13 10.25
CA TRP F 98 8.01 -18.17 9.39
C TRP F 98 9.24 -18.52 10.20
N ALA F 99 10.24 -19.09 9.51
CA ALA F 99 11.57 -19.38 10.08
C ALA F 99 12.66 -18.94 9.07
N ILE F 100 13.43 -17.92 9.44
CA ILE F 100 14.39 -17.29 8.54
C ILE F 100 15.73 -17.12 9.30
N ILE F 101 16.79 -17.72 8.77
CA ILE F 101 18.15 -17.58 9.29
C ILE F 101 18.69 -16.32 8.63
N GLY F 102 18.93 -15.28 9.45
CA GLY F 102 19.42 -13.98 8.95
C GLY F 102 20.91 -13.81 9.08
N ARG F 103 21.40 -12.59 8.85
CA ARG F 103 22.88 -12.42 8.80
C ARG F 103 23.54 -12.52 10.15
N ASP F 104 22.75 -12.27 11.21
CA ASP F 104 23.25 -12.43 12.58
C ASP F 104 23.76 -13.86 12.77
N ALA F 105 22.95 -14.80 12.29
CA ALA F 105 23.26 -16.24 12.41
C ALA F 105 24.34 -16.63 11.40
N LEU F 106 24.23 -16.15 10.18
CA LEU F 106 25.20 -16.43 9.10
C LEU F 106 26.61 -15.94 9.42
N GLN F 107 26.71 -14.77 10.05
CA GLN F 107 28.01 -14.29 10.52
C GLN F 107 28.66 -15.28 11.51
N GLN F 108 27.86 -15.77 12.47
CA GLN F 108 28.39 -16.73 13.44
C GLN F 108 28.88 -18.04 12.83
N CYS F 109 28.36 -18.43 11.67
CA CYS F 109 28.96 -19.59 11.01
C CYS F 109 29.92 -19.26 9.88
N GLN F 110 30.36 -17.99 9.86
CA GLN F 110 31.28 -17.47 8.83
C GLN F 110 30.78 -17.63 7.39
N GLY F 111 29.47 -17.55 7.22
CA GLY F 111 28.87 -17.58 5.91
C GLY F 111 29.25 -16.43 5.00
N VAL F 112 29.36 -16.74 3.71
CA VAL F 112 29.67 -15.73 2.73
C VAL F 112 28.76 -15.89 1.50
N LEU F 113 28.59 -14.80 0.78
CA LEU F 113 28.10 -14.87 -0.56
C LEU F 113 29.30 -14.84 -1.48
N TYR F 114 29.29 -15.74 -2.44
CA TYR F 114 30.32 -15.78 -3.46
C TYR F 114 29.69 -15.57 -4.86
N LEU F 115 30.16 -14.53 -5.54
CA LEU F 115 29.78 -14.30 -6.92
C LEU F 115 31.04 -14.36 -7.76
N PRO F 116 31.09 -15.31 -8.71
CA PRO F 116 32.34 -15.54 -9.45
C PRO F 116 32.69 -14.33 -10.32
N PRO G 1 -30.90 22.75 -7.77
CA PRO G 1 -31.57 21.47 -7.88
C PRO G 1 -31.36 20.58 -6.66
N VAL G 2 -32.31 19.69 -6.42
CA VAL G 2 -32.19 18.68 -5.37
C VAL G 2 -31.62 17.46 -6.06
N ILE G 3 -30.56 16.88 -5.48
CA ILE G 3 -29.90 15.71 -6.07
C ILE G 3 -29.99 14.57 -5.04
N PRO G 4 -30.85 13.57 -5.30
CA PRO G 4 -31.04 12.41 -4.44
C PRO G 4 -29.76 11.62 -4.39
N LEU G 5 -29.51 10.94 -3.28
CA LEU G 5 -28.26 10.19 -3.13
C LEU G 5 -28.57 8.73 -3.18
N ASP G 6 -27.82 8.01 -4.01
CA ASP G 6 -28.16 6.67 -4.43
C ASP G 6 -26.83 5.95 -4.71
N PRO G 7 -26.55 4.82 -4.01
CA PRO G 7 -25.28 4.16 -4.32
C PRO G 7 -25.08 3.77 -5.80
N ALA G 8 -26.17 3.43 -6.49
CA ALA G 8 -26.09 2.95 -7.90
C ALA G 8 -25.95 4.06 -8.94
N ARG G 9 -26.24 5.28 -8.55
CA ARG G 9 -26.19 6.38 -9.51
C ARG G 9 -25.45 7.55 -8.92
N ARG G 10 -24.27 7.83 -9.46
CA ARG G 10 -23.41 8.91 -8.93
C ARG G 10 -24.02 10.29 -9.10
N PRO G 11 -24.00 11.14 -8.03
CA PRO G 11 -24.53 12.53 -8.14
C PRO G 11 -23.66 13.39 -9.07
N VAL G 12 -24.17 13.77 -10.24
CA VAL G 12 -23.33 14.43 -11.27
C VAL G 12 -24.00 15.69 -11.74
N ILE G 13 -23.20 16.59 -12.28
CA ILE G 13 -23.73 17.83 -12.84
C ILE G 13 -22.90 18.16 -14.06
N LYS G 14 -23.51 18.80 -15.06
CA LYS G 14 -22.75 19.31 -16.19
C LYS G 14 -22.23 20.68 -15.82
N ALA G 15 -20.96 20.92 -16.03
CA ALA G 15 -20.40 22.20 -15.61
C ALA G 15 -19.42 22.71 -16.65
N GLN G 16 -19.41 24.03 -16.88
CA GLN G 16 -18.47 24.59 -17.86
C GLN G 16 -17.21 25.05 -17.18
N VAL G 17 -16.09 24.42 -17.50
CA VAL G 17 -14.83 24.72 -16.81
C VAL G 17 -13.91 25.59 -17.65
N ASP G 18 -13.51 26.73 -17.10
CA ASP G 18 -12.56 27.60 -17.77
C ASP G 18 -11.20 27.60 -17.05
N THR G 19 -10.25 26.82 -17.56
CA THR G 19 -8.91 26.73 -16.99
C THR G 19 -8.03 27.98 -17.30
N GLN G 20 -8.57 28.88 -18.12
CA GLN G 20 -7.90 30.11 -18.62
C GLN G 20 -6.64 29.81 -19.47
N THR G 21 -6.56 28.58 -20.00
CA THR G 21 -5.42 28.15 -20.82
C THR G 21 -5.88 27.58 -22.16
N SER G 22 -7.19 27.65 -22.41
CA SER G 22 -7.85 26.91 -23.48
C SER G 22 -9.29 27.34 -23.43
N HIS G 23 -10.03 27.24 -24.52
CA HIS G 23 -11.43 27.67 -24.42
C HIS G 23 -12.20 26.85 -23.38
N PRO G 24 -13.19 27.49 -22.74
CA PRO G 24 -14.00 26.81 -21.72
C PRO G 24 -14.70 25.59 -22.30
N LYS G 25 -14.83 24.53 -21.51
CA LYS G 25 -15.41 23.30 -21.94
C LYS G 25 -16.39 22.74 -20.90
N THR G 26 -17.57 22.31 -21.36
CA THR G 26 -18.54 21.64 -20.47
C THR G 26 -18.22 20.16 -20.26
N ILE G 27 -18.09 19.77 -18.99
CA ILE G 27 -17.78 18.38 -18.63
C ILE G 27 -18.81 17.87 -17.66
N GLU G 28 -18.92 16.55 -17.53
CA GLU G 28 -19.78 15.97 -16.49
C GLU G 28 -18.93 15.82 -15.20
N ALA G 29 -19.37 16.39 -14.08
CA ALA G 29 -18.55 16.29 -12.86
C ALA G 29 -19.30 15.62 -11.69
N LEU G 30 -18.58 14.80 -10.94
CA LEU G 30 -19.08 14.22 -9.66
C LEU G 30 -19.24 15.26 -8.55
N LEU G 31 -20.40 15.28 -7.91
CA LEU G 31 -20.58 16.15 -6.76
C LEU G 31 -20.09 15.43 -5.51
N ASP G 32 -18.99 15.92 -4.93
CA ASP G 32 -18.25 15.12 -3.91
C ASP G 32 -17.94 15.87 -2.60
N THR G 33 -18.79 15.66 -1.61
CA THR G 33 -18.68 16.34 -0.33
C THR G 33 -17.45 15.81 0.40
N GLY G 34 -16.90 14.67 -0.04
CA GLY G 34 -15.68 14.17 0.59
C GLY G 34 -14.38 14.72 -0.03
N ALA G 35 -14.52 15.53 -1.09
CA ALA G 35 -13.34 16.17 -1.74
C ALA G 35 -13.01 17.54 -1.15
N ASP G 36 -11.80 17.72 -0.62
CA ASP G 36 -11.38 19.04 -0.12
C ASP G 36 -11.28 20.11 -1.27
N MET G 37 -10.85 19.66 -2.43
CA MET G 37 -10.78 20.53 -3.60
C MET G 37 -11.19 19.83 -4.89
N THR G 38 -11.40 20.65 -5.91
CA THR G 38 -12.00 20.25 -7.15
C THR G 38 -10.89 19.63 -7.97
N VAL G 39 -11.26 18.64 -8.76
CA VAL G 39 -10.33 18.01 -9.67
C VAL G 39 -10.80 18.23 -11.09
N ILE G 40 -9.88 18.69 -11.93
CA ILE G 40 -10.12 18.91 -13.37
C ILE G 40 -9.25 17.97 -14.22
N PRO G 41 -9.80 17.36 -15.28
CA PRO G 41 -8.99 16.48 -16.16
C PRO G 41 -7.92 17.31 -16.86
N ILE G 42 -6.72 16.74 -16.99
CA ILE G 42 -5.63 17.47 -17.67
C ILE G 42 -5.97 17.85 -19.11
N ALA G 43 -6.81 17.06 -19.76
CA ALA G 43 -7.22 17.36 -21.11
C ALA G 43 -7.82 18.77 -21.27
N LEU G 44 -8.30 19.38 -20.18
CA LEU G 44 -8.88 20.75 -20.30
C LEU G 44 -7.85 21.89 -20.30
N PHE G 45 -6.56 21.54 -20.25
CA PHE G 45 -5.49 22.53 -20.26
C PHE G 45 -4.71 22.38 -21.53
N SER G 46 -4.10 23.48 -21.98
CA SER G 46 -3.21 23.41 -23.15
C SER G 46 -1.99 22.56 -22.81
N SER G 47 -1.45 21.88 -23.82
CA SER G 47 -0.37 20.89 -23.66
C SER G 47 0.83 21.40 -22.86
N ASN G 48 1.15 22.68 -23.02
CA ASN G 48 2.36 23.24 -22.43
C ASN G 48 2.24 23.89 -21.04
N THR G 49 1.02 24.25 -20.62
CA THR G 49 0.84 25.09 -19.41
C THR G 49 1.67 24.63 -18.20
N PRO G 50 2.18 25.58 -17.42
CA PRO G 50 2.87 25.18 -16.18
C PRO G 50 1.90 24.67 -15.12
N LEU G 51 2.17 23.48 -14.58
CA LEU G 51 1.39 22.92 -13.47
C LEU G 51 2.35 22.50 -12.34
N LYS G 52 1.87 22.51 -11.10
CA LYS G 52 2.73 22.23 -9.96
C LYS G 52 2.61 20.79 -9.46
N ASN G 53 3.73 20.12 -9.19
CA ASN G 53 3.72 18.82 -8.56
C ASN G 53 3.09 18.95 -7.19
N THR G 54 2.40 17.90 -6.77
CA THR G 54 1.70 17.94 -5.51
C THR G 54 1.46 16.53 -4.97
N SER G 55 1.19 16.46 -3.68
CA SER G 55 0.89 15.19 -3.03
C SER G 55 -0.59 15.13 -2.68
N VAL G 56 -1.25 14.03 -3.04
CA VAL G 56 -2.68 13.92 -2.72
C VAL G 56 -2.98 12.60 -2.03
N LEU G 57 -3.80 12.67 -1.00
CA LEU G 57 -4.24 11.48 -0.26
C LEU G 57 -5.64 11.08 -0.71
N GLY G 58 -5.75 9.85 -1.20
CA GLY G 58 -7.05 9.30 -1.65
C GLY G 58 -7.27 7.90 -1.10
N ALA G 59 -8.34 7.24 -1.55
CA ALA G 59 -8.66 5.89 -1.04
C ALA G 59 -7.57 4.85 -1.32
N GLY G 60 -6.80 5.04 -2.39
CA GLY G 60 -5.67 4.15 -2.69
C GLY G 60 -4.43 4.41 -1.86
N GLY G 61 -4.47 5.45 -1.03
CA GLY G 61 -3.29 5.95 -0.33
C GLY G 61 -2.73 7.21 -0.99
N GLN G 62 -1.46 7.49 -0.72
CA GLN G 62 -0.81 8.72 -1.11
C GLN G 62 -0.33 8.61 -2.52
N THR G 63 -0.62 9.63 -3.32
CA THR G 63 -0.01 9.69 -4.64
C THR G 63 0.72 11.01 -4.84
N GLN G 64 1.91 10.89 -5.41
CA GLN G 64 2.78 12.03 -5.68
C GLN G 64 2.80 12.39 -7.17
N ASP G 65 2.39 11.47 -8.04
CA ASP G 65 2.41 11.74 -9.50
C ASP G 65 1.08 11.80 -10.22
N HIS G 66 -0.04 11.48 -9.58
CA HIS G 66 -1.28 11.41 -10.33
C HIS G 66 -1.86 12.79 -10.59
N PHE G 67 -1.66 13.69 -9.65
CA PHE G 67 -2.30 15.02 -9.69
C PHE G 67 -1.26 16.10 -9.67
N LYS G 68 -1.60 17.19 -10.36
CA LYS G 68 -0.85 18.43 -10.32
C LYS G 68 -1.78 19.50 -9.74
N LEU G 69 -1.18 20.62 -9.35
CA LEU G 69 -1.91 21.82 -8.93
C LEU G 69 -1.86 22.85 -10.06
N THR G 70 -2.96 23.58 -10.24
CA THR G 70 -3.02 24.62 -11.25
C THR G 70 -2.08 25.75 -10.89
N SER G 71 -1.73 26.54 -11.90
CA SER G 71 -1.03 27.80 -11.69
C SER G 71 -1.96 29.03 -11.78
N LEU G 72 -3.06 28.92 -12.53
CA LEU G 72 -4.05 30.01 -12.64
C LEU G 72 -5.39 29.62 -12.05
N PRO G 73 -6.17 30.60 -11.55
CA PRO G 73 -7.52 30.25 -11.08
C PRO G 73 -8.31 29.52 -12.15
N VAL G 74 -9.28 28.74 -11.70
CA VAL G 74 -10.16 27.99 -12.61
C VAL G 74 -11.57 28.62 -12.45
N LEU G 75 -12.26 28.93 -13.55
CA LEU G 75 -13.63 29.44 -13.41
C LEU G 75 -14.60 28.33 -13.76
N ILE G 76 -15.67 28.20 -12.98
CA ILE G 76 -16.63 27.13 -13.19
C ILE G 76 -18.05 27.69 -13.24
N ARG G 77 -18.77 27.36 -14.31
CA ARG G 77 -20.13 27.81 -14.46
C ARG G 77 -21.06 26.62 -14.43
N LEU G 78 -22.05 26.72 -13.57
CA LEU G 78 -23.07 25.71 -13.40
C LEU G 78 -24.27 26.04 -14.29
N PRO G 79 -25.09 25.02 -14.66
CA PRO G 79 -26.29 25.23 -15.49
C PRO G 79 -27.20 26.32 -14.93
N PHE G 80 -27.40 26.29 -13.61
CA PHE G 80 -28.42 27.08 -12.91
C PHE G 80 -27.93 28.40 -12.30
N ARG G 81 -26.68 28.76 -12.59
CA ARG G 81 -26.07 29.99 -12.05
C ARG G 81 -25.31 30.76 -13.12
N THR G 82 -25.51 32.08 -13.17
CA THR G 82 -24.84 32.95 -14.15
C THR G 82 -23.41 33.34 -13.74
N THR G 83 -23.23 33.60 -12.45
CA THR G 83 -21.94 33.96 -11.86
C THR G 83 -20.99 32.73 -11.84
N PRO G 84 -19.72 32.89 -12.24
CA PRO G 84 -18.83 31.74 -12.10
C PRO G 84 -18.36 31.53 -10.65
N ILE G 85 -18.11 30.28 -10.32
CA ILE G 85 -17.31 29.86 -9.17
C ILE G 85 -15.89 30.26 -9.59
N VAL G 86 -15.10 30.78 -8.65
CA VAL G 86 -13.70 31.05 -8.96
C VAL G 86 -12.86 30.30 -7.95
N LEU G 87 -12.10 29.33 -8.45
CA LEU G 87 -11.22 28.57 -7.58
C LEU G 87 -9.83 29.03 -7.75
N THR G 88 -9.23 29.47 -6.65
CA THR G 88 -7.90 30.09 -6.72
C THR G 88 -6.93 29.08 -7.22
N SER G 89 -7.17 27.85 -6.78
CA SER G 89 -6.28 26.73 -6.94
C SER G 89 -7.18 25.48 -7.00
N CYS G 90 -6.86 24.53 -7.87
CA CYS G 90 -7.41 23.18 -7.68
C CYS G 90 -6.54 22.13 -8.32
N LEU G 91 -6.98 20.88 -8.27
CA LEU G 91 -6.14 19.74 -8.64
C LEU G 91 -6.41 19.39 -10.08
N VAL G 92 -5.42 18.77 -10.72
CA VAL G 92 -5.54 18.38 -12.09
C VAL G 92 -5.26 16.89 -12.19
N ASP G 93 -6.20 16.12 -12.72
CA ASP G 93 -5.90 14.69 -12.91
C ASP G 93 -5.09 14.42 -14.21
N THR G 94 -3.85 13.96 -14.06
CA THR G 94 -2.91 13.79 -15.17
C THR G 94 -3.06 12.43 -15.81
N LYS G 95 -3.92 11.57 -15.23
CA LYS G 95 -4.02 10.18 -15.67
C LYS G 95 -5.40 9.77 -16.12
N ASN G 96 -6.30 9.64 -15.17
CA ASN G 96 -7.61 9.03 -15.40
C ASN G 96 -8.76 10.00 -15.72
N ASN G 97 -8.48 11.28 -15.66
CA ASN G 97 -9.37 12.19 -16.31
C ASN G 97 -10.70 12.28 -15.50
N TRP G 98 -10.58 12.18 -14.17
CA TRP G 98 -11.66 12.54 -13.21
C TRP G 98 -12.03 13.99 -13.34
N ALA G 99 -13.33 14.30 -13.18
CA ALA G 99 -13.82 15.66 -12.98
C ALA G 99 -14.71 15.58 -11.73
N ILE G 100 -14.26 16.27 -10.69
CA ILE G 100 -14.86 16.19 -9.34
C ILE G 100 -15.01 17.58 -8.80
N ILE G 101 -16.23 17.88 -8.39
CA ILE G 101 -16.54 19.18 -7.86
C ILE G 101 -16.51 18.99 -6.31
N GLY G 102 -15.52 19.59 -5.64
CA GLY G 102 -15.30 19.34 -4.19
C GLY G 102 -15.94 20.45 -3.36
N ARG G 103 -15.62 20.49 -2.08
CA ARG G 103 -16.23 21.52 -1.19
C ARG G 103 -15.83 23.00 -1.42
N ASP G 104 -14.68 23.23 -2.04
CA ASP G 104 -14.31 24.58 -2.44
C ASP G 104 -15.36 25.16 -3.40
N ALA G 105 -15.72 24.39 -4.42
CA ALA G 105 -16.71 24.81 -5.39
C ALA G 105 -18.07 24.83 -4.72
N LEU G 106 -18.37 23.77 -3.96
CA LEU G 106 -19.68 23.66 -3.26
C LEU G 106 -19.97 24.80 -2.32
N GLN G 107 -18.96 25.26 -1.58
CA GLN G 107 -19.13 26.46 -0.76
C GLN G 107 -19.56 27.71 -1.57
N GLN G 108 -18.94 27.91 -2.73
CA GLN G 108 -19.19 29.15 -3.49
C GLN G 108 -20.57 29.12 -4.08
N CYS G 109 -21.01 27.89 -4.29
CA CYS G 109 -22.34 27.48 -4.71
C CYS G 109 -23.42 27.62 -3.69
N GLN G 110 -22.98 27.71 -2.42
CA GLN G 110 -23.83 27.53 -1.23
C GLN G 110 -24.52 26.16 -1.21
N GLY G 111 -23.86 25.14 -1.77
CA GLY G 111 -24.39 23.76 -1.76
C GLY G 111 -24.45 23.24 -0.34
N VAL G 112 -25.48 22.47 -0.01
CA VAL G 112 -25.59 21.84 1.30
C VAL G 112 -26.00 20.39 1.18
N LEU G 113 -25.65 19.64 2.22
CA LEU G 113 -26.18 18.31 2.41
C LEU G 113 -27.37 18.42 3.34
N TYR G 114 -28.48 17.82 2.92
CA TYR G 114 -29.64 17.75 3.79
C TYR G 114 -29.94 16.30 4.23
N LEU G 115 -29.90 16.06 5.53
CA LEU G 115 -30.36 14.80 6.13
C LEU G 115 -31.61 15.07 6.96
N PRO G 116 -32.76 14.57 6.50
CA PRO G 116 -34.06 14.71 7.18
C PRO G 116 -34.00 14.31 8.67
N PRO H 1 -30.54 17.36 9.77
CA PRO H 1 -29.91 18.67 9.71
C PRO H 1 -29.43 19.05 8.30
N VAL H 2 -29.30 20.36 8.10
CA VAL H 2 -28.68 20.95 6.95
C VAL H 2 -27.23 21.08 7.32
N ILE H 3 -26.38 20.54 6.45
CA ILE H 3 -24.93 20.55 6.67
C ILE H 3 -24.25 21.45 5.60
N PRO H 4 -23.74 22.63 6.01
CA PRO H 4 -22.98 23.44 5.07
C PRO H 4 -21.67 22.81 4.63
N LEU H 5 -21.20 23.24 3.48
CA LEU H 5 -20.00 22.65 2.92
C LEU H 5 -18.94 23.73 2.87
N ASP H 6 -17.74 23.37 3.29
CA ASP H 6 -16.70 24.36 3.49
C ASP H 6 -15.42 23.58 3.27
N PRO H 7 -14.55 24.05 2.34
CA PRO H 7 -13.35 23.23 2.02
C PRO H 7 -12.43 23.01 3.21
N ALA H 8 -12.45 23.96 4.14
CA ALA H 8 -11.56 23.97 5.28
C ALA H 8 -12.02 23.06 6.42
N ARG H 9 -13.27 22.55 6.33
CA ARG H 9 -13.90 21.76 7.40
C ARG H 9 -14.55 20.51 6.84
N ARG H 10 -13.98 19.36 7.18
CA ARG H 10 -14.55 18.09 6.72
C ARG H 10 -15.93 17.92 7.33
N PRO H 11 -16.98 17.63 6.50
CA PRO H 11 -18.30 17.38 7.09
C PRO H 11 -18.30 16.00 7.77
N VAL H 12 -18.28 16.05 9.10
CA VAL H 12 -18.26 14.83 9.91
C VAL H 12 -19.51 14.69 10.79
N ILE H 13 -19.81 13.45 11.16
CA ILE H 13 -20.90 13.06 12.06
C ILE H 13 -20.43 11.88 12.96
N LYS H 14 -20.88 11.88 14.21
CA LYS H 14 -20.75 10.81 15.17
C LYS H 14 -21.72 9.73 14.78
N ALA H 15 -21.27 8.49 14.65
CA ALA H 15 -22.21 7.44 14.27
C ALA H 15 -21.93 6.32 15.20
N GLN H 16 -22.97 5.63 15.63
CA GLN H 16 -22.75 4.41 16.43
C GLN H 16 -22.81 3.23 15.49
N VAL H 17 -21.71 2.50 15.43
CA VAL H 17 -21.59 1.40 14.45
C VAL H 17 -21.59 0.03 15.14
N ASP H 18 -22.48 -0.85 14.69
CA ASP H 18 -22.52 -2.18 15.24
C ASP H 18 -22.12 -3.17 14.16
N THR H 19 -20.92 -3.73 14.25
CA THR H 19 -20.48 -4.68 13.21
C THR H 19 -21.02 -6.11 13.47
N GLN H 20 -21.73 -6.27 14.60
CA GLN H 20 -22.24 -7.60 15.05
C GLN H 20 -21.13 -8.58 15.35
N THR H 21 -19.91 -8.07 15.53
CA THR H 21 -18.78 -8.93 16.00
C THR H 21 -18.22 -8.51 17.36
N SER H 22 -18.68 -7.36 17.88
CA SER H 22 -18.35 -6.88 19.24
C SER H 22 -19.42 -5.86 19.54
N HIS H 23 -19.34 -5.18 20.68
CA HIS H 23 -20.40 -4.20 21.03
C HIS H 23 -20.41 -2.97 20.12
N PRO H 24 -21.56 -2.25 20.01
CA PRO H 24 -21.59 -1.07 19.15
C PRO H 24 -20.63 0.03 19.65
N LYS H 25 -20.01 0.73 18.72
CA LYS H 25 -19.05 1.78 19.05
C LYS H 25 -19.23 3.05 18.28
N THR H 26 -18.79 4.15 18.88
CA THR H 26 -18.90 5.48 18.30
C THR H 26 -17.68 5.75 17.44
N ILE H 27 -17.92 6.18 16.21
CA ILE H 27 -16.84 6.62 15.37
C ILE H 27 -17.24 7.98 14.79
N GLU H 28 -16.25 8.72 14.31
CA GLU H 28 -16.55 10.01 13.68
C GLU H 28 -16.37 9.81 12.20
N ALA H 29 -17.42 10.01 11.41
CA ALA H 29 -17.37 9.64 9.99
C ALA H 29 -17.58 10.82 9.03
N LEU H 30 -16.77 10.87 7.98
CA LEU H 30 -16.91 11.82 6.88
C LEU H 30 -18.18 11.54 6.06
N LEU H 31 -19.01 12.57 5.84
CA LEU H 31 -20.17 12.47 4.99
C LEU H 31 -19.75 12.71 3.54
N ASP H 32 -19.74 11.62 2.79
CA ASP H 32 -19.08 11.60 1.53
C ASP H 32 -20.01 11.25 0.34
N THR H 33 -20.55 12.25 -0.39
CA THR H 33 -21.43 11.92 -1.53
C THR H 33 -20.64 11.29 -2.69
N GLY H 34 -19.32 11.41 -2.71
CA GLY H 34 -18.59 10.71 -3.77
C GLY H 34 -18.33 9.23 -3.50
N ALA H 35 -18.72 8.73 -2.34
CA ALA H 35 -18.44 7.32 -1.99
C ALA H 35 -19.68 6.48 -2.32
N ASP H 36 -19.51 5.48 -3.17
CA ASP H 36 -20.56 4.50 -3.48
C ASP H 36 -20.96 3.64 -2.30
N MET H 37 -19.99 3.40 -1.42
CA MET H 37 -20.16 2.49 -0.28
C MET H 37 -19.55 3.07 0.95
N THR H 38 -20.04 2.63 2.09
CA THR H 38 -19.59 3.12 3.38
C THR H 38 -18.30 2.36 3.76
N VAL H 39 -17.42 3.06 4.49
CA VAL H 39 -16.11 2.51 4.92
C VAL H 39 -16.06 2.63 6.45
N ILE H 40 -15.74 1.54 7.11
CA ILE H 40 -15.60 1.57 8.56
C ILE H 40 -14.21 1.04 8.97
N PRO H 41 -13.70 1.51 10.10
CA PRO H 41 -12.34 1.07 10.48
C PRO H 41 -12.24 -0.37 10.91
N ILE H 42 -11.15 -1.03 10.52
CA ILE H 42 -10.96 -2.42 10.94
C ILE H 42 -10.84 -2.55 12.48
N ALA H 43 -10.48 -1.47 13.14
CA ALA H 43 -10.33 -1.48 14.61
C ALA H 43 -11.61 -1.83 15.32
N LEU H 44 -12.73 -1.67 14.63
CA LEU H 44 -14.01 -1.98 15.21
C LEU H 44 -14.10 -3.45 15.47
N PHE H 45 -13.41 -4.24 14.64
CA PHE H 45 -13.63 -5.70 14.61
C PHE H 45 -12.72 -6.43 15.57
N SER H 46 -13.23 -7.55 16.09
CA SER H 46 -12.41 -8.56 16.73
C SER H 46 -11.36 -9.07 15.72
N SER H 47 -10.12 -9.19 16.21
CA SER H 47 -8.93 -9.35 15.35
C SER H 47 -8.85 -10.63 14.52
N ASN H 48 -9.87 -11.49 14.60
CA ASN H 48 -9.99 -12.67 13.73
C ASN H 48 -11.34 -12.84 13.04
N THR H 49 -11.93 -11.74 12.55
CA THR H 49 -13.22 -11.78 11.85
C THR H 49 -13.01 -12.19 10.37
N PRO H 50 -13.96 -12.98 9.78
CA PRO H 50 -13.74 -13.29 8.36
C PRO H 50 -14.07 -12.08 7.49
N LEU H 51 -13.12 -11.60 6.70
CA LEU H 51 -13.38 -10.43 5.85
C LEU H 51 -12.92 -10.71 4.44
N LYS H 52 -13.75 -10.38 3.45
CA LYS H 52 -13.45 -10.75 2.06
C LYS H 52 -12.50 -9.74 1.39
N ASN H 53 -11.55 -10.23 0.60
CA ASN H 53 -10.70 -9.32 -0.17
C ASN H 53 -11.54 -8.63 -1.22
N THR H 54 -11.15 -7.42 -1.59
CA THR H 54 -11.93 -6.64 -2.57
C THR H 54 -11.03 -5.61 -3.24
N SER H 55 -11.42 -5.16 -4.43
CA SER H 55 -10.66 -4.16 -5.14
C SER H 55 -11.52 -2.89 -5.13
N VAL H 56 -10.91 -1.76 -4.85
CA VAL H 56 -11.62 -0.46 -4.76
C VAL H 56 -10.90 0.57 -5.65
N LEU H 57 -11.67 1.39 -6.36
CA LEU H 57 -11.10 2.53 -7.06
C LEU H 57 -11.17 3.80 -6.19
N GLY H 58 -10.02 4.45 -6.03
CA GLY H 58 -9.91 5.67 -5.26
C GLY H 58 -9.19 6.68 -6.10
N ALA H 59 -8.96 7.87 -5.53
CA ALA H 59 -8.28 8.94 -6.24
C ALA H 59 -6.83 8.57 -6.59
N GLY H 60 -6.13 7.93 -5.66
CA GLY H 60 -4.78 7.43 -5.92
C GLY H 60 -4.75 6.15 -6.74
N GLY H 61 -5.81 5.90 -7.51
CA GLY H 61 -5.95 4.69 -8.34
C GLY H 61 -6.65 3.49 -7.70
N GLN H 62 -6.43 2.33 -8.30
CA GLN H 62 -7.02 1.07 -7.88
C GLN H 62 -6.22 0.48 -6.71
N THR H 63 -6.92 0.15 -5.62
CA THR H 63 -6.29 -0.54 -4.50
C THR H 63 -6.94 -1.88 -4.20
N GLN H 64 -6.10 -2.89 -4.08
CA GLN H 64 -6.57 -4.21 -3.65
C GLN H 64 -6.23 -4.59 -2.20
N ASP H 65 -5.44 -3.75 -1.51
CA ASP H 65 -4.96 -4.07 -0.16
C ASP H 65 -5.67 -3.30 0.93
N HIS H 66 -6.10 -2.08 0.59
CA HIS H 66 -6.50 -1.16 1.63
C HIS H 66 -7.83 -1.55 2.26
N PHE H 67 -8.70 -2.20 1.47
CA PHE H 67 -10.09 -2.47 1.90
C PHE H 67 -10.48 -3.91 1.80
N LYS H 68 -11.18 -4.38 2.82
CA LYS H 68 -11.88 -5.67 2.76
C LYS H 68 -13.40 -5.45 2.80
N LEU H 69 -14.16 -6.51 2.56
CA LEU H 69 -15.64 -6.40 2.67
C LEU H 69 -16.12 -7.18 3.91
N THR H 70 -17.11 -6.62 4.60
CA THR H 70 -17.75 -7.30 5.73
C THR H 70 -18.43 -8.61 5.25
N SER H 71 -18.58 -9.56 6.18
CA SER H 71 -19.34 -10.78 5.93
C SER H 71 -20.79 -10.61 6.39
N LEU H 72 -21.00 -9.86 7.47
CA LEU H 72 -22.34 -9.64 8.05
C LEU H 72 -22.76 -8.22 7.82
N PRO H 73 -24.06 -7.97 7.77
CA PRO H 73 -24.53 -6.60 7.78
C PRO H 73 -23.98 -5.75 8.91
N VAL H 74 -23.88 -4.45 8.63
CA VAL H 74 -23.49 -3.48 9.64
C VAL H 74 -24.67 -2.56 9.94
N LEU H 75 -24.84 -2.28 11.22
CA LEU H 75 -25.93 -1.44 11.70
C LEU H 75 -25.31 -0.15 12.16
N ILE H 76 -25.86 0.96 11.68
CA ILE H 76 -25.31 2.27 11.98
C ILE H 76 -26.44 3.14 12.51
N ARG H 77 -26.28 3.71 13.69
CA ARG H 77 -27.28 4.68 14.17
C ARG H 77 -26.65 6.04 14.13
N LEU H 78 -27.36 6.97 13.48
CA LEU H 78 -27.00 8.37 13.41
C LEU H 78 -27.73 9.13 14.52
N PRO H 79 -27.14 10.24 15.00
CA PRO H 79 -27.64 10.96 16.18
C PRO H 79 -29.12 11.40 16.10
N PHE H 80 -29.56 11.79 14.92
CA PHE H 80 -30.88 12.40 14.71
C PHE H 80 -31.99 11.44 14.25
N ARG H 81 -31.75 10.14 14.29
CA ARG H 81 -32.81 9.17 14.04
C ARG H 81 -32.63 7.88 14.85
N THR H 82 -33.77 7.33 15.28
CA THR H 82 -33.78 6.17 16.17
C THR H 82 -33.53 4.84 15.45
N THR H 83 -34.13 4.68 14.26
CA THR H 83 -33.94 3.48 13.44
C THR H 83 -32.48 3.36 12.98
N PRO H 84 -31.91 2.15 13.06
CA PRO H 84 -30.58 2.01 12.46
C PRO H 84 -30.69 1.94 10.94
N ILE H 85 -29.68 2.49 10.27
CA ILE H 85 -29.36 2.14 8.89
C ILE H 85 -28.77 0.73 8.96
N VAL H 86 -29.16 -0.17 8.07
CA VAL H 86 -28.55 -1.52 8.04
C VAL H 86 -27.97 -1.73 6.62
N LEU H 87 -26.66 -1.88 6.54
CA LEU H 87 -25.99 -2.06 5.27
C LEU H 87 -25.72 -3.52 5.16
N THR H 88 -26.15 -4.11 4.03
CA THR H 88 -25.92 -5.53 3.77
C THR H 88 -24.45 -5.90 3.77
N SER H 89 -23.63 -5.04 3.16
CA SER H 89 -22.19 -5.16 3.32
C SER H 89 -21.58 -3.76 3.28
N CYS H 90 -20.41 -3.60 3.88
CA CYS H 90 -19.65 -2.40 3.53
C CYS H 90 -18.15 -2.61 3.55
N LEU H 91 -17.40 -1.55 3.23
CA LEU H 91 -15.97 -1.67 3.08
C LEU H 91 -15.32 -1.52 4.45
N VAL H 92 -14.19 -2.19 4.64
CA VAL H 92 -13.50 -2.11 5.90
C VAL H 92 -12.07 -1.60 5.66
N ASP H 93 -11.69 -0.51 6.32
CA ASP H 93 -10.39 0.09 6.06
C ASP H 93 -9.40 -0.63 6.94
N THR H 94 -8.58 -1.50 6.34
CA THR H 94 -7.62 -2.33 7.11
C THR H 94 -6.35 -1.58 7.43
N LYS H 95 -6.17 -0.41 6.84
CA LYS H 95 -4.86 0.26 6.83
C LYS H 95 -4.87 1.53 7.71
N ASN H 96 -5.78 2.44 7.41
CA ASN H 96 -5.83 3.77 8.03
C ASN H 96 -7.03 4.04 8.95
N ASN H 97 -7.84 3.00 9.17
CA ASN H 97 -9.00 3.19 10.01
C ASN H 97 -9.80 4.48 9.73
N TRP H 98 -9.98 4.80 8.45
CA TRP H 98 -10.93 5.81 8.02
C TRP H 98 -12.33 5.35 8.24
N ALA H 99 -13.21 6.32 8.46
CA ALA H 99 -14.64 6.11 8.59
C ALA H 99 -15.36 7.06 7.64
N ILE H 100 -16.16 6.49 6.75
CA ILE H 100 -16.82 7.26 5.68
C ILE H 100 -18.26 6.79 5.45
N ILE H 101 -19.20 7.71 5.59
CA ILE H 101 -20.57 7.33 5.34
C ILE H 101 -20.86 7.66 3.87
N GLY H 102 -21.18 6.63 3.12
CA GLY H 102 -21.34 6.75 1.66
C GLY H 102 -22.80 6.83 1.25
N ARG H 103 -23.07 6.78 -0.05
CA ARG H 103 -24.43 6.97 -0.54
C ARG H 103 -25.38 5.84 -0.19
N ASP H 104 -24.83 4.65 0.03
CA ASP H 104 -25.60 3.51 0.50
C ASP H 104 -26.31 3.83 1.80
N ALA H 105 -25.57 4.36 2.78
CA ALA H 105 -26.18 4.83 4.04
C ALA H 105 -27.01 6.11 3.84
N LEU H 106 -26.51 7.04 3.06
CA LEU H 106 -27.22 8.29 2.79
C LEU H 106 -28.58 8.08 2.15
N GLN H 107 -28.69 7.09 1.27
CA GLN H 107 -30.00 6.75 0.68
C GLN H 107 -31.02 6.26 1.71
N GLN H 108 -30.53 5.49 2.67
CA GLN H 108 -31.39 4.94 3.72
C GLN H 108 -31.93 6.03 4.64
N CYS H 109 -31.23 7.15 4.76
CA CYS H 109 -31.84 8.27 5.49
C CYS H 109 -32.38 9.37 4.60
N GLN H 110 -32.56 9.04 3.31
CA GLN H 110 -33.13 9.94 2.33
C GLN H 110 -32.34 11.25 2.21
N GLY H 111 -31.02 11.17 2.38
CA GLY H 111 -30.19 12.37 2.25
C GLY H 111 -30.15 12.83 0.81
N VAL H 112 -30.03 14.15 0.64
CA VAL H 112 -29.97 14.80 -0.65
C VAL H 112 -28.86 15.83 -0.63
N LEU H 113 -28.33 16.13 -1.80
CA LEU H 113 -27.54 17.33 -2.03
C LEU H 113 -28.47 18.39 -2.57
N TYR H 114 -28.36 19.60 -2.05
CA TYR H 114 -29.15 20.72 -2.56
C TYR H 114 -28.22 21.83 -3.02
N LEU H 115 -28.29 22.20 -4.29
CA LEU H 115 -27.58 23.39 -4.77
C LEU H 115 -28.65 24.42 -5.18
N PRO H 116 -28.67 25.59 -4.52
CA PRO H 116 -29.71 26.62 -4.69
C PRO H 116 -29.99 27.02 -6.16
N PRO I 1 -0.15 58.66 10.04
CA PRO I 1 0.11 59.23 8.71
C PRO I 1 -0.50 58.45 7.53
N VAL I 2 -0.77 59.18 6.46
CA VAL I 2 -1.11 58.62 5.16
C VAL I 2 0.23 58.47 4.45
N ILE I 3 0.48 57.31 3.86
CA ILE I 3 1.79 57.09 3.26
C ILE I 3 1.54 56.78 1.80
N PRO I 4 1.86 57.73 0.92
CA PRO I 4 1.65 57.56 -0.51
C PRO I 4 2.49 56.39 -1.04
N LEU I 5 2.00 55.70 -2.07
CA LEU I 5 2.73 54.54 -2.58
C LEU I 5 3.28 54.89 -3.92
N ASP I 6 4.59 54.80 -4.03
CA ASP I 6 5.32 55.28 -5.20
C ASP I 6 6.39 54.24 -5.53
N PRO I 7 6.42 53.71 -6.76
CA PRO I 7 7.45 52.69 -7.04
C PRO I 7 8.88 53.22 -6.82
N ALA I 8 9.11 54.52 -6.96
CA ALA I 8 10.46 55.07 -6.82
C ALA I 8 10.90 55.41 -5.39
N ARG I 9 9.97 55.44 -4.41
CA ARG I 9 10.32 55.81 -3.02
C ARG I 9 9.66 54.84 -2.06
N ARG I 10 10.50 53.98 -1.48
CA ARG I 10 10.05 52.96 -0.54
C ARG I 10 9.29 53.58 0.63
N PRO I 11 8.13 52.99 1.00
CA PRO I 11 7.40 53.49 2.16
C PRO I 11 8.12 53.04 3.43
N VAL I 12 8.74 53.98 4.14
CA VAL I 12 9.58 53.69 5.32
C VAL I 12 9.09 54.44 6.55
N ILE I 13 9.57 54.00 7.69
CA ILE I 13 9.23 54.60 8.95
C ILE I 13 10.41 54.35 9.85
N LYS I 14 10.65 55.29 10.77
CA LYS I 14 11.63 55.09 11.82
C LYS I 14 10.92 54.43 12.95
N ALA I 15 11.47 53.32 13.43
CA ALA I 15 10.87 52.66 14.56
C ALA I 15 11.93 52.31 15.58
N GLN I 16 11.55 52.42 16.85
CA GLN I 16 12.46 51.95 17.86
C GLN I 16 12.26 50.48 18.15
N VAL I 17 13.30 49.70 17.99
CA VAL I 17 13.21 48.29 18.21
C VAL I 17 13.92 47.83 19.50
N ASP I 18 13.18 47.14 20.34
CA ASP I 18 13.74 46.59 21.57
C ASP I 18 13.66 45.08 21.50
N THR I 19 14.82 44.46 21.22
CA THR I 19 14.85 42.98 21.05
C THR I 19 14.90 42.29 22.41
N GLN I 20 15.00 43.11 23.44
CA GLN I 20 15.12 42.62 24.85
C GLN I 20 16.41 41.84 25.14
N THR I 21 17.39 41.94 24.25
CA THR I 21 18.72 41.32 24.45
C THR I 21 19.84 42.36 24.46
N SER I 22 19.51 43.62 24.18
CA SER I 22 20.48 44.70 24.08
C SER I 22 19.72 46.02 24.10
N HIS I 23 20.43 47.15 24.09
CA HIS I 23 19.76 48.48 24.24
C HIS I 23 18.89 48.68 23.02
N PRO I 24 17.66 49.22 23.23
CA PRO I 24 16.81 49.52 22.07
C PRO I 24 17.49 50.46 21.09
N LYS I 25 17.20 50.31 19.81
CA LYS I 25 17.69 51.22 18.76
C LYS I 25 16.60 51.60 17.80
N THR I 26 16.73 52.81 17.25
CA THR I 26 15.79 53.27 16.25
C THR I 26 16.43 53.05 14.89
N ILE I 27 15.69 52.41 13.98
CA ILE I 27 16.20 52.05 12.66
C ILE I 27 15.11 52.50 11.65
N GLU I 28 15.47 52.56 10.38
CA GLU I 28 14.49 52.85 9.34
C GLU I 28 13.98 51.49 8.88
N ALA I 29 12.67 51.33 8.79
CA ALA I 29 12.16 50.03 8.34
C ALA I 29 11.18 50.20 7.15
N LEU I 30 11.19 49.23 6.26
CA LEU I 30 10.23 49.18 5.16
C LEU I 30 8.82 48.71 5.63
N LEU I 31 7.77 49.48 5.25
CA LEU I 31 6.40 49.12 5.53
C LEU I 31 5.89 48.17 4.48
N ASP I 32 5.70 46.91 4.88
CA ASP I 32 5.52 45.83 3.87
C ASP I 32 4.24 44.98 4.05
N THR I 33 3.17 45.31 3.31
CA THR I 33 1.90 44.58 3.44
C THR I 33 2.09 43.15 2.89
N GLY I 34 3.15 42.92 2.16
CA GLY I 34 3.34 41.52 1.68
C GLY I 34 4.16 40.65 2.63
N ALA I 35 4.49 41.17 3.80
CA ALA I 35 5.27 40.40 4.75
C ALA I 35 4.37 39.90 5.86
N ASP I 36 4.36 38.57 6.05
CA ASP I 36 3.53 37.95 7.11
C ASP I 36 4.08 38.33 8.49
N MET I 37 5.40 38.50 8.57
CA MET I 37 6.06 38.72 9.84
C MET I 37 7.14 39.78 9.71
N THR I 38 7.36 40.49 10.80
CA THR I 38 8.33 41.58 10.85
C THR I 38 9.78 40.97 10.87
N VAL I 39 10.71 41.68 10.25
CA VAL I 39 12.09 41.21 10.10
C VAL I 39 12.98 42.25 10.78
N ILE I 40 13.92 41.78 11.59
CA ILE I 40 14.83 42.64 12.32
C ILE I 40 16.24 42.30 11.97
N PRO I 41 17.07 43.33 11.78
CA PRO I 41 18.44 42.96 11.45
C PRO I 41 19.13 42.26 12.64
N ILE I 42 19.99 41.29 12.34
CA ILE I 42 20.67 40.60 13.42
C ILE I 42 21.56 41.54 14.28
N ALA I 43 22.07 42.61 13.70
CA ALA I 43 22.97 43.50 14.43
C ALA I 43 22.27 44.11 15.64
N LEU I 44 20.94 44.11 15.67
CA LEU I 44 20.28 44.66 16.88
C LEU I 44 20.24 43.73 18.10
N PHE I 45 20.61 42.47 17.91
CA PHE I 45 20.69 41.52 19.01
C PHE I 45 22.10 41.41 19.60
N SER I 46 22.19 41.11 20.90
CA SER I 46 23.47 40.73 21.49
C SER I 46 24.12 39.54 20.74
N SER I 47 25.46 39.58 20.65
CA SER I 47 26.27 38.60 19.89
C SER I 47 25.92 37.13 20.09
N ASN I 48 25.69 36.74 21.33
CA ASN I 48 25.43 35.34 21.60
C ASN I 48 23.97 34.89 21.66
N THR I 49 22.99 35.79 21.46
CA THR I 49 21.59 35.40 21.76
C THR I 49 21.13 34.15 21.06
N PRO I 50 20.39 33.29 21.76
CA PRO I 50 19.83 32.10 21.10
C PRO I 50 18.69 32.48 20.16
N LEU I 51 18.76 31.99 18.92
CA LEU I 51 17.70 32.17 17.90
C LEU I 51 17.35 30.81 17.31
N LYS I 52 16.16 30.70 16.75
CA LYS I 52 15.66 29.40 16.28
C LYS I 52 15.74 29.27 14.77
N ASN I 53 16.12 28.09 14.28
CA ASN I 53 16.10 27.83 12.85
C ASN I 53 14.70 28.01 12.35
N THR I 54 14.55 28.50 11.12
CA THR I 54 13.25 28.63 10.50
C THR I 54 13.32 28.61 8.97
N SER I 55 12.18 28.34 8.35
CA SER I 55 12.08 28.32 6.91
C SER I 55 11.23 29.49 6.44
N VAL I 56 11.70 30.21 5.42
CA VAL I 56 11.04 31.41 4.94
C VAL I 56 10.93 31.34 3.42
N LEU I 57 9.78 31.75 2.91
CA LEU I 57 9.58 31.85 1.48
CA LEU I 57 9.56 31.85 1.47
C LEU I 57 9.61 33.33 1.09
N GLY I 58 10.50 33.67 0.18
CA GLY I 58 10.68 35.01 -0.34
C GLY I 58 10.82 35.03 -1.86
N ALA I 59 11.06 36.21 -2.43
CA ALA I 59 11.15 36.31 -3.90
C ALA I 59 12.25 35.45 -4.48
N GLY I 60 13.39 35.39 -3.79
CA GLY I 60 14.49 34.50 -4.22
C GLY I 60 14.19 33.02 -4.08
N GLY I 61 13.03 32.67 -3.50
CA GLY I 61 12.68 31.28 -3.24
C GLY I 61 12.77 30.96 -1.75
N GLN I 62 12.60 29.69 -1.41
CA GLN I 62 12.58 29.22 -0.02
C GLN I 62 13.98 29.28 0.59
N THR I 63 14.08 29.72 1.85
CA THR I 63 15.38 29.75 2.53
C THR I 63 15.26 29.25 3.96
N GLN I 64 16.20 28.40 4.34
CA GLN I 64 16.33 27.93 5.71
C GLN I 64 17.55 28.48 6.48
N ASP I 65 18.48 29.14 5.79
CA ASP I 65 19.67 29.73 6.45
C ASP I 65 19.60 31.23 6.76
N HIS I 66 18.97 32.00 5.87
CA HIS I 66 19.00 33.45 5.92
C HIS I 66 18.31 34.06 7.16
N PHE I 67 17.17 33.49 7.54
CA PHE I 67 16.39 34.03 8.67
C PHE I 67 16.29 33.09 9.86
N LYS I 68 16.28 33.66 11.05
CA LYS I 68 15.97 32.91 12.27
C LYS I 68 14.74 33.52 12.91
N LEU I 69 14.13 32.78 13.85
CA LEU I 69 13.06 33.29 14.70
C LEU I 69 13.65 33.73 16.06
N THR I 70 13.10 34.80 16.60
CA THR I 70 13.48 35.26 17.95
C THR I 70 13.08 34.25 19.03
N SER I 71 13.79 34.30 20.15
CA SER I 71 13.40 33.50 21.33
C SER I 71 12.53 34.33 22.27
N LEU I 72 12.71 35.65 22.27
CA LEU I 72 11.96 36.54 23.19
C LEU I 72 11.12 37.47 22.36
N PRO I 73 9.97 37.94 22.91
CA PRO I 73 9.19 38.90 22.14
C PRO I 73 10.05 40.08 21.75
N VAL I 74 9.63 40.82 20.73
CA VAL I 74 10.29 42.07 20.30
C VAL I 74 9.28 43.18 20.51
N LEU I 75 9.68 44.29 21.09
CA LEU I 75 8.75 45.45 21.28
C LEU I 75 9.13 46.59 20.33
N ILE I 76 8.15 47.16 19.65
CA ILE I 76 8.46 48.13 18.61
C ILE I 76 7.64 49.36 18.90
N ARG I 77 8.32 50.49 19.01
CA ARG I 77 7.63 51.75 19.20
C ARG I 77 7.73 52.62 17.96
N LEU I 78 6.57 53.09 17.51
CA LEU I 78 6.48 53.94 16.31
C LEU I 78 6.42 55.40 16.74
N PRO I 79 6.83 56.33 15.84
CA PRO I 79 7.00 57.74 16.25
C PRO I 79 5.70 58.36 16.84
N PHE I 80 4.56 57.99 16.27
CA PHE I 80 3.26 58.60 16.52
C PHE I 80 2.43 57.88 17.60
N ARG I 81 2.98 56.79 18.15
CA ARG I 81 2.29 55.99 19.15
C ARG I 81 3.11 55.78 20.43
N THR I 82 2.44 55.92 21.57
CA THR I 82 3.07 55.78 22.88
C THR I 82 3.23 54.31 23.34
N THR I 83 2.22 53.49 23.08
CA THR I 83 2.24 52.04 23.38
C THR I 83 3.16 51.23 22.44
N PRO I 84 3.98 50.31 22.98
CA PRO I 84 4.76 49.50 22.05
C PRO I 84 3.94 48.38 21.46
N ILE I 85 4.18 48.12 20.21
CA ILE I 85 3.72 46.92 19.53
C ILE I 85 4.50 45.79 20.21
N VAL I 86 3.82 44.69 20.51
CA VAL I 86 4.51 43.54 21.08
C VAL I 86 4.35 42.36 20.14
N LEU I 87 5.46 41.96 19.50
CA LEU I 87 5.52 40.78 18.65
C LEU I 87 6.05 39.60 19.41
N THR I 88 5.22 38.58 19.58
CA THR I 88 5.58 37.40 20.38
C THR I 88 6.83 36.78 19.81
N SER I 89 6.90 36.70 18.48
CA SER I 89 8.16 36.36 17.83
CA SER I 89 8.13 36.33 17.81
C SER I 89 8.19 37.02 16.47
N CYS I 90 9.39 37.23 15.95
CA CYS I 90 9.49 37.63 14.54
C CYS I 90 10.79 37.13 13.95
N LEU I 91 11.01 37.47 12.68
CA LEU I 91 12.14 37.02 11.91
C LEU I 91 13.34 37.89 12.17
N VAL I 92 14.49 37.27 12.04
CA VAL I 92 15.76 37.96 12.21
C VAL I 92 16.56 37.71 10.95
N ASP I 93 17.07 38.78 10.35
CA ASP I 93 17.82 38.65 9.11
C ASP I 93 19.29 38.47 9.44
N THR I 94 19.80 37.25 9.28
CA THR I 94 21.19 36.99 9.64
C THR I 94 22.21 37.58 8.68
N LYS I 95 21.79 37.97 7.49
CA LYS I 95 22.70 38.31 6.39
C LYS I 95 22.63 39.79 6.01
N ASN I 96 21.51 40.18 5.41
CA ASN I 96 21.45 41.46 4.67
C ASN I 96 20.98 42.68 5.45
N ASN I 97 20.88 42.50 6.76
CA ASN I 97 20.28 43.44 7.68
C ASN I 97 19.09 44.29 7.17
N TRP I 98 18.11 43.58 6.60
CA TRP I 98 16.78 44.12 6.34
C TRP I 98 16.07 44.45 7.63
N ALA I 99 15.34 45.54 7.58
CA ALA I 99 14.39 45.88 8.64
C ALA I 99 13.05 46.11 7.92
N ILE I 100 12.07 45.27 8.24
CA ILE I 100 10.80 45.23 7.53
C ILE I 100 9.67 45.09 8.55
N ILE I 101 8.72 46.04 8.55
CA ILE I 101 7.56 45.95 9.41
CA ILE I 101 7.52 46.01 9.40
C ILE I 101 6.49 45.23 8.60
N GLY I 102 6.12 44.03 9.07
CA GLY I 102 5.13 43.19 8.33
C GLY I 102 3.77 43.36 8.91
N ARG I 103 2.85 42.51 8.51
CA ARG I 103 1.42 42.60 8.85
C ARG I 103 1.09 42.34 10.34
N ASP I 104 1.98 41.61 11.00
CA ASP I 104 1.86 41.34 12.45
C ASP I 104 1.90 42.66 13.20
N ALA I 105 2.82 43.53 12.82
CA ALA I 105 2.99 44.82 13.44
C ALA I 105 1.97 45.82 12.92
N LEU I 106 1.66 45.75 11.64
CA LEU I 106 0.64 46.71 11.10
C LEU I 106 -0.73 46.50 11.66
N GLN I 107 -1.10 45.23 11.84
CA GLN I 107 -2.35 44.87 12.58
C GLN I 107 -2.43 45.55 13.94
N GLN I 108 -1.36 45.47 14.72
CA GLN I 108 -1.36 46.06 16.07
C GLN I 108 -1.40 47.60 16.08
N CYS I 109 -0.93 48.27 15.05
CA CYS I 109 -1.18 49.70 15.01
C CYS I 109 -2.34 50.09 14.11
N GLN I 110 -3.21 49.12 13.84
CA GLN I 110 -4.46 49.31 13.06
C GLN I 110 -4.21 49.90 11.67
N GLY I 111 -3.05 49.56 11.09
CA GLY I 111 -2.72 49.98 9.74
C GLY I 111 -3.68 49.42 8.68
N VAL I 112 -3.98 50.22 7.67
CA VAL I 112 -4.77 49.70 6.59
C VAL I 112 -4.14 50.13 5.27
N LEU I 113 -4.46 49.36 4.24
CA LEU I 113 -4.33 49.81 2.87
C LEU I 113 -5.63 50.43 2.39
N TYR I 114 -5.54 51.58 1.71
CA TYR I 114 -6.75 52.18 1.13
C TYR I 114 -6.58 52.38 -0.36
N LEU I 115 -7.46 51.76 -1.11
CA LEU I 115 -7.48 51.94 -2.56
C LEU I 115 -8.78 52.66 -2.90
N PRO I 116 -8.68 53.91 -3.34
CA PRO I 116 -9.95 54.63 -3.57
C PRO I 116 -10.88 53.95 -4.60
N PRO J 1 -11.66 50.26 -1.83
CA PRO J 1 -11.93 49.77 -0.49
C PRO J 1 -10.79 50.00 0.51
N VAL J 2 -11.14 49.98 1.78
CA VAL J 2 -10.19 49.90 2.86
C VAL J 2 -9.87 48.42 3.05
N ILE J 3 -8.58 48.12 3.17
CA ILE J 3 -8.12 46.72 3.26
C ILE J 3 -7.35 46.54 4.58
N PRO J 4 -7.92 45.77 5.52
CA PRO J 4 -7.27 45.69 6.80
C PRO J 4 -6.09 44.72 6.70
N LEU J 5 -5.16 44.81 7.64
CA LEU J 5 -3.93 44.02 7.56
C LEU J 5 -3.87 43.10 8.76
N ASP J 6 -3.55 41.84 8.51
CA ASP J 6 -3.70 40.78 9.46
C ASP J 6 -2.64 39.81 9.01
N PRO J 7 -1.70 39.43 9.91
CA PRO J 7 -0.64 38.50 9.52
C PRO J 7 -1.17 37.14 9.05
N ALA J 8 -2.35 36.73 9.53
CA ALA J 8 -2.91 35.40 9.27
C ALA J 8 -3.64 35.34 7.94
N ARG J 9 -3.90 36.50 7.35
CA ARG J 9 -4.58 36.60 6.05
C ARG J 9 -3.85 37.51 5.10
N ARG J 10 -3.37 36.94 4.02
CA ARG J 10 -2.71 37.73 2.99
C ARG J 10 -3.69 38.67 2.30
N PRO J 11 -3.30 39.95 2.08
CA PRO J 11 -4.25 40.84 1.41
C PRO J 11 -4.20 40.60 -0.11
N VAL J 12 -5.20 39.90 -0.63
CA VAL J 12 -5.22 39.53 -2.08
C VAL J 12 -6.39 40.20 -2.78
N ILE J 13 -6.27 40.34 -4.08
CA ILE J 13 -7.31 40.96 -4.89
C ILE J 13 -7.44 40.17 -6.20
N LYS J 14 -8.65 40.08 -6.72
CA LYS J 14 -8.84 39.51 -8.03
C LYS J 14 -8.51 40.59 -9.04
N ALA J 15 -7.82 40.21 -10.09
CA ALA J 15 -7.37 41.19 -11.07
C ALA J 15 -7.38 40.51 -12.39
N GLN J 16 -7.91 41.19 -13.39
CA GLN J 16 -7.82 40.73 -14.73
C GLN J 16 -6.59 41.34 -15.35
N VAL J 17 -5.75 40.46 -15.85
CA VAL J 17 -4.45 40.83 -16.39
C VAL J 17 -4.39 40.55 -17.91
N ASP J 18 -4.12 41.59 -18.69
CA ASP J 18 -3.88 41.40 -20.11
C ASP J 18 -2.41 41.63 -20.46
N THR J 19 -1.75 40.51 -20.79
CA THR J 19 -0.36 40.45 -21.17
CA THR J 19 -0.33 40.54 -21.17
C THR J 19 -0.12 40.99 -22.62
N GLN J 20 -1.21 41.14 -23.37
CA GLN J 20 -1.18 41.46 -24.80
C GLN J 20 -0.50 40.35 -25.66
N THR J 21 -0.39 39.14 -25.11
CA THR J 21 0.15 38.02 -25.89
C THR J 21 -0.79 36.82 -25.85
N SER J 22 -1.85 36.93 -25.03
CA SER J 22 -2.99 36.02 -25.02
C SER J 22 -4.18 36.80 -24.45
N HIS J 23 -5.39 36.24 -24.47
CA HIS J 23 -6.53 36.97 -23.93
C HIS J 23 -6.37 37.27 -22.40
N PRO J 24 -7.06 38.30 -21.89
CA PRO J 24 -6.97 38.62 -20.45
C PRO J 24 -7.41 37.48 -19.54
N LYS J 25 -6.70 37.32 -18.43
CA LYS J 25 -7.01 36.27 -17.46
C LYS J 25 -7.08 36.79 -16.05
N THR J 26 -7.92 36.12 -15.25
CA THR J 26 -8.15 36.45 -13.85
C THR J 26 -7.12 35.78 -13.03
N ILE J 27 -6.44 36.55 -12.23
CA ILE J 27 -5.55 35.97 -11.23
C ILE J 27 -5.85 36.53 -9.87
N GLU J 28 -5.30 35.86 -8.87
CA GLU J 28 -5.38 36.36 -7.51
CA GLU J 28 -5.39 36.35 -7.49
C GLU J 28 -4.02 36.90 -7.12
N ALA J 29 -3.96 38.18 -6.79
CA ALA J 29 -2.69 38.81 -6.53
C ALA J 29 -2.60 39.38 -5.13
N LEU J 30 -1.40 39.28 -4.61
CA LEU J 30 -1.03 39.85 -3.34
C LEU J 30 -0.81 41.36 -3.46
N LEU J 31 -1.42 42.11 -2.53
CA LEU J 31 -1.20 43.55 -2.47
C LEU J 31 0.02 43.79 -1.61
N ASP J 32 1.08 44.31 -2.21
CA ASP J 32 2.38 44.28 -1.59
C ASP J 32 3.08 45.67 -1.68
N THR J 33 3.02 46.41 -0.57
CA THR J 33 3.67 47.75 -0.53
C THR J 33 5.21 47.63 -0.51
N GLY J 34 5.72 46.44 -0.19
CA GLY J 34 7.19 46.25 -0.18
C GLY J 34 7.76 45.90 -1.57
N ALA J 35 6.91 45.77 -2.58
CA ALA J 35 7.36 45.42 -3.93
C ALA J 35 7.47 46.66 -4.79
N ASP J 36 8.67 46.89 -5.36
CA ASP J 36 8.94 48.04 -6.23
C ASP J 36 8.22 47.83 -7.57
N MET J 37 8.04 46.58 -8.00
CA MET J 37 7.47 46.28 -9.32
C MET J 37 6.46 45.16 -9.17
N THR J 38 5.48 45.12 -10.05
CA THR J 38 4.43 44.09 -10.06
C THR J 38 4.97 42.82 -10.68
N VAL J 39 4.51 41.67 -10.17
CA VAL J 39 4.97 40.36 -10.67
C VAL J 39 3.76 39.58 -11.18
N ILE J 40 3.86 39.04 -12.39
CA ILE J 40 2.76 38.22 -12.93
C ILE J 40 3.28 36.83 -13.31
N PRO J 41 2.40 35.81 -13.27
CA PRO J 41 2.87 34.43 -13.57
C PRO J 41 3.23 34.25 -15.04
N ILE J 42 4.29 33.50 -15.33
CA ILE J 42 4.62 33.20 -16.72
C ILE J 42 3.46 32.41 -17.40
N ALA J 43 2.65 31.72 -16.61
CA ALA J 43 1.51 30.95 -17.13
C ALA J 43 0.53 31.83 -17.90
N LEU J 44 0.58 33.14 -17.69
CA LEU J 44 -0.27 34.03 -18.49
C LEU J 44 0.20 34.18 -19.93
N PHE J 45 1.45 33.83 -20.19
CA PHE J 45 2.04 34.15 -21.48
C PHE J 45 1.98 32.97 -22.41
N SER J 46 1.85 33.23 -23.71
CA SER J 46 2.00 32.17 -24.72
C SER J 46 3.44 31.64 -24.61
N SER J 47 3.58 30.34 -24.88
CA SER J 47 4.81 29.60 -24.61
C SER J 47 6.07 30.12 -25.33
N ASN J 48 5.89 30.99 -26.33
CA ASN J 48 7.00 31.47 -27.15
C ASN J 48 7.33 32.98 -27.05
N THR J 49 6.90 33.65 -25.98
CA THR J 49 7.06 35.13 -25.94
C THR J 49 8.50 35.54 -25.64
N PRO J 50 8.96 36.67 -26.22
CA PRO J 50 10.31 37.16 -25.87
C PRO J 50 10.30 37.89 -24.53
N LEU J 51 11.09 37.41 -23.58
CA LEU J 51 11.15 38.04 -22.27
C LEU J 51 12.61 38.20 -21.89
N LYS J 52 12.98 39.39 -21.41
CA LYS J 52 14.38 39.73 -21.09
C LYS J 52 14.76 39.13 -19.74
N ASN J 53 15.97 38.56 -19.63
CA ASN J 53 16.48 38.13 -18.34
C ASN J 53 16.69 39.33 -17.47
N THR J 54 16.52 39.15 -16.17
CA THR J 54 16.74 40.22 -15.24
C THR J 54 17.20 39.66 -13.91
N SER J 55 17.71 40.56 -13.07
CA SER J 55 18.21 40.18 -11.75
C SER J 55 17.30 40.78 -10.68
N VAL J 56 16.90 39.96 -9.72
CA VAL J 56 15.97 40.46 -8.69
C VAL J 56 16.48 40.26 -7.26
N LEU J 57 16.31 41.27 -6.43
CA LEU J 57 16.61 41.15 -5.03
C LEU J 57 15.36 40.80 -4.25
N GLY J 58 15.37 39.62 -3.61
CA GLY J 58 14.24 39.22 -2.81
C GLY J 58 14.65 38.89 -1.39
N ALA J 59 13.70 38.41 -0.59
CA ALA J 59 13.98 37.89 0.74
C ALA J 59 14.98 36.73 0.71
N GLY J 60 14.87 35.87 -0.30
CA GLY J 60 15.80 34.73 -0.44
C GLY J 60 17.17 35.13 -0.99
N GLY J 61 17.48 36.43 -0.93
CA GLY J 61 18.62 37.00 -1.67
C GLY J 61 18.34 37.21 -3.17
N GLN J 62 19.42 37.49 -3.88
CA GLN J 62 19.42 37.86 -5.29
C GLN J 62 19.15 36.64 -6.18
N THR J 63 18.21 36.77 -7.11
CA THR J 63 18.04 35.74 -8.14
C THR J 63 18.20 36.32 -9.55
N GLN J 64 18.81 35.56 -10.45
CA GLN J 64 19.03 36.02 -11.82
C GLN J 64 18.16 35.27 -12.82
N ASP J 65 17.54 34.17 -12.37
CA ASP J 65 16.83 33.29 -13.30
C ASP J 65 15.33 33.13 -13.04
N HIS J 66 14.89 33.35 -11.80
CA HIS J 66 13.47 33.18 -11.48
C HIS J 66 12.58 34.18 -12.25
N PHE J 67 13.08 35.39 -12.51
CA PHE J 67 12.21 36.50 -13.02
C PHE J 67 12.68 36.95 -14.37
N LYS J 68 11.75 37.30 -15.25
CA LYS J 68 12.09 37.96 -16.52
C LYS J 68 11.32 39.28 -16.59
N LEU J 69 11.61 40.08 -17.62
CA LEU J 69 10.95 41.36 -17.76
C LEU J 69 9.99 41.28 -18.96
N THR J 70 8.77 41.81 -18.88
CA THR J 70 7.92 41.86 -20.08
C THR J 70 8.56 42.68 -21.24
N SER J 71 8.15 42.39 -22.48
CA SER J 71 8.53 43.21 -23.65
C SER J 71 7.50 44.32 -23.89
N LEU J 72 6.23 43.99 -23.71
CA LEU J 72 5.12 44.93 -23.92
C LEU J 72 4.51 45.31 -22.58
N PRO J 73 3.90 46.52 -22.49
CA PRO J 73 3.17 46.88 -21.28
C PRO J 73 2.13 45.80 -20.91
N VAL J 74 1.79 45.75 -19.63
CA VAL J 74 0.75 44.82 -19.13
C VAL J 74 -0.46 45.67 -18.70
N LEU J 75 -1.69 45.27 -19.02
CA LEU J 75 -2.85 46.03 -18.55
C LEU J 75 -3.54 45.24 -17.46
N ILE J 76 -3.89 45.90 -16.37
CA ILE J 76 -4.45 45.24 -15.20
C ILE J 76 -5.76 45.91 -14.84
N ARG J 77 -6.83 45.14 -14.82
CA ARG J 77 -8.12 45.68 -14.36
CA ARG J 77 -8.11 45.68 -14.38
C ARG J 77 -8.43 45.17 -12.97
N LEU J 78 -8.63 46.11 -12.06
CA LEU J 78 -9.05 45.79 -10.68
C LEU J 78 -10.59 45.89 -10.64
N PRO J 79 -11.24 45.16 -9.71
CA PRO J 79 -12.72 45.01 -9.69
C PRO J 79 -13.49 46.33 -9.47
N PHE J 80 -12.88 47.25 -8.71
CA PHE J 80 -13.50 48.54 -8.33
C PHE J 80 -13.09 49.74 -9.20
N ARG J 81 -12.47 49.49 -10.35
CA ARG J 81 -12.11 50.55 -11.28
C ARG J 81 -12.40 50.08 -12.69
N THR J 82 -12.94 50.97 -13.52
CA THR J 82 -13.16 50.64 -14.92
C THR J 82 -11.90 50.81 -15.77
N THR J 83 -11.17 51.91 -15.53
CA THR J 83 -9.90 52.18 -16.22
C THR J 83 -8.84 51.11 -15.89
N PRO J 84 -8.17 50.56 -16.91
CA PRO J 84 -7.05 49.67 -16.58
C PRO J 84 -5.81 50.43 -16.12
N ILE J 85 -5.10 49.84 -15.17
CA ILE J 85 -3.71 50.17 -14.88
C ILE J 85 -2.92 49.69 -16.08
N VAL J 86 -1.95 50.48 -16.53
CA VAL J 86 -1.07 50.06 -17.62
C VAL J 86 0.36 50.20 -17.13
N LEU J 87 1.05 49.07 -17.00
CA LEU J 87 2.44 49.05 -16.52
C LEU J 87 3.33 48.92 -17.75
N THR J 88 4.26 49.86 -17.96
CA THR J 88 5.14 49.85 -19.15
C THR J 88 5.96 48.57 -19.17
N SER J 89 6.40 48.16 -17.98
CA SER J 89 6.95 46.82 -17.85
C SER J 89 6.62 46.25 -16.49
N CYS J 90 6.69 44.94 -16.36
CA CYS J 90 6.80 44.34 -15.04
C CYS J 90 7.50 43.00 -15.04
N LEU J 91 7.65 42.40 -13.86
CA LEU J 91 8.37 41.18 -13.71
C LEU J 91 7.47 40.01 -14.04
N VAL J 92 8.08 38.92 -14.48
CA VAL J 92 7.36 37.72 -14.82
C VAL J 92 8.02 36.57 -14.04
N ASP J 93 7.23 35.97 -13.16
CA ASP J 93 7.71 34.83 -12.35
C ASP J 93 7.68 33.57 -13.18
N THR J 94 8.86 33.08 -13.59
CA THR J 94 8.93 31.89 -14.44
C THR J 94 8.99 30.59 -13.64
N LYS J 95 9.30 30.69 -12.35
CA LYS J 95 9.41 29.49 -11.54
C LYS J 95 8.15 29.14 -10.78
N ASN J 96 7.59 30.10 -10.04
CA ASN J 96 6.48 29.79 -9.13
C ASN J 96 5.12 30.37 -9.52
N ASN J 97 5.07 31.07 -10.64
CA ASN J 97 3.83 31.73 -11.01
C ASN J 97 3.15 32.52 -9.89
N TRP J 98 3.95 33.29 -9.10
CA TRP J 98 3.39 34.22 -8.12
C TRP J 98 2.66 35.29 -8.89
N ALA J 99 1.75 35.98 -8.20
CA ALA J 99 1.15 37.20 -8.69
C ALA J 99 1.15 38.26 -7.60
N ILE J 100 1.88 39.35 -7.87
CA ILE J 100 2.07 40.39 -6.84
C ILE J 100 1.83 41.79 -7.39
N ILE J 101 0.88 42.51 -6.81
CA ILE J 101 0.65 43.87 -7.24
C ILE J 101 1.55 44.76 -6.42
N GLY J 102 2.48 45.44 -7.08
CA GLY J 102 3.50 46.24 -6.40
C GLY J 102 3.18 47.72 -6.47
N ARG J 103 4.10 48.56 -6.00
CA ARG J 103 3.85 50.01 -5.87
C ARG J 103 3.67 50.74 -7.19
N ASP J 104 4.22 50.17 -8.27
CA ASP J 104 4.01 50.70 -9.61
C ASP J 104 2.50 50.71 -9.98
N ALA J 105 1.82 49.59 -9.77
CA ALA J 105 0.36 49.52 -9.93
C ALA J 105 -0.41 50.32 -8.85
N LEU J 106 0.01 50.23 -7.57
CA LEU J 106 -0.66 50.89 -6.44
C LEU J 106 -0.66 52.40 -6.64
N GLN J 107 0.46 52.90 -7.17
CA GLN J 107 0.52 54.32 -7.49
C GLN J 107 -0.56 54.74 -8.50
N GLN J 108 -0.77 53.95 -9.55
CA GLN J 108 -1.80 54.28 -10.56
C GLN J 108 -3.23 54.24 -10.00
N CYS J 109 -3.43 53.41 -8.96
CA CYS J 109 -4.70 53.39 -8.19
C CYS J 109 -4.85 54.50 -7.16
N GLN J 110 -3.79 55.29 -7.01
CA GLN J 110 -3.66 56.23 -5.91
C GLN J 110 -3.81 55.54 -4.56
N GLY J 111 -3.35 54.30 -4.49
CA GLY J 111 -3.30 53.55 -3.25
C GLY J 111 -2.44 54.18 -2.18
N VAL J 112 -2.82 53.95 -0.93
CA VAL J 112 -2.09 54.51 0.20
C VAL J 112 -2.09 53.52 1.36
N LEU J 113 -1.07 53.64 2.21
CA LEU J 113 -1.06 53.03 3.53
C LEU J 113 -1.43 54.09 4.55
N TYR J 114 -2.24 53.71 5.51
CA TYR J 114 -2.66 54.65 6.53
C TYR J 114 -2.44 54.02 7.91
N LEU J 115 -1.68 54.72 8.74
CA LEU J 115 -1.43 54.25 10.10
C LEU J 115 -2.02 55.33 10.98
N PRO J 116 -3.12 55.03 11.68
CA PRO J 116 -3.78 56.04 12.54
C PRO J 116 -2.87 56.65 13.62
N PRO K 1 -16.22 21.27 39.90
CA PRO K 1 -15.54 21.76 41.09
C PRO K 1 -14.44 22.78 40.78
N VAL K 2 -13.99 23.46 41.83
CA VAL K 2 -12.81 24.30 41.81
C VAL K 2 -11.62 23.49 42.30
N ILE K 3 -10.55 23.47 41.52
CA ILE K 3 -9.33 22.73 41.88
C ILE K 3 -8.23 23.75 42.18
N PRO K 4 -7.79 23.83 43.44
CA PRO K 4 -6.73 24.75 43.80
C PRO K 4 -5.42 24.32 43.13
N LEU K 5 -4.49 25.25 42.92
CA LEU K 5 -3.26 24.86 42.22
C LEU K 5 -2.15 25.05 43.24
N ASP K 6 -1.33 24.00 43.42
CA ASP K 6 -0.37 23.88 44.50
C ASP K 6 0.78 23.12 43.85
N PRO K 7 2.00 23.67 43.89
CA PRO K 7 3.17 22.96 43.30
C PRO K 7 3.41 21.59 43.90
N ALA K 8 3.12 21.42 45.19
CA ALA K 8 3.39 20.14 45.90
C ALA K 8 2.32 19.08 45.70
N ARG K 9 1.16 19.47 45.19
CA ARG K 9 0.08 18.50 44.99
C ARG K 9 -0.48 18.59 43.59
N ARG K 10 -0.24 17.54 42.80
CA ARG K 10 -0.66 17.51 41.39
C ARG K 10 -2.18 17.50 41.25
N PRO K 11 -2.74 18.31 40.32
CA PRO K 11 -4.21 18.37 40.20
C PRO K 11 -4.74 17.14 39.42
N VAL K 12 -5.47 16.28 40.11
CA VAL K 12 -5.82 14.99 39.51
C VAL K 12 -7.30 14.77 39.62
N ILE K 13 -7.81 13.91 38.75
CA ILE K 13 -9.23 13.62 38.71
C ILE K 13 -9.30 12.12 38.44
N LYS K 14 -10.34 11.48 38.99
CA LYS K 14 -10.68 10.11 38.65
C LYS K 14 -11.56 10.19 37.40
N ALA K 15 -11.17 9.46 36.38
CA ALA K 15 -11.92 9.56 35.11
C ALA K 15 -12.14 8.14 34.65
N GLN K 16 -13.33 7.86 34.14
CA GLN K 16 -13.61 6.55 33.54
C GLN K 16 -13.36 6.66 32.06
N VAL K 17 -12.45 5.85 31.57
CA VAL K 17 -12.00 5.90 30.18
C VAL K 17 -12.48 4.71 29.37
N ASP K 18 -13.19 4.98 28.28
CA ASP K 18 -13.61 3.92 27.38
C ASP K 18 -12.84 4.05 26.07
N THR K 19 -11.84 3.18 25.87
CA THR K 19 -11.06 3.17 24.62
C THR K 19 -11.85 2.52 23.47
N GLN K 20 -12.97 1.89 23.82
CA GLN K 20 -13.79 1.13 22.89
C GLN K 20 -13.06 -0.09 22.28
N THR K 21 -11.95 -0.51 22.88
CA THR K 21 -11.27 -1.75 22.49
C THR K 21 -11.32 -2.75 23.65
N SER K 22 -11.86 -2.30 24.77
CA SER K 22 -12.00 -3.12 25.97
C SER K 22 -12.89 -2.40 26.97
N HIS K 23 -13.28 -3.15 27.99
CA HIS K 23 -13.99 -2.73 29.17
C HIS K 23 -13.54 -1.36 29.65
N PRO K 24 -14.47 -0.41 29.92
CA PRO K 24 -13.99 0.89 30.45
C PRO K 24 -13.33 0.74 31.80
N LYS K 25 -12.28 1.52 32.03
CA LYS K 25 -11.66 1.60 33.33
C LYS K 25 -11.57 3.00 33.91
N THR K 26 -11.70 3.07 35.24
CA THR K 26 -11.51 4.35 35.95
C THR K 26 -10.05 4.49 36.32
N ILE K 27 -9.45 5.64 35.97
CA ILE K 27 -8.03 5.85 36.22
C ILE K 27 -7.88 7.19 36.88
N GLU K 28 -6.74 7.41 37.53
CA GLU K 28 -6.43 8.75 38.00
C GLU K 28 -5.67 9.51 36.92
N ALA K 29 -6.08 10.73 36.63
CA ALA K 29 -5.46 11.44 35.52
C ALA K 29 -5.03 12.83 35.95
N LEU K 30 -3.89 13.29 35.43
CA LEU K 30 -3.40 14.65 35.67
C LEU K 30 -4.22 15.69 34.88
N LEU K 31 -4.77 16.72 35.54
CA LEU K 31 -5.45 17.84 34.85
C LEU K 31 -4.41 18.84 34.29
N ASP K 32 -4.25 18.90 32.95
CA ASP K 32 -3.05 19.52 32.35
C ASP K 32 -3.39 20.53 31.26
N THR K 33 -3.54 21.82 31.62
CA THR K 33 -3.79 22.90 30.71
C THR K 33 -2.65 23.07 29.67
N GLY K 34 -1.47 22.55 29.99
CA GLY K 34 -0.35 22.65 29.04
C GLY K 34 -0.36 21.54 27.99
N ALA K 35 -1.35 20.65 28.04
CA ALA K 35 -1.40 19.53 27.06
C ALA K 35 -2.45 19.78 26.02
N ASP K 36 -2.02 19.81 24.75
CA ASP K 36 -2.90 19.95 23.56
C ASP K 36 -3.90 18.79 23.49
N MET K 37 -3.43 17.60 23.86
CA MET K 37 -4.20 16.38 23.64
C MET K 37 -4.10 15.50 24.86
N THR K 38 -5.11 14.70 25.13
CA THR K 38 -5.17 13.83 26.31
C THR K 38 -4.25 12.63 26.08
N VAL K 39 -3.71 12.11 27.17
CA VAL K 39 -2.83 10.94 27.09
C VAL K 39 -3.45 9.76 27.87
N ILE K 40 -3.56 8.60 27.22
CA ILE K 40 -4.07 7.39 27.86
C ILE K 40 -3.01 6.29 27.91
N PRO K 41 -2.88 5.59 29.05
CA PRO K 41 -1.89 4.51 29.18
C PRO K 41 -2.19 3.35 28.25
N ILE K 42 -1.15 2.74 27.66
CA ILE K 42 -1.41 1.64 26.75
C ILE K 42 -2.18 0.47 27.37
N ALA K 43 -2.07 0.33 28.68
CA ALA K 43 -2.70 -0.79 29.37
C ALA K 43 -4.21 -0.76 29.19
N LEU K 44 -4.81 0.41 28.96
CA LEU K 44 -6.30 0.47 28.87
C LEU K 44 -6.88 -0.10 27.54
N PHE K 45 -6.01 -0.41 26.59
CA PHE K 45 -6.34 -0.92 25.26
C PHE K 45 -6.04 -2.44 25.14
N SER K 46 -6.82 -3.17 24.38
CA SER K 46 -6.52 -4.59 24.17
C SER K 46 -5.18 -4.77 23.46
N SER K 47 -4.50 -5.88 23.75
CA SER K 47 -3.14 -6.17 23.25
C SER K 47 -2.91 -5.94 21.75
N ASN K 48 -3.94 -6.17 20.93
CA ASN K 48 -3.75 -6.17 19.48
C ASN K 48 -4.27 -4.95 18.70
N THR K 49 -4.81 -3.93 19.37
CA THR K 49 -5.41 -2.79 18.65
C THR K 49 -4.49 -2.01 17.72
N PRO K 50 -5.03 -1.60 16.55
CA PRO K 50 -4.28 -0.73 15.64
C PRO K 50 -4.12 0.67 16.24
N LEU K 51 -2.86 1.09 16.36
CA LEU K 51 -2.49 2.41 16.85
C LEU K 51 -1.56 3.09 15.84
N LYS K 52 -1.63 4.41 15.70
CA LYS K 52 -0.83 5.07 14.66
C LYS K 52 0.48 5.64 15.22
N ASN K 53 1.56 5.56 14.44
CA ASN K 53 2.82 6.20 14.85
C ASN K 53 2.64 7.71 14.89
N THR K 54 3.40 8.35 15.76
CA THR K 54 3.25 9.77 15.93
C THR K 54 4.45 10.37 16.66
N SER K 55 4.64 11.66 16.41
CA SER K 55 5.71 12.41 16.99
C SER K 55 5.10 13.34 17.99
N VAL K 56 5.80 13.51 19.11
CA VAL K 56 5.26 14.35 20.20
C VAL K 56 6.41 15.23 20.71
N LEU K 57 6.12 16.48 20.95
CA LEU K 57 7.07 17.37 21.58
C LEU K 57 6.70 17.60 23.04
N GLY K 58 7.59 17.18 23.95
CA GLY K 58 7.50 17.48 25.39
C GLY K 58 8.75 18.13 26.00
N ALA K 59 8.74 18.34 27.32
CA ALA K 59 9.93 18.90 27.99
C ALA K 59 11.20 18.09 27.77
N GLY K 60 11.08 16.77 27.61
CA GLY K 60 12.25 15.92 27.37
C GLY K 60 12.79 15.97 25.96
N GLY K 61 12.05 16.58 25.05
CA GLY K 61 12.41 16.59 23.64
C GLY K 61 11.36 15.93 22.76
N GLN K 62 11.70 15.79 21.49
CA GLN K 62 10.82 15.20 20.49
C GLN K 62 10.95 13.68 20.60
N THR K 63 9.81 13.03 20.80
CA THR K 63 9.81 11.58 20.83
C THR K 63 8.97 10.97 19.71
N GLN K 64 9.55 9.97 19.04
CA GLN K 64 8.91 9.32 17.91
C GLN K 64 8.34 7.95 18.29
N ASP K 65 8.85 7.38 19.38
CA ASP K 65 8.44 6.02 19.78
C ASP K 65 7.50 5.98 20.96
N HIS K 66 7.62 6.94 21.88
CA HIS K 66 6.92 6.85 23.15
C HIS K 66 5.41 6.80 23.00
N PHE K 67 4.88 7.64 22.12
CA PHE K 67 3.43 7.86 22.03
C PHE K 67 2.88 7.35 20.69
N LYS K 68 1.63 6.90 20.70
CA LYS K 68 0.93 6.47 19.47
C LYS K 68 -0.34 7.28 19.47
N LEU K 69 -1.04 7.35 18.33
CA LEU K 69 -2.39 7.94 18.30
C LEU K 69 -3.41 6.82 18.26
N THR K 70 -4.58 7.03 18.86
CA THR K 70 -5.66 6.03 18.82
C THR K 70 -6.20 5.90 17.41
N SER K 71 -6.95 4.83 17.14
CA SER K 71 -7.69 4.71 15.87
C SER K 71 -9.19 4.99 16.03
N LEU K 72 -9.72 4.73 17.23
CA LEU K 72 -11.14 4.96 17.52
C LEU K 72 -11.26 6.10 18.52
N PRO K 73 -12.42 6.80 18.54
CA PRO K 73 -12.57 7.85 19.55
C PRO K 73 -12.47 7.21 20.92
N VAL K 74 -12.17 8.03 21.93
CA VAL K 74 -12.10 7.60 23.32
C VAL K 74 -13.21 8.39 23.99
N LEU K 75 -14.02 7.69 24.77
CA LEU K 75 -15.04 8.33 25.57
C LEU K 75 -14.56 8.41 27.06
N ILE K 76 -14.77 9.56 27.65
CA ILE K 76 -14.29 9.85 28.99
C ILE K 76 -15.43 10.40 29.82
N ARG K 77 -15.73 9.72 30.92
CA ARG K 77 -16.75 10.23 31.83
C ARG K 77 -16.12 10.74 33.10
N LEU K 78 -16.52 11.95 33.47
CA LEU K 78 -15.98 12.61 34.65
C LEU K 78 -16.90 12.33 35.83
N PRO K 79 -16.42 12.48 37.09
CA PRO K 79 -17.29 12.13 38.23
C PRO K 79 -18.56 13.01 38.32
N PHE K 80 -18.43 14.26 37.89
CA PHE K 80 -19.48 15.27 38.10
C PHE K 80 -20.31 15.53 36.83
N ARG K 81 -20.18 14.65 35.84
CA ARG K 81 -20.92 14.78 34.57
C ARG K 81 -21.42 13.44 34.06
N THR K 82 -22.68 13.41 33.68
CA THR K 82 -23.32 12.20 33.14
C THR K 82 -22.97 11.99 31.65
N THR K 83 -22.83 13.10 30.92
CA THR K 83 -22.46 13.08 29.50
C THR K 83 -20.97 12.79 29.34
N PRO K 84 -20.62 11.83 28.45
CA PRO K 84 -19.23 11.58 28.12
C PRO K 84 -18.57 12.65 27.22
N ILE K 85 -17.29 12.87 27.47
CA ILE K 85 -16.40 13.60 26.60
C ILE K 85 -16.10 12.66 25.42
N VAL K 86 -16.10 13.18 24.20
CA VAL K 86 -15.74 12.32 23.10
C VAL K 86 -14.52 12.93 22.44
N LEU K 87 -13.39 12.23 22.56
CA LEU K 87 -12.17 12.67 21.87
C LEU K 87 -12.06 11.87 20.57
N THR K 88 -12.02 12.53 19.42
CA THR K 88 -11.95 11.78 18.18
C THR K 88 -10.62 11.03 18.09
N SER K 89 -9.55 11.61 18.61
CA SER K 89 -8.33 10.85 18.85
C SER K 89 -7.57 11.42 20.05
N CYS K 90 -6.72 10.60 20.63
CA CYS K 90 -5.74 11.18 21.56
C CYS K 90 -4.51 10.32 21.60
N LEU K 91 -3.55 10.73 22.41
CA LEU K 91 -2.28 10.01 22.44
C LEU K 91 -2.37 8.83 23.36
N VAL K 92 -1.47 7.89 23.14
CA VAL K 92 -1.40 6.68 23.94
C VAL K 92 0.06 6.50 24.37
N ASP K 93 0.27 6.34 25.67
CA ASP K 93 1.62 6.25 26.21
C ASP K 93 1.99 4.79 26.27
N THR K 94 2.90 4.38 25.38
CA THR K 94 3.31 3.01 25.22
C THR K 94 4.31 2.59 26.29
N LYS K 95 4.93 3.58 26.93
CA LYS K 95 6.12 3.42 27.79
C LYS K 95 5.81 3.52 29.27
N ASN K 96 5.37 4.70 29.69
CA ASN K 96 5.31 5.06 31.11
C ASN K 96 3.95 4.97 31.81
N ASN K 97 2.90 4.77 31.02
CA ASN K 97 1.59 4.58 31.58
C ASN K 97 1.15 5.87 32.31
N TRP K 98 1.40 7.00 31.66
CA TRP K 98 0.79 8.26 32.06
C TRP K 98 -0.66 8.35 31.63
N ALA K 99 -1.46 9.00 32.49
CA ALA K 99 -2.85 9.39 32.19
C ALA K 99 -2.93 10.93 32.40
N ILE K 100 -3.27 11.66 31.34
CA ILE K 100 -3.27 13.13 31.42
C ILE K 100 -4.45 13.64 30.63
N ILE K 101 -5.25 14.45 31.27
CA ILE K 101 -6.43 15.02 30.66
C ILE K 101 -6.05 16.41 30.14
N GLY K 102 -6.01 16.59 28.81
CA GLY K 102 -5.53 17.87 28.24
C GLY K 102 -6.65 18.76 27.80
N ARG K 103 -6.32 19.79 27.02
CA ARG K 103 -7.31 20.82 26.61
C ARG K 103 -8.45 20.35 25.72
N ASP K 104 -8.22 19.33 24.89
CA ASP K 104 -9.30 18.69 24.13
C ASP K 104 -10.45 18.28 25.08
N ALA K 105 -10.13 17.53 26.11
CA ALA K 105 -11.18 17.12 27.01
C ALA K 105 -11.67 18.28 27.85
N LEU K 106 -10.77 19.17 28.27
CA LEU K 106 -11.17 20.29 29.16
C LEU K 106 -12.14 21.24 28.49
N GLN K 107 -11.90 21.50 27.22
CA GLN K 107 -12.81 22.25 26.42
C GLN K 107 -14.19 21.62 26.45
N GLN K 108 -14.25 20.29 26.35
CA GLN K 108 -15.59 19.69 26.24
C GLN K 108 -16.30 19.72 27.59
N CYS K 109 -15.57 19.78 28.70
CA CYS K 109 -16.34 19.99 29.93
C CYS K 109 -16.38 21.43 30.39
N GLN K 110 -16.10 22.35 29.45
CA GLN K 110 -16.10 23.81 29.69
C GLN K 110 -15.21 24.16 30.90
N GLY K 111 -14.07 23.48 31.00
CA GLY K 111 -13.08 23.83 32.01
C GLY K 111 -12.45 25.20 31.73
N VAL K 112 -12.17 25.93 32.79
CA VAL K 112 -11.47 27.19 32.63
C VAL K 112 -10.37 27.31 33.68
N LEU K 113 -9.36 28.13 33.39
CA LEU K 113 -8.46 28.64 34.40
C LEU K 113 -8.95 30.00 34.89
N TYR K 114 -8.92 30.22 36.22
CA TYR K 114 -9.26 31.54 36.78
C TYR K 114 -8.08 32.11 37.60
N LEU K 115 -7.61 33.30 37.21
CA LEU K 115 -6.56 34.01 37.94
C LEU K 115 -7.21 35.27 38.47
N PRO K 116 -7.44 35.34 39.80
CA PRO K 116 -8.12 36.52 40.38
C PRO K 116 -7.39 37.83 40.04
N PRO L 1 -8.44 37.30 35.24
CA PRO L 1 -9.30 36.90 34.14
C PRO L 1 -9.68 35.44 34.17
N VAL L 2 -10.74 35.10 33.43
CA VAL L 2 -11.10 33.73 33.12
C VAL L 2 -10.48 33.35 31.77
N ILE L 3 -9.75 32.25 31.74
CA ILE L 3 -9.05 31.81 30.53
C ILE L 3 -9.75 30.51 30.02
N PRO L 4 -10.29 30.55 28.80
CA PRO L 4 -10.95 29.35 28.33
C PRO L 4 -9.87 28.40 27.85
N LEU L 5 -10.20 27.11 27.86
CA LEU L 5 -9.30 26.06 27.39
C LEU L 5 -9.76 25.49 26.05
N ASP L 6 -8.82 25.34 25.13
CA ASP L 6 -9.12 25.00 23.76
C ASP L 6 -7.86 24.30 23.26
N PRO L 7 -8.00 23.08 22.66
CA PRO L 7 -6.83 22.33 22.18
C PRO L 7 -6.07 23.06 21.06
N ALA L 8 -6.79 23.82 20.25
CA ALA L 8 -6.20 24.58 19.15
C ALA L 8 -5.47 25.90 19.52
N ARG L 9 -5.59 26.34 20.77
CA ARG L 9 -4.97 27.59 21.22
C ARG L 9 -4.39 27.40 22.59
N ARG L 10 -3.08 27.62 22.71
CA ARG L 10 -2.41 27.43 23.96
C ARG L 10 -2.81 28.58 24.87
N PRO L 11 -3.09 28.29 26.15
CA PRO L 11 -3.47 29.38 27.05
C PRO L 11 -2.22 30.13 27.50
N VAL L 12 -2.15 31.39 27.18
CA VAL L 12 -0.91 32.13 27.34
C VAL L 12 -1.20 33.44 28.04
N ILE L 13 -0.17 34.03 28.59
CA ILE L 13 -0.26 35.31 29.28
C ILE L 13 1.08 36.06 29.04
N LYS L 14 1.01 37.38 28.83
CA LYS L 14 2.24 38.19 28.82
C LYS L 14 2.59 38.40 30.28
N ALA L 15 3.88 38.37 30.62
CA ALA L 15 4.33 38.47 31.99
C ALA L 15 5.62 39.27 31.90
N GLN L 16 5.88 40.12 32.87
CA GLN L 16 7.22 40.66 32.98
C GLN L 16 8.06 39.81 33.94
N VAL L 17 9.16 39.27 33.44
CA VAL L 17 10.05 38.42 34.23
C VAL L 17 11.34 39.17 34.58
N ASP L 18 11.64 39.25 35.88
CA ASP L 18 12.90 39.75 36.30
C ASP L 18 13.79 38.65 36.89
N THR L 19 14.82 38.26 36.12
CA THR L 19 15.83 37.27 36.61
C THR L 19 16.82 37.82 37.66
N GLN L 20 16.79 39.13 37.85
CA GLN L 20 17.70 39.86 38.75
C GLN L 20 19.15 39.89 38.26
N THR L 21 19.33 39.56 36.98
CA THR L 21 20.66 39.51 36.34
C THR L 21 20.76 40.49 35.18
N SER L 22 19.68 41.22 34.96
CA SER L 22 19.55 42.24 33.91
C SER L 22 18.15 42.72 34.16
N HIS L 23 17.71 43.65 33.32
CA HIS L 23 16.41 44.31 33.55
C HIS L 23 15.21 43.40 33.28
N PRO L 24 14.01 43.73 33.83
CA PRO L 24 12.79 42.97 33.58
C PRO L 24 12.46 42.91 32.08
N LYS L 25 12.00 41.75 31.59
CA LYS L 25 11.71 41.50 30.19
C LYS L 25 10.33 40.86 30.03
N THR L 26 9.64 41.22 28.95
CA THR L 26 8.28 40.75 28.64
C THR L 26 8.40 39.41 27.93
N ILE L 27 7.72 38.41 28.44
CA ILE L 27 7.69 37.12 27.75
C ILE L 27 6.25 36.66 27.62
N GLU L 28 6.00 35.75 26.68
CA GLU L 28 4.68 35.11 26.49
C GLU L 28 4.78 33.70 27.07
N ALA L 29 4.04 33.44 28.13
CA ALA L 29 4.18 32.20 28.87
C ALA L 29 2.93 31.32 28.76
N LEU L 30 3.14 30.02 28.61
CA LEU L 30 2.08 29.03 28.65
C LEU L 30 1.57 28.84 30.08
N LEU L 31 0.25 28.93 30.32
CA LEU L 31 -0.34 28.54 31.61
C LEU L 31 -0.56 27.04 31.70
N ASP L 32 0.22 26.40 32.55
CA ASP L 32 0.38 24.93 32.54
C ASP L 32 0.16 24.32 33.93
N THR L 33 -1.07 23.85 34.18
CA THR L 33 -1.37 23.22 35.47
C THR L 33 -0.66 21.88 35.68
N GLY L 34 -0.07 21.33 34.64
CA GLY L 34 0.69 20.09 34.81
C GLY L 34 2.19 20.31 35.02
N ALA L 35 2.60 21.56 35.23
CA ALA L 35 4.01 21.88 35.50
C ALA L 35 4.21 22.13 37.01
N ASP L 36 5.07 21.34 37.65
CA ASP L 36 5.39 21.50 39.10
C ASP L 36 6.08 22.83 39.34
N MET L 37 6.89 23.23 38.36
CA MET L 37 7.72 24.41 38.49
C MET L 37 7.65 25.25 37.23
N THR L 38 7.91 26.55 37.38
CA THR L 38 7.89 27.48 36.26
C THR L 38 9.16 27.31 35.41
N VAL L 39 9.09 27.55 34.09
CA VAL L 39 10.25 27.40 33.19
C VAL L 39 10.43 28.75 32.48
N ILE L 40 11.63 29.32 32.49
CA ILE L 40 11.85 30.58 31.76
C ILE L 40 13.00 30.32 30.78
N PRO L 41 13.06 31.07 29.67
CA PRO L 41 14.10 30.80 28.65
C PRO L 41 15.49 31.25 29.07
N ILE L 42 16.52 30.46 28.73
CA ILE L 42 17.92 30.92 28.92
C ILE L 42 18.20 32.29 28.25
N ALA L 43 17.50 32.58 27.15
CA ALA L 43 17.67 33.88 26.48
C ALA L 43 17.56 35.09 27.44
N LEU L 44 16.89 34.95 28.58
CA LEU L 44 16.78 36.05 29.53
C LEU L 44 18.11 36.46 30.15
N PHE L 45 19.02 35.50 30.23
CA PHE L 45 20.26 35.63 31.01
C PHE L 45 21.40 35.92 30.07
N SER L 46 22.33 36.76 30.51
CA SER L 46 23.61 36.93 29.86
C SER L 46 24.25 35.55 29.75
N SER L 47 24.90 35.32 28.62
CA SER L 47 25.66 34.10 28.43
C SER L 47 26.79 33.85 29.46
N ASN L 48 26.70 34.50 30.64
CA ASN L 48 27.71 34.35 31.71
C ASN L 48 27.24 33.71 33.01
N THR L 49 25.92 33.59 33.19
CA THR L 49 25.34 33.35 34.53
C THR L 49 25.74 31.99 35.17
N PRO L 50 25.63 31.85 36.51
CA PRO L 50 25.87 30.50 37.02
C PRO L 50 24.56 29.78 37.13
N LEU L 51 24.38 28.72 36.34
CA LEU L 51 23.16 27.94 36.51
C LEU L 51 23.44 26.48 36.86
N LYS L 52 22.94 26.05 38.02
CA LYS L 52 23.02 24.66 38.51
C LYS L 52 22.31 23.74 37.54
N ASN L 53 22.98 22.65 37.21
CA ASN L 53 22.40 21.61 36.39
C ASN L 53 21.28 20.97 37.22
N THR L 54 20.31 20.37 36.54
CA THR L 54 19.18 19.73 37.20
C THR L 54 18.53 18.69 36.30
N SER L 55 17.72 17.83 36.88
CA SER L 55 17.08 16.77 36.13
C SER L 55 15.58 16.86 36.28
N VAL L 56 14.85 16.94 35.16
CA VAL L 56 13.41 17.07 35.19
C VAL L 56 12.78 15.94 34.38
N LEU L 57 11.60 15.51 34.79
CA LEU L 57 10.77 14.60 33.99
C LEU L 57 9.76 15.35 33.12
N GLY L 58 9.80 15.03 31.83
CA GLY L 58 8.85 15.60 30.88
C GLY L 58 8.30 14.50 30.00
N ALA L 59 7.51 14.90 29.00
CA ALA L 59 6.89 13.92 28.09
C ALA L 59 7.94 13.20 27.26
N GLY L 60 9.03 13.89 26.92
CA GLY L 60 10.14 13.25 26.20
C GLY L 60 10.94 12.30 27.07
N GLY L 61 10.62 12.28 28.38
CA GLY L 61 11.32 11.49 29.38
C GLY L 61 12.12 12.35 30.36
N GLN L 62 13.09 11.74 31.02
CA GLN L 62 14.03 12.43 31.91
C GLN L 62 15.05 13.19 31.07
N THR L 63 15.25 14.46 31.38
CA THR L 63 16.44 15.14 30.89
C THR L 63 17.33 15.61 32.05
N GLN L 64 18.64 15.51 31.90
CA GLN L 64 19.53 16.22 32.83
C GLN L 64 20.35 17.23 32.07
N ASP L 65 20.03 17.32 30.78
CA ASP L 65 20.70 18.17 29.81
C ASP L 65 20.02 19.52 29.60
N HIS L 66 18.70 19.48 29.43
CA HIS L 66 17.94 20.58 28.84
C HIS L 66 17.67 21.72 29.80
N PHE L 67 17.58 21.40 31.09
CA PHE L 67 17.10 22.41 32.06
C PHE L 67 18.16 22.69 33.09
N LYS L 68 18.29 23.98 33.43
CA LYS L 68 19.07 24.41 34.60
C LYS L 68 18.14 25.03 35.63
N LEU L 69 18.69 25.36 36.78
CA LEU L 69 17.91 25.93 37.86
C LEU L 69 18.57 27.29 38.08
N THR L 70 17.76 28.32 38.34
CA THR L 70 18.26 29.65 38.66
C THR L 70 19.01 29.65 39.99
N SER L 71 19.88 30.64 40.17
CA SER L 71 20.62 30.82 41.43
C SER L 71 19.89 31.78 42.37
N LEU L 72 19.15 32.71 41.80
CA LEU L 72 18.47 33.78 42.53
C LEU L 72 17.00 33.57 42.26
N PRO L 73 16.15 33.94 43.22
CA PRO L 73 14.75 34.08 42.94
C PRO L 73 14.43 34.83 41.63
N VAL L 74 13.31 34.48 41.03
CA VAL L 74 12.88 35.15 39.80
C VAL L 74 11.61 35.88 40.19
N LEU L 75 11.41 37.12 39.75
CA LEU L 75 10.23 37.90 40.08
C LEU L 75 9.45 37.96 38.80
N ILE L 76 8.13 37.76 38.90
CA ILE L 76 7.26 37.76 37.72
C ILE L 76 6.08 38.68 37.98
N ARG L 77 5.84 39.64 37.09
CA ARG L 77 4.67 40.55 37.23
C ARG L 77 3.67 40.25 36.14
N LEU L 78 2.45 39.96 36.54
CA LEU L 78 1.38 39.64 35.60
C LEU L 78 0.64 40.92 35.32
N PRO L 79 0.04 41.05 34.10
CA PRO L 79 -0.62 42.32 33.71
C PRO L 79 -1.72 42.82 34.67
N PHE L 80 -2.36 41.89 35.37
CA PHE L 80 -3.58 42.16 36.18
C PHE L 80 -3.34 42.21 37.69
N ARG L 81 -2.06 42.20 38.09
CA ARG L 81 -1.68 42.32 39.50
C ARG L 81 -0.50 43.26 39.64
N THR L 82 -0.45 43.99 40.76
CA THR L 82 0.65 44.93 41.01
C THR L 82 1.85 44.24 41.68
N THR L 83 1.56 43.40 42.68
CA THR L 83 2.59 42.61 43.39
C THR L 83 3.25 41.53 42.53
N PRO L 84 4.58 41.57 42.37
CA PRO L 84 5.18 40.41 41.72
C PRO L 84 4.91 39.09 42.46
N ILE L 85 4.92 38.00 41.71
CA ILE L 85 5.12 36.66 42.22
C ILE L 85 6.63 36.59 42.42
N VAL L 86 7.10 35.93 43.48
CA VAL L 86 8.54 35.70 43.66
C VAL L 86 8.73 34.21 43.78
N LEU L 87 9.44 33.60 42.84
CA LEU L 87 9.75 32.18 42.87
C LEU L 87 11.16 32.03 43.39
N THR L 88 11.33 31.21 44.42
CA THR L 88 12.63 31.03 45.06
C THR L 88 13.62 30.48 44.05
N SER L 89 13.18 29.55 43.21
CA SER L 89 13.96 29.14 42.07
C SER L 89 12.99 28.76 40.95
N CYS L 90 13.44 28.81 39.71
CA CYS L 90 12.71 28.02 38.70
C CYS L 90 13.63 27.39 37.68
N LEU L 91 13.07 26.60 36.75
CA LEU L 91 13.84 25.90 35.71
C LEU L 91 14.18 26.88 34.62
N VAL L 92 15.27 26.61 33.95
CA VAL L 92 15.69 27.45 32.87
C VAL L 92 15.84 26.53 31.65
N ASP L 93 15.07 26.84 30.64
CA ASP L 93 15.13 26.03 29.38
C ASP L 93 16.29 26.50 28.50
N THR L 94 17.36 25.70 28.46
CA THR L 94 18.50 26.07 27.67
C THR L 94 18.37 25.69 26.17
N LYS L 95 17.44 24.82 25.86
CA LYS L 95 17.39 24.29 24.51
C LYS L 95 16.33 24.98 23.66
N ASN L 96 15.09 25.03 24.14
CA ASN L 96 13.99 25.57 23.36
C ASN L 96 13.51 26.96 23.78
N ASN L 97 14.07 27.47 24.86
CA ASN L 97 13.70 28.79 25.35
C ASN L 97 12.20 28.97 25.52
N TRP L 98 11.54 27.92 26.04
CA TRP L 98 10.13 28.01 26.40
C TRP L 98 9.93 28.79 27.68
N ALA L 99 8.77 29.42 27.80
CA ALA L 99 8.33 30.07 29.02
C ALA L 99 7.01 29.41 29.46
N ILE L 100 7.02 28.83 30.64
CA ILE L 100 5.88 28.08 31.08
C ILE L 100 5.61 28.50 32.49
N ILE L 101 4.42 29.06 32.74
CA ILE L 101 4.07 29.38 34.14
C ILE L 101 3.44 28.16 34.82
N GLY L 102 4.04 27.72 35.92
CA GLY L 102 3.61 26.47 36.56
C GLY L 102 2.89 26.70 37.85
N ARG L 103 2.57 25.61 38.56
CA ARG L 103 1.75 25.70 39.80
C ARG L 103 2.36 26.52 40.94
N ASP L 104 3.68 26.61 40.95
CA ASP L 104 4.37 27.41 41.97
C ASP L 104 3.96 28.86 41.79
N ALA L 105 3.99 29.32 40.55
CA ALA L 105 3.56 30.68 40.27
C ALA L 105 2.03 30.78 40.39
N LEU L 106 1.30 29.79 39.88
CA LEU L 106 -0.20 29.89 39.94
C LEU L 106 -0.78 29.95 41.37
N GLN L 107 -0.15 29.19 42.27
CA GLN L 107 -0.44 29.24 43.72
C GLN L 107 -0.28 30.65 44.31
N GLN L 108 0.82 31.31 43.95
CA GLN L 108 1.07 32.69 44.43
C GLN L 108 0.04 33.71 43.94
N CYS L 109 -0.57 33.50 42.78
CA CYS L 109 -1.65 34.42 42.37
C CYS L 109 -3.04 33.81 42.58
N GLN L 110 -3.10 32.78 43.44
CA GLN L 110 -4.32 32.07 43.80
C GLN L 110 -5.12 31.59 42.59
N GLY L 111 -4.39 31.11 41.57
CA GLY L 111 -5.02 30.50 40.40
C GLY L 111 -5.75 29.21 40.73
N VAL L 112 -6.82 28.94 39.98
CA VAL L 112 -7.59 27.72 40.17
C VAL L 112 -7.99 27.18 38.82
N LEU L 113 -8.19 25.88 38.75
CA LEU L 113 -8.88 25.26 37.64
C LEU L 113 -10.34 25.10 38.06
N TYR L 114 -11.27 25.47 37.19
CA TYR L 114 -12.70 25.32 37.49
C TYR L 114 -13.33 24.43 36.43
N LEU L 115 -13.92 23.34 36.85
CA LEU L 115 -14.69 22.50 35.92
C LEU L 115 -16.13 22.46 36.42
N PRO L 116 -17.07 23.04 35.65
CA PRO L 116 -18.49 23.14 36.06
C PRO L 116 -19.14 21.81 36.46
CB1 E13 M . -6.85 -13.21 -38.15
OA1 E13 M . -7.99 -13.06 -37.30
OA2 E13 M . -6.75 -12.36 -39.42
CB2 E13 M . -8.06 -12.45 -40.21
CBF E13 M . -4.84 -15.33 -35.75
NAJ E13 M . -5.78 -14.18 -37.81
OAK E13 M . -3.86 -15.82 -36.25
CBM E13 M . -6.08 -14.93 -36.58
CBK E13 M . -6.75 -16.27 -37.02
CAQ E13 M . -8.11 -18.96 -37.86
CAT E13 M . -6.70 -18.97 -37.23
CAU E13 M . -8.83 -17.60 -38.07
CAX E13 M . -6.04 -17.64 -36.82
CAY E13 M . -8.16 -16.27 -37.65
N E13 M . -4.97 -15.16 -34.31
CA E13 M . -3.83 -15.55 -33.50
CB E13 M . -3.07 -14.25 -33.00
CAG E13 M . -2.27 -13.63 -34.16
CG1 E13 M . -4.03 -13.18 -32.46
CG2 E13 M . -2.05 -14.63 -31.90
C E13 M . -4.25 -16.51 -32.37
O E13 M . -4.86 -16.18 -31.38
CBI E13 M . -2.59 -19.62 -29.65
NBC E13 M . -3.81 -17.86 -32.58
OAN E13 M . -2.71 -20.76 -29.37
CBN E13 M . -2.55 -19.15 -31.11
CBJ E13 M . -6.22 -19.47 -32.39
CBA E13 M . -4.83 -20.05 -32.12
CAP E13 M . -9.01 -18.30 -32.89
CBO E13 M . -4.01 -18.87 -31.58
OAO E13 M . -1.84 -20.06 -31.86
CAV E13 M . -7.26 -19.49 -31.28
CAW E13 M . -6.55 -18.85 -33.75
CAR E13 M . -8.67 -18.92 -31.52
CAS E13 M . -7.95 -18.26 -34.01
CBH E13 M . -4.09 -19.54 -26.87
NBR E13 M . -2.49 -18.65 -28.58
OAM E13 M . -4.98 -18.98 -27.45
CBQ E13 M . -2.60 -19.13 -27.08
CBU E13 M . -2.17 -17.94 -26.18
CAZ E13 M . -2.34 -17.13 -28.69
CAH E13 M . -2.85 -17.90 -24.80
CAI E13 M . -0.65 -18.01 -26.00
SBE E13 M . -2.60 -16.51 -27.13
NBB E13 M . -4.39 -20.60 -25.92
CBL E13 M . -5.78 -20.95 -25.69
CBS E13 M . -6.17 -22.30 -26.33
CAB E13 M . -5.95 -22.28 -27.87
CAC E13 M . -5.34 -23.46 -25.74
CAD E13 M . -7.68 -22.48 -26.03
CB1 E13 N . -16.20 -46.67 2.55
CB1 E13 N . -5.04 -32.12 -0.80
OA1 E13 N . -16.72 -45.38 2.25
OA1 E13 N . -6.17 -32.22 0.07
OA2 E13 N . -17.03 -47.93 2.38
OA2 E13 N . -3.95 -31.10 -0.54
CB2 E13 N . -16.67 -48.92 3.48
CB2 E13 N . -4.41 -30.03 0.45
CBF E13 N . -13.22 -45.32 1.99
CBF E13 N . -5.79 -35.11 -1.08
NAJ E13 N . -14.83 -46.81 3.03
NAJ E13 N . -4.92 -33.01 -1.96
OAK E13 N . -12.44 -46.20 1.73
OAK E13 N . -4.71 -35.63 -1.10
CBM E13 N . -14.28 -45.47 3.07
CBM E13 N . -6.10 -33.86 -1.93
CBK E13 N . -13.54 -45.50 4.42
CBK E13 N . -6.24 -34.32 -3.38
CAQ E13 N . -12.08 -45.56 7.12
CAQ E13 N . -6.52 -35.28 -6.28
CAT E13 N . -11.30 -45.80 5.82
CAT E13 N . -6.15 -36.28 -5.16
CAU E13 N . -13.60 -45.28 7.07
CAU E13 N . -6.76 -33.79 -5.95
CAX E13 N . -12.03 -45.78 4.46
CAX E13 N . -6.01 -35.81 -3.71
CAY E13 N . -14.33 -45.25 5.72
CAY E13 N . -6.63 -33.30 -4.50
N E13 N . -13.18 -44.02 1.32
N E13 N . -6.84 -35.64 -0.22
CA E13 N . -12.17 -43.85 0.29
CA E13 N . -6.51 -36.82 0.55
CB E13 N . -12.93 -43.76 -1.07
CB E13 N . -6.43 -36.45 2.05
CAG E13 N . -13.40 -45.17 -1.51
CAG E13 N . -5.10 -35.71 2.29
CG1 E13 N . -14.16 -42.86 -0.89
CG1 E13 N . -7.61 -35.56 2.50
CG2 E13 N . -11.99 -43.20 -2.17
CG2 E13 N . -6.45 -37.76 2.88
C E13 N . -11.32 -42.59 0.52
C E13 N . -7.59 -37.89 0.34
O E13 N . -11.74 -41.48 0.35
O E13 N . -8.65 -37.85 0.87
CBI E13 N . -7.39 -40.53 -0.27
CBI E13 N . -8.62 -42.18 0.47
NBC E13 N . -9.96 -42.84 0.92
NBC E13 N . -7.24 -38.97 -0.55
OAN E13 N . -6.46 -40.21 0.39
OAN E13 N . -8.87 -43.09 -0.19
CBN E13 N . -8.07 -41.89 -0.09
CBN E13 N . -7.53 -41.21 0.03
CBJ E13 N . -9.48 -41.54 3.45
CBJ E13 N . -9.01 -39.08 -2.84
CBA E13 N . -8.35 -41.70 2.46
CBA E13 N . -8.35 -40.33 -2.25
CAP E13 N . -11.81 -41.22 5.33
CAP E13 N . -10.30 -36.54 -3.96
CBO E13 N . -9.05 -41.72 1.09
CBO E13 N . -8.21 -40.05 -0.75
OAO E13 N . -7.14 -42.90 0.10
OAO E13 N . -6.56 -41.84 -0.76
CAV E13 N . -9.78 -40.13 4.00
CAV E13 N . -10.55 -38.99 -2.89
CAW E13 N . -10.36 -42.76 3.77
CAW E13 N . -8.12 -37.90 -3.32
CAR E13 N . -10.93 -40.01 4.98
CAR E13 N . -11.18 -37.71 -3.47
CAS E13 N . -11.53 -42.62 4.74
CAS E13 N . -8.76 -36.63 -3.89
CBH E13 N . -7.65 -37.38 -0.25
CBH E13 N . -11.72 -42.55 1.28
NBR E13 N . -7.95 -39.63 -1.28
NBR E13 N . -9.38 -41.96 1.70
OAM E13 N . -8.66 -37.56 0.36
OAM E13 N . -11.88 -41.40 1.02
CBQ E13 N . -7.34 -38.20 -1.52
CBQ E13 N . -10.49 -42.98 2.09
CBU E13 N . -8.01 -37.54 -2.76
CBU E13 N . -10.71 -42.87 3.64
CAZ E13 N . -9.15 -39.91 -2.19
CAZ E13 N . -9.26 -40.82 2.71
CAH E13 N . -8.30 -36.04 -2.53
CAH E13 N . -12.15 -43.18 4.06
CAI E13 N . -7.13 -37.70 -4.00
CAI E13 N . -9.72 -43.86 4.29
SBE E13 N . -9.54 -38.43 -2.90
SBE E13 N . -10.29 -41.21 4.00
NBB E13 N . -6.69 -36.37 0.19
NBB E13 N . -12.63 -43.61 0.87
CBL E13 N . -6.96 -35.57 1.37
CBL E13 N . -13.86 -43.35 0.10
CBS E13 N . -6.17 -36.17 2.56
CBS E13 N . -13.64 -43.75 -1.41
CAB E13 N . -4.66 -36.12 2.25
CAB E13 N . -12.28 -43.23 -1.91
CAC E13 N . -6.53 -35.32 3.79
CAC E13 N . -13.67 -45.28 -1.60
CAD E13 N . -6.60 -37.64 2.80
CAD E13 N . -14.81 -43.15 -2.21
CB1 E13 O . 6.86 -13.80 -4.00
OA1 E13 O . 6.34 -12.66 -3.30
OA2 E13 O . 6.42 -14.06 -5.43
CB2 E13 O . 4.93 -14.41 -5.49
CBF E13 O . 9.47 -13.55 -1.92
NAJ E13 O . 7.81 -14.71 -3.33
OAK E13 O . 10.48 -14.00 -2.42
CBM E13 O . 8.11 -14.26 -1.96
CBK E13 O . 8.24 -15.48 -0.99
CAQ E13 O . 8.52 -17.86 0.97
CAT E13 O . 9.74 -17.00 0.64
CAU E13 O . 7.15 -17.52 0.34
CAX E13 O . 9.60 -15.81 -0.35
CAY E13 O . 7.01 -16.33 -0.63
N E13 O . 9.40 -12.28 -1.20
CA E13 O . 10.58 -11.49 -1.09
CB E13 O . 10.49 -10.28 -2.09
CAG E13 O . 10.75 -10.77 -3.52
CG1 E13 O . 9.13 -9.57 -1.99
CG2 E13 O . 11.62 -9.25 -1.80
C E13 O . 10.85 -11.13 0.38
O E13 O . 10.25 -10.34 1.01
CBI E13 O . 14.23 -10.24 3.17
NBC E13 O . 11.96 -11.89 0.93
OAN E13 O . 14.69 -10.68 4.15
CBN E13 O . 13.88 -11.12 1.97
CBJ E13 O . 10.65 -12.91 3.50
CBA E13 O . 12.18 -12.60 3.38
CAP E13 O . 7.70 -13.62 3.76
CBO E13 O . 12.42 -11.60 2.26
OAO E13 O . 14.78 -12.18 1.82
CAV E13 O . 9.91 -12.46 4.75
CAW E13 O . 9.97 -13.72 2.38
CAR E13 O . 8.43 -12.83 4.87
CAS E13 O . 8.48 -14.07 2.50
CBH E13 O . 13.20 -8.22 5.40
NBR E13 O . 13.91 -8.83 3.11
OAM E13 O . 12.06 -8.61 5.15
CBQ E13 O . 14.23 -7.88 4.33
CBU E13 O . 14.19 -6.39 3.77
CAZ E13 O . 13.33 -8.02 1.93
CAH E13 O . 13.82 -5.31 4.81
CAI E13 O . 15.56 -5.99 3.18
SBE E13 O . 13.02 -6.43 2.45
NBB E13 O . 13.62 -7.97 6.77
CBL E13 O . 12.63 -8.28 7.79
CBS E13 O . 12.99 -9.64 8.45
CAB E13 O . 12.96 -10.85 7.47
CAC E13 O . 14.38 -9.61 9.10
CAD E13 O . 11.94 -9.80 9.58
CB1 E13 P . -16.05 1.24 -6.02
CB1 E13 P . -5.85 16.25 -0.16
OA1 E13 P . -16.91 0.12 -5.85
OA1 E13 P . -5.25 15.08 -0.77
OA2 E13 P . -14.59 1.04 -6.35
OA2 E13 P . -5.13 17.58 -0.24
CB2 E13 P . -14.48 -0.19 -7.25
CB2 E13 P . -4.21 17.71 0.98
CBF E13 P . -15.71 4.53 -4.91
CBF E13 P . -8.86 14.71 -0.44
NAJ E13 P . -16.58 2.58 -5.88
NAJ E13 P . -7.14 16.17 0.52
OAK E13 P . -16.81 4.98 -4.67
OAK E13 P . -9.80 15.45 -0.31
CBM E13 P . -15.52 3.55 -6.08
CBM E13 P . -7.59 14.78 0.43
CBK E13 P . -15.82 4.40 -7.34
CBK E13 P . -7.96 14.37 1.88
CAQ E13 P . -16.41 6.22 -9.81
CAQ E13 P . -8.76 13.58 4.76
CAT E13 P . -16.72 6.72 -8.37
CAT E13 P . -9.84 13.94 3.74
CAU E13 P . -15.81 4.81 -9.99
CAU E13 P . -7.27 13.60 4.34
CAX E13 P . -16.43 5.81 -7.15
CAX E13 P . -9.45 14.36 2.30
CAY E13 P . -15.50 3.91 -8.77
CAY E13 P . -6.86 14.00 2.90
N E13 P . -14.53 4.93 -4.15
N E13 P . -8.89 13.68 -1.46
CA E13 P . -14.72 5.86 -3.05
CA E13 P . -10.09 13.64 -2.28
CB E13 P . -14.49 5.07 -1.72
CB E13 P . -9.66 14.01 -3.72
CAG E13 P . -15.69 4.10 -1.52
CAG E13 P . -9.63 15.56 -3.78
CG1 E13 P . -13.18 4.27 -1.75
CG1 E13 P . -8.26 13.45 -4.07
CG2 E13 P . -14.40 6.08 -0.55
CG2 E13 P . -10.69 13.45 -4.73
C E13 P . -13.80 7.11 -3.11
C E13 P . -10.76 12.25 -2.21
O E13 P . -12.62 7.07 -2.97
O E13 P . -10.31 11.30 -2.77
CBI E13 P . -13.49 11.37 -1.71
CBI E13 P . -14.48 9.94 -2.72
NBC E13 P . -14.52 8.35 -3.33
NBC E13 P . -11.96 12.17 -1.40
OAN E13 P . -13.53 12.47 -2.12
OAN E13 P . -15.28 9.28 -2.16
CBN E13 P . -14.53 10.34 -2.17
CBN E13 P . -13.96 11.25 -2.13
CBJ E13 P . -13.36 9.58 -5.73
CBJ E13 P . -11.78 10.15 0.81
CBA E13 P . -14.10 10.39 -4.68
CBA E13 P . -13.08 10.49 0.10
CAP E13 P . -11.89 7.91 -7.77
CAP E13 P . -9.14 9.52 2.18
CBO E13 P . -13.86 9.63 -3.36
CBO E13 P . -12.69 10.91 -1.32
OAO E13 P . -15.73 10.93 -2.56
OAO E13 P . -14.89 11.88 -1.29
CAV E13 P . -11.97 10.06 -6.22
CAV E13 P . -11.15 8.75 0.61
CAW E13 P . -14.00 8.28 -6.24
CAW E13 P . -11.10 11.24 1.66
CAR E13 P . -11.25 9.22 -7.28
CAR E13 P . -9.82 8.44 1.32
CAS E13 P . -13.27 7.43 -7.28
CAS E13 P . -9.76 10.92 2.35
CBH E13 P . -10.31 12.13 -1.51
CBH E13 P . -13.78 7.01 -3.72
NBR E13 P . -12.42 10.97 -0.81
NBR E13 P . -13.96 9.46 -3.99
OAM E13 P . -10.07 11.19 -2.20
OAM E13 P . -12.75 7.24 -3.18
CBQ E13 P . -11.32 12.02 -0.36
CBQ E13 P . -14.49 8.10 -4.56
CBU E13 P . -10.65 11.47 0.94
CBU E13 P . -14.13 8.02 -6.08
CAZ E13 P . -12.17 9.60 -0.20
CAZ E13 P . -12.92 10.11 -4.92
CAH E13 P . -9.18 11.88 1.03
CAH E13 P . -13.92 6.55 -6.47
CAI E13 P . -11.41 11.93 2.19
CAI E13 P . -15.29 8.60 -6.93
SBE E13 P . -10.77 9.72 0.75
SBE E13 P . -12.64 9.01 -6.18
NBB E13 P . -9.63 13.41 -1.73
NBB E13 P . -14.40 5.69 -3.59
CBL E13 P . -8.65 13.54 -2.80
CBL E13 P . -13.71 4.69 -2.79
CBS E13 P . -9.31 14.32 -3.96
CBS E13 P . -14.42 4.52 -1.42
CAB E13 P . -10.66 13.68 -4.32
CAB E13 P . -14.40 5.89 -0.69
CAC E13 P . -9.50 15.80 -3.49
CAC E13 P . -15.87 4.03 -1.70
CAD E13 P . -8.36 14.23 -5.18
CAD E13 P . -13.65 3.48 -0.58
CB1 E13 Q . 14.05 44.77 -7.48
CB1 E13 Q . 6.83 33.31 5.51
OA1 E13 Q . 14.40 43.39 -7.28
OA1 E13 Q . 8.15 33.36 4.98
OA2 E13 Q . 14.26 45.41 -8.84
OA2 E13 Q . 6.60 32.62 6.83
CB2 E13 Q . 15.68 45.93 -9.03
CB2 E13 Q . 6.13 31.18 6.59
CBF E13 Q . 11.96 44.42 -4.83
CBF E13 Q . 6.56 35.98 3.73
NAJ E13 Q . 13.50 45.54 -6.38
NAJ E13 Q . 5.73 33.92 4.74
OAK E13 Q . 11.13 45.30 -4.72
OAK E13 Q . 5.76 36.73 4.25
CBM E13 Q . 13.42 44.66 -5.21
CBM E13 Q . 6.37 34.45 3.56
CBK E13 Q . 14.03 45.45 -4.02
CBK E13 Q . 5.24 34.21 2.53
CAQ E13 Q . 15.14 47.01 -1.60
CAQ E13 Q . 2.93 33.72 0.54
CAT E13 Q . 13.62 46.84 -1.77
CAT E13 Q . 3.34 35.15 0.93
CAU E13 Q . 16.11 46.40 -2.64
CAU E13 Q . 3.67 32.53 1.18
CAX E13 Q . 13.07 46.06 -2.98
CAX E13 Q . 4.50 35.41 1.92
CAY E13 Q . 15.56 45.61 -3.84
CAY E13 Q . 4.82 32.77 2.16
N E13 Q . 11.66 43.03 -4.56
N E13 Q . 7.76 36.53 3.18
CA E13 Q . 10.31 42.64 -4.17
CA E13 Q . 7.98 37.98 3.32
CB E13 Q . 9.70 41.86 -5.38
CB E13 Q . 9.17 38.18 4.28
CAG E13 Q . 9.45 42.86 -6.54
CAG E13 Q . 8.69 38.02 5.73
CG1 E13 Q . 10.70 40.76 -5.83
CG1 E13 Q . 10.23 37.10 3.97
CG2 E13 Q . 8.36 41.22 -4.98
CG2 E13 Q . 9.82 39.60 4.07
C E13 Q . 10.31 41.77 -2.90
C E13 Q . 8.36 38.49 1.93
O E13 Q . 10.68 40.64 -2.85
O E13 Q . 9.42 38.23 1.45
CBI E13 Q . 7.63 40.69 0.44
CBI E13 Q . 8.36 42.09 -0.72
NBC E13 Q . 9.79 42.48 -1.74
NBC E13 Q . 7.37 39.27 1.23
OAN E13 Q . 7.53 40.88 1.59
OAN E13 Q . 7.81 42.54 -1.66
CBN E13 Q . 8.07 41.85 -0.44
CBN E13 Q . 7.59 41.33 0.36
CBJ E13 Q . 11.48 42.99 -0.22
CBJ E13 Q . 6.71 38.03 -1.51
CBA E13 Q . 10.21 42.78 0.60
CBA E13 Q . 6.58 39.50 -1.09
CAP E13 Q . 13.96 43.33 -1.96
CAP E13 Q . 6.92 35.08 -2.33
CBO E13 Q . 9.60 41.85 -0.45
CBO E13 Q . 7.66 39.84 -0.07
OAO E13 Q . 7.53 43.03 0.09
OAO E13 Q . 6.27 41.76 0.49
CAV E13 Q . 12.73 42.18 0.13
CAV E13 Q . 7.81 37.60 -2.51
CAW E13 Q . 11.43 43.91 -1.45
CAW E13 Q . 5.73 37.00 -0.92
CAR E13 Q . 13.98 42.37 -0.75
CAR E13 Q . 7.90 36.12 -2.92
CAS E13 Q . 12.68 44.10 -2.34
CAS E13 Q . 5.83 35.52 -1.33
CBH E13 Q . 8.13 37.75 1.53
CBH E13 Q . 10.85 41.95 -2.70
NBR E13 Q . 7.33 39.38 -0.15
NBR E13 Q . 9.79 42.21 -0.52
OAM E13 Q . 9.21 37.88 1.04
OAM E13 Q . 10.84 40.78 -2.48
CBQ E13 Q . 6.88 38.15 0.72
CBQ E13 Q . 10.73 42.94 -1.54
CBU E13 Q . 6.36 37.03 -0.23
CBU E13 Q . 12.06 43.24 -0.77
CAZ E13 Q . 7.43 39.00 -1.64
CAZ E13 Q . 10.53 41.62 0.69
CAH E13 Q . 6.63 35.62 0.31
CAH E13 Q . 13.26 43.17 -1.73
CAI E13 Q . 4.86 37.19 -0.50
CAI E13 Q . 11.97 44.60 -0.08
SBE E13 Q . 7.26 37.32 -1.73
SBE E13 Q . 12.16 41.99 0.49
NBB E13 Q . 8.03 37.25 2.89
NBB E13 Q . 10.96 42.42 -4.06
CBL E13 Q . 9.29 36.89 3.57
CBL E13 Q . 11.07 41.47 -5.19
CBS E13 Q . 9.68 37.89 4.69
CBS E13 Q . 9.78 41.52 -6.09
CAB E13 Q . 8.62 37.84 5.82
CAB E13 Q . 8.56 40.94 -5.33
CAC E13 Q . 11.06 37.42 5.21
CAC E13 Q . 9.46 42.97 -6.54
CAD E13 Q . 9.79 39.33 4.14
CAD E13 Q . 10.01 40.63 -7.34
CB1 E13 R . 9.86 17.09 38.25
OA1 E13 R . 10.62 16.35 37.27
OA2 E13 R . 10.52 17.44 39.59
CB2 E13 R . 10.56 16.20 40.48
CBF E13 R . 7.16 18.31 35.99
NAJ E13 R . 8.48 17.49 37.99
OAK E13 R . 6.44 19.11 36.55
CBM E13 R . 7.85 17.13 36.71
CBK E13 R . 6.83 15.99 36.99
CAQ E13 R . 4.82 13.69 37.56
CAT E13 R . 4.30 15.08 37.11
CAU E13 R . 6.34 13.46 37.73
CAX E13 R . 5.31 16.21 36.85
CAY E13 R . 7.33 14.60 37.45
N E13 R . 7.41 18.38 34.56
CA E13 R . 6.82 19.42 33.76
CB E13 R . 7.88 20.53 33.43
CAG E13 R . 8.14 21.34 34.73
CG1 E13 R . 9.17 19.89 32.86
CG2 E13 R . 7.33 21.51 32.36
C E13 R . 6.18 18.81 32.51
O E13 R . 6.77 18.43 31.56
CBI E13 R . 2.82 19.66 29.62
NBC E13 R . 4.75 18.85 32.56
OAN E13 R . 1.80 19.19 29.24
CBN E13 R . 3.21 19.75 31.11
CBJ E13 R . 3.94 16.10 32.16
CBA E13 R . 3.02 17.30 31.91
CAP E13 R . 5.80 13.67 32.54
CBO E13 R . 3.93 18.43 31.45
OAO E13 R . 2.07 19.94 31.87
CAV E13 R . 4.33 15.23 30.97
CAW E13 R . 4.51 15.79 33.55
CAR E13 R . 5.23 14.01 31.15
CAS E13 R . 5.42 14.56 33.73
CBH E13 R . 3.54 18.53 26.71
NBR E13 R . 3.75 20.14 28.65
OAM E13 R . 4.28 17.82 27.31
CBQ E13 R . 3.40 20.03 27.09
CBU E13 R . 4.43 20.99 26.37
CAZ E13 R . 5.12 20.77 28.92
CAH E13 R . 4.79 20.54 24.94
CAI E13 R . 3.86 22.41 26.32
SBE E13 R . 5.86 20.98 27.42
NBB E13 R . 2.79 17.97 25.61
CBL E13 R . 2.99 16.56 25.31
CBS E13 R . 1.79 15.74 25.88
CAB E13 R . 1.69 15.81 27.44
CAC E13 R . 0.50 16.29 25.25
CAD E13 R . 2.10 14.31 25.41
#